data_7JV3
#
_entry.id   7JV3
#
_cell.length_a   94.650
_cell.length_b   210.050
_cell.length_c   94.760
_cell.angle_alpha   90.000
_cell.angle_beta   119.569
_cell.angle_gamma   90.000
#
_symmetry.space_group_name_H-M   'P 1 21 1'
#
_entity_poly.entity_id   1
_entity_poly.type   'polypeptide(L)'
_entity_poly.pdbx_seq_one_letter_code
;MGSSHHHHHHSSGLVPRGSHMASMDVFWFLPTHGDGHYLGTTQGARPVTLNYLKQVAQAADSLGYHGVLIPTGRSCEDSW
VIASALVPLTERLRYLVAIRPGIISPTVSARMAATLDRLSNGRLLINVVTGGDPDENRGDGSFLSHSERYEVTDEFLKIW
RRVLQGEAVDFEGKHLKVQNAKALYPPVQKPYPPLYFGGSSDAAHDLAAEQVDVYLTWGEPPAAVAEKLADVRERAARHG
RKVKFGIRLHVIVRETAEEAWKAADKLIEHISDETIEAAQKSFSRFDSEGQRRMAALHDGRRDNLEIAPNLWAGVGLVRG
GSGTALVGDPQQVAARIKEYADLGIESFIFSGYPHLEEAYRFAELVFPLLPEPYASLAGRGVTNLTGPFGEMIANDVLPA
KANA
;
_entity_poly.pdbx_strand_id   A,B,C,D,E,F,G,H
#
# COMPACT_ATOMS: atom_id res chain seq x y z
N SER A 23 52.08 36.06 18.10
CA SER A 23 51.49 34.78 17.74
C SER A 23 51.08 33.99 18.98
N MET A 24 49.94 33.31 18.88
CA MET A 24 49.45 32.43 19.94
C MET A 24 48.36 31.53 19.37
N ASP A 25 48.50 30.22 19.61
CA ASP A 25 47.55 29.20 19.20
C ASP A 25 46.99 28.56 20.46
N VAL A 26 45.69 28.71 20.68
CA VAL A 26 45.03 28.16 21.86
C VAL A 26 44.22 26.94 21.44
N PHE A 27 44.60 25.78 21.95
CA PHE A 27 43.94 24.51 21.68
C PHE A 27 43.03 24.13 22.83
N TRP A 28 42.08 23.24 22.54
CA TRP A 28 41.31 22.57 23.59
C TRP A 28 41.61 21.08 23.57
N PHE A 29 40.78 20.25 24.18
CA PHE A 29 41.11 18.85 24.40
C PHE A 29 39.87 17.99 24.16
N LEU A 30 40.04 16.87 23.42
CA LEU A 30 38.96 15.90 23.21
C LEU A 30 39.11 14.77 24.21
N PRO A 31 38.17 14.57 25.11
CA PRO A 31 38.30 13.50 26.12
C PRO A 31 37.94 12.13 25.59
N THR A 32 38.78 11.61 24.68
CA THR A 32 38.51 10.31 24.09
C THR A 32 38.76 9.15 25.06
N HIS A 33 39.19 9.42 26.28
CA HIS A 33 39.32 8.39 27.31
C HIS A 33 38.20 8.44 28.33
N GLY A 34 37.22 9.31 28.14
CA GLY A 34 36.15 9.48 29.10
C GLY A 34 36.11 10.89 29.65
N ASP A 35 34.95 11.33 30.12
CA ASP A 35 34.79 12.65 30.67
C ASP A 35 33.97 12.57 31.96
N GLY A 36 33.88 13.70 32.65
CA GLY A 36 33.09 13.74 33.86
C GLY A 36 33.30 15.05 34.59
N HIS A 37 32.73 15.13 35.78
CA HIS A 37 32.86 16.31 36.62
C HIS A 37 33.94 16.16 37.67
N TYR A 38 34.19 14.94 38.14
CA TYR A 38 35.11 14.70 39.24
C TYR A 38 36.04 13.54 38.92
N LEU A 39 37.22 13.57 39.52
CA LEU A 39 38.20 12.50 39.37
C LEU A 39 38.05 11.49 40.48
N GLY A 40 38.36 10.23 40.16
CA GLY A 40 38.31 9.17 41.14
C GLY A 40 36.94 8.64 41.48
N THR A 41 35.94 8.89 40.63
CA THR A 41 34.59 8.43 40.88
C THR A 41 33.85 8.32 39.56
N THR A 42 32.86 7.44 39.51
CA THR A 42 31.98 7.32 38.36
C THR A 42 30.78 8.26 38.44
N GLN A 43 30.64 9.00 39.54
CA GLN A 43 29.53 9.94 39.67
C GLN A 43 29.72 11.08 38.70
N GLY A 44 28.68 11.37 37.91
CA GLY A 44 28.76 12.43 36.93
C GLY A 44 29.66 12.14 35.76
N ALA A 45 29.85 10.86 35.42
CA ALA A 45 30.74 10.48 34.33
C ALA A 45 30.01 10.58 32.99
N ARG A 46 30.76 10.98 31.97
CA ARG A 46 30.24 11.05 30.60
C ARG A 46 31.02 10.11 29.69
N PRO A 47 30.41 9.03 29.20
CA PRO A 47 31.13 8.10 28.34
C PRO A 47 31.39 8.67 26.95
N VAL A 48 32.44 8.14 26.32
CA VAL A 48 32.84 8.59 24.99
C VAL A 48 31.84 8.06 23.97
N THR A 49 31.05 8.96 23.40
CA THR A 49 30.13 8.61 22.32
C THR A 49 30.36 9.56 21.15
N LEU A 50 29.95 9.13 19.96
CA LEU A 50 30.05 10.00 18.79
C LEU A 50 29.33 11.31 19.01
N ASN A 51 28.13 11.27 19.62
CA ASN A 51 27.37 12.50 19.85
C ASN A 51 28.10 13.46 20.78
N TYR A 52 28.63 12.95 21.90
CA TYR A 52 29.31 13.85 22.83
C TYR A 52 30.64 14.33 22.30
N LEU A 53 31.33 13.50 21.50
CA LEU A 53 32.56 13.97 20.87
C LEU A 53 32.27 15.08 19.88
N LYS A 54 31.18 14.95 19.12
CA LYS A 54 30.74 16.02 18.23
C LYS A 54 30.44 17.29 19.00
N GLN A 55 29.82 17.16 20.19
CA GLN A 55 29.50 18.33 21.01
C GLN A 55 30.75 19.12 21.35
N VAL A 56 31.78 18.43 21.86
CA VAL A 56 33.00 19.11 22.26
C VAL A 56 33.74 19.66 21.05
N ALA A 57 33.86 18.86 19.98
CA ALA A 57 34.60 19.29 18.81
C ALA A 57 33.94 20.49 18.15
N GLN A 58 32.62 20.42 17.93
CA GLN A 58 31.91 21.55 17.34
C GLN A 58 31.88 22.75 18.27
N ALA A 59 31.95 22.52 19.59
CA ALA A 59 32.07 23.64 20.53
C ALA A 59 33.38 24.39 20.31
N ALA A 60 34.49 23.64 20.28
CA ALA A 60 35.80 24.27 20.05
C ALA A 60 35.86 24.92 18.68
N ASP A 61 35.20 24.32 17.68
CA ASP A 61 35.18 24.90 16.34
C ASP A 61 34.51 26.27 16.33
N SER A 62 33.30 26.36 16.88
CA SER A 62 32.56 27.62 16.78
C SER A 62 33.11 28.69 17.71
N LEU A 63 33.72 28.28 18.83
CA LEU A 63 34.26 29.26 19.78
C LEU A 63 35.56 29.90 19.30
N GLY A 64 36.23 29.31 18.31
CA GLY A 64 37.43 29.89 17.74
C GLY A 64 38.75 29.32 18.21
N TYR A 65 38.75 28.17 18.89
CA TYR A 65 40.01 27.53 19.25
C TYR A 65 40.77 27.17 18.00
N HIS A 66 42.10 27.27 18.08
CA HIS A 66 42.94 26.96 16.93
C HIS A 66 42.81 25.49 16.54
N GLY A 67 42.81 24.60 17.53
CA GLY A 67 42.66 23.19 17.27
C GLY A 67 42.29 22.44 18.53
N VAL A 68 42.36 21.11 18.43
CA VAL A 68 42.02 20.25 19.55
C VAL A 68 43.01 19.09 19.59
N LEU A 69 43.43 18.73 20.81
CA LEU A 69 44.37 17.63 21.01
C LEU A 69 43.60 16.36 21.35
N ILE A 70 43.98 15.27 20.71
CA ILE A 70 43.36 13.96 20.91
C ILE A 70 44.39 13.05 21.57
N PRO A 71 44.16 12.58 22.80
CA PRO A 71 45.11 11.67 23.42
C PRO A 71 45.05 10.31 22.75
N THR A 72 46.08 9.51 23.02
CA THR A 72 46.17 8.16 22.48
C THR A 72 46.55 7.20 23.58
N GLY A 73 46.44 5.91 23.30
CA GLY A 73 46.79 4.88 24.26
C GLY A 73 45.70 3.84 24.40
N ARG A 74 46.01 2.82 25.21
CA ARG A 74 45.09 1.71 25.42
C ARG A 74 43.80 2.14 26.11
N SER A 75 43.84 3.22 26.87
CA SER A 75 42.66 3.69 27.58
C SER A 75 41.79 4.62 26.75
N CYS A 76 42.15 4.85 25.47
CA CYS A 76 41.40 5.73 24.60
C CYS A 76 40.81 4.95 23.43
N GLU A 77 39.75 5.51 22.87
CA GLU A 77 39.30 5.12 21.54
C GLU A 77 40.32 5.60 20.51
N ASP A 78 40.29 4.99 19.33
CA ASP A 78 41.34 5.24 18.35
C ASP A 78 41.32 6.69 17.87
N SER A 79 42.49 7.34 17.90
CA SER A 79 42.58 8.76 17.56
C SER A 79 42.28 9.00 16.10
N TRP A 80 42.78 8.14 15.21
CA TRP A 80 42.62 8.37 13.79
C TRP A 80 41.17 8.16 13.35
N VAL A 81 40.50 7.17 13.93
CA VAL A 81 39.08 6.97 13.63
C VAL A 81 38.28 8.19 14.07
N ILE A 82 38.57 8.70 15.27
CA ILE A 82 37.79 9.80 15.82
C ILE A 82 38.09 11.10 15.07
N ALA A 83 39.37 11.37 14.82
CA ALA A 83 39.73 12.59 14.08
C ALA A 83 39.11 12.59 12.69
N SER A 84 39.11 11.44 12.03
CA SER A 84 38.53 11.35 10.69
C SER A 84 37.02 11.51 10.73
N ALA A 85 36.36 11.04 11.80
CA ALA A 85 34.92 11.15 11.90
C ALA A 85 34.47 12.58 12.14
N LEU A 86 35.28 13.38 12.81
CA LEU A 86 34.90 14.76 13.14
C LEU A 86 35.31 15.77 12.09
N VAL A 87 36.25 15.42 11.21
CA VAL A 87 36.72 16.36 10.20
C VAL A 87 35.59 16.90 9.32
N PRO A 88 34.76 16.07 8.68
CA PRO A 88 33.70 16.62 7.83
C PRO A 88 32.56 17.29 8.59
N LEU A 89 32.57 17.25 9.93
CA LEU A 89 31.55 17.89 10.75
C LEU A 89 32.04 19.21 11.35
N THR A 90 33.23 19.67 10.97
CA THR A 90 33.81 20.89 11.48
C THR A 90 34.40 21.68 10.32
N GLU A 91 34.54 23.00 10.53
CA GLU A 91 34.94 23.93 9.47
C GLU A 91 36.41 24.34 9.56
N ARG A 92 36.81 24.98 10.65
CA ARG A 92 38.17 25.49 10.78
C ARG A 92 39.03 24.78 11.82
N LEU A 93 38.43 24.05 12.75
CA LEU A 93 39.17 23.46 13.86
C LEU A 93 40.20 22.46 13.34
N ARG A 94 41.41 22.55 13.86
CA ARG A 94 42.46 21.60 13.52
C ARG A 94 42.49 20.46 14.53
N TYR A 95 43.07 19.34 14.12
CA TYR A 95 43.12 18.15 14.96
C TYR A 95 44.56 17.75 15.15
N LEU A 96 45.02 17.75 16.39
CA LEU A 96 46.38 17.35 16.75
C LEU A 96 46.33 15.86 17.08
N VAL A 97 46.69 15.03 16.10
CA VAL A 97 46.52 13.58 16.18
C VAL A 97 47.85 12.93 16.47
N ALA A 98 47.83 11.90 17.32
CA ALA A 98 49.03 11.21 17.72
C ALA A 98 49.37 10.08 16.75
N ILE A 99 50.65 9.97 16.42
CA ILE A 99 51.18 8.79 15.74
C ILE A 99 52.10 8.08 16.71
N ARG A 100 52.07 6.76 16.68
CA ARG A 100 52.90 5.97 17.58
C ARG A 100 53.90 5.14 16.79
N PRO A 101 55.14 5.60 16.64
CA PRO A 101 56.16 4.78 15.97
C PRO A 101 56.39 3.50 16.75
N GLY A 102 56.69 2.43 16.01
CA GLY A 102 56.93 1.14 16.60
C GLY A 102 55.76 0.19 16.55
N ILE A 103 54.55 0.69 16.27
CA ILE A 103 53.38 -0.15 16.15
C ILE A 103 52.72 -0.07 14.78
N ILE A 104 53.28 0.71 13.86
CA ILE A 104 52.73 0.84 12.52
C ILE A 104 53.85 1.14 11.54
N SER A 105 53.67 0.71 10.29
CA SER A 105 54.65 1.03 9.25
C SER A 105 54.72 2.54 9.05
N PRO A 106 55.91 3.10 8.86
CA PRO A 106 55.99 4.54 8.60
C PRO A 106 55.28 4.94 7.32
N THR A 107 55.37 4.08 6.29
CA THR A 107 54.74 4.38 5.01
C THR A 107 53.23 4.44 5.15
N VAL A 108 52.65 3.47 5.86
CA VAL A 108 51.19 3.44 6.05
C VAL A 108 50.75 4.65 6.87
N SER A 109 51.52 4.99 7.91
CA SER A 109 51.19 6.16 8.71
C SER A 109 51.19 7.43 7.86
N ALA A 110 52.14 7.53 6.93
CA ALA A 110 52.20 8.70 6.05
C ALA A 110 51.00 8.76 5.12
N ARG A 111 50.56 7.62 4.60
CA ARG A 111 49.39 7.61 3.74
C ARG A 111 48.13 7.98 4.52
N MET A 112 48.02 7.54 5.78
CA MET A 112 46.91 7.95 6.62
C MET A 112 46.93 9.46 6.85
N ALA A 113 48.11 10.00 7.17
CA ALA A 113 48.24 11.44 7.40
C ALA A 113 47.88 12.23 6.16
N ALA A 114 48.35 11.80 4.98
CA ALA A 114 48.06 12.52 3.75
C ALA A 114 46.56 12.53 3.45
N THR A 115 45.89 11.38 3.62
CA THR A 115 44.47 11.29 3.33
C THR A 115 43.65 12.20 4.25
N LEU A 116 43.93 12.13 5.55
CA LEU A 116 43.19 12.96 6.50
C LEU A 116 43.49 14.44 6.29
N ASP A 117 44.75 14.78 5.96
CA ASP A 117 45.08 16.17 5.67
C ASP A 117 44.40 16.66 4.40
N ARG A 118 44.21 15.77 3.43
CA ARG A 118 43.53 16.16 2.20
C ARG A 118 42.03 16.33 2.42
N LEU A 119 41.39 15.39 3.13
CA LEU A 119 39.96 15.54 3.42
C LEU A 119 39.70 16.77 4.29
N SER A 120 40.60 17.10 5.19
CA SER A 120 40.40 18.23 6.10
C SER A 120 40.80 19.56 5.48
N ASN A 121 41.34 19.54 4.26
CA ASN A 121 41.82 20.75 3.59
C ASN A 121 42.93 21.42 4.40
N GLY A 122 43.86 20.61 4.90
CA GLY A 122 45.03 21.13 5.59
C GLY A 122 44.85 21.46 7.05
N ARG A 123 44.05 20.67 7.77
CA ARG A 123 43.76 20.93 9.18
C ARG A 123 44.36 19.88 10.11
N LEU A 124 45.30 19.07 9.64
CA LEU A 124 45.88 17.99 10.42
C LEU A 124 47.19 18.41 11.06
N LEU A 125 47.35 18.11 12.34
CA LEU A 125 48.61 18.29 13.06
C LEU A 125 48.99 16.97 13.71
N ILE A 126 50.28 16.64 13.67
CA ILE A 126 50.78 15.35 14.11
C ILE A 126 51.49 15.50 15.44
N ASN A 127 51.13 14.64 16.40
CA ASN A 127 51.79 14.58 17.70
C ASN A 127 52.58 13.28 17.76
N VAL A 128 53.90 13.39 17.88
CA VAL A 128 54.78 12.22 17.89
C VAL A 128 54.84 11.67 19.32
N VAL A 129 54.31 10.47 19.52
CA VAL A 129 54.20 9.85 20.84
C VAL A 129 55.06 8.60 20.86
N THR A 130 56.06 8.57 21.76
CA THR A 130 56.99 7.44 21.82
C THR A 130 56.45 6.27 22.64
N GLY A 131 55.59 6.53 23.62
CA GLY A 131 55.00 5.43 24.37
C GLY A 131 55.81 5.06 25.60
N GLY A 132 55.35 5.44 26.78
CA GLY A 132 56.11 5.22 27.99
C GLY A 132 55.82 3.92 28.71
N ASP A 133 54.55 3.55 28.78
CA ASP A 133 54.12 2.39 29.57
C ASP A 133 54.64 1.08 28.98
N PRO A 134 55.53 0.36 29.65
CA PRO A 134 56.03 -0.88 29.07
C PRO A 134 54.98 -1.98 28.98
N ASP A 135 54.06 -2.06 29.95
CA ASP A 135 52.99 -3.05 29.87
C ASP A 135 52.11 -2.78 28.66
N GLU A 136 51.82 -1.51 28.39
CA GLU A 136 51.02 -1.19 27.22
C GLU A 136 51.78 -1.45 25.92
N ASN A 137 53.10 -1.20 25.93
CA ASN A 137 53.90 -1.46 24.74
C ASN A 137 54.00 -2.95 24.46
N ARG A 138 54.17 -3.78 25.50
CA ARG A 138 54.20 -5.22 25.29
C ARG A 138 52.84 -5.74 24.84
N GLY A 139 51.76 -5.13 25.32
CA GLY A 139 50.44 -5.54 24.86
C GLY A 139 50.22 -5.26 23.39
N ASP A 140 50.94 -4.28 22.84
CA ASP A 140 50.87 -3.96 21.42
C ASP A 140 51.91 -4.73 20.61
N GLY A 141 52.76 -5.51 21.27
CA GLY A 141 53.78 -6.28 20.60
C GLY A 141 55.16 -5.64 20.55
N SER A 142 55.38 -4.56 21.30
CA SER A 142 56.66 -3.84 21.27
C SER A 142 57.44 -4.16 22.54
N PHE A 143 58.64 -4.72 22.37
CA PHE A 143 59.53 -5.09 23.47
C PHE A 143 60.84 -4.36 23.25
N LEU A 144 60.87 -3.09 23.64
CA LEU A 144 62.01 -2.22 23.39
C LEU A 144 62.36 -1.46 24.65
N SER A 145 63.66 -1.24 24.85
CA SER A 145 64.10 -0.42 25.97
C SER A 145 63.82 1.05 25.69
N HIS A 146 64.09 1.88 26.70
CA HIS A 146 63.88 3.32 26.57
C HIS A 146 64.73 3.89 25.45
N SER A 147 66.00 3.47 25.36
CA SER A 147 66.87 3.96 24.30
C SER A 147 66.40 3.47 22.94
N GLU A 148 65.91 2.23 22.86
CA GLU A 148 65.47 1.70 21.57
C GLU A 148 64.20 2.39 21.07
N ARG A 149 63.32 2.83 21.97
CA ARG A 149 62.10 3.48 21.53
C ARG A 149 62.39 4.78 20.79
N TYR A 150 63.35 5.56 21.26
CA TYR A 150 63.69 6.80 20.57
C TYR A 150 64.49 6.54 19.29
N GLU A 151 65.23 5.44 19.24
CA GLU A 151 65.88 5.05 17.98
C GLU A 151 64.83 4.72 16.92
N VAL A 152 63.74 4.06 17.30
CA VAL A 152 62.68 3.75 16.35
C VAL A 152 61.99 5.02 15.89
N THR A 153 61.70 5.94 16.82
CA THR A 153 61.04 7.19 16.46
C THR A 153 61.90 8.00 15.51
N ASP A 154 63.22 8.02 15.75
CA ASP A 154 64.13 8.76 14.87
C ASP A 154 64.07 8.21 13.46
N GLU A 155 64.15 6.89 13.31
CA GLU A 155 64.08 6.27 11.99
C GLU A 155 62.67 6.39 11.41
N PHE A 156 61.64 6.33 12.25
CA PHE A 156 60.27 6.45 11.76
C PHE A 156 60.03 7.81 11.13
N LEU A 157 60.40 8.88 11.84
CA LEU A 157 60.15 10.23 11.33
C LEU A 157 60.95 10.50 10.05
N LYS A 158 62.15 9.94 9.93
CA LYS A 158 62.94 10.17 8.72
C LYS A 158 62.25 9.58 7.49
N ILE A 159 61.73 8.36 7.60
CA ILE A 159 60.98 7.77 6.48
C ILE A 159 59.70 8.54 6.24
N TRP A 160 58.98 8.86 7.32
CA TRP A 160 57.68 9.51 7.24
C TRP A 160 57.80 10.89 6.57
N ARG A 161 58.75 11.71 7.02
CA ARG A 161 58.90 13.05 6.47
C ARG A 161 59.29 13.01 5.00
N ARG A 162 60.23 12.13 4.65
CA ARG A 162 60.72 12.08 3.27
C ARG A 162 59.66 11.50 2.32
N VAL A 163 58.91 10.51 2.78
CA VAL A 163 57.86 9.91 1.96
C VAL A 163 56.79 10.94 1.62
N LEU A 164 56.40 11.76 2.60
CA LEU A 164 55.35 12.76 2.39
C LEU A 164 55.78 13.91 1.49
N GLN A 165 57.07 14.02 1.16
CA GLN A 165 57.55 15.08 0.27
C GLN A 165 57.72 14.59 -1.16
N GLY A 166 57.19 13.43 -1.49
CA GLY A 166 57.25 12.92 -2.85
C GLY A 166 58.45 12.05 -3.16
N GLU A 167 59.26 11.73 -2.16
CA GLU A 167 60.48 10.96 -2.38
C GLU A 167 60.19 9.47 -2.27
N ALA A 168 60.73 8.70 -3.21
CA ALA A 168 60.74 7.24 -3.13
C ALA A 168 61.87 6.81 -2.21
N VAL A 169 61.53 6.41 -0.97
CA VAL A 169 62.51 6.24 0.10
C VAL A 169 63.05 4.82 0.11
N ASP A 170 64.38 4.70 0.11
CA ASP A 170 65.08 3.46 0.45
C ASP A 170 65.78 3.70 1.78
N PHE A 171 65.38 2.93 2.80
CA PHE A 171 65.89 3.13 4.15
C PHE A 171 66.16 1.78 4.78
N GLU A 172 67.35 1.62 5.35
CA GLU A 172 67.70 0.40 6.08
C GLU A 172 68.44 0.84 7.34
N GLY A 173 67.73 0.91 8.46
CA GLY A 173 68.29 1.32 9.72
C GLY A 173 68.44 0.19 10.70
N LYS A 174 68.64 0.54 11.96
CA LYS A 174 68.75 -0.48 13.00
C LYS A 174 67.43 -1.18 13.27
N HIS A 175 66.30 -0.45 13.15
CA HIS A 175 64.98 -0.98 13.47
C HIS A 175 64.04 -1.07 12.28
N LEU A 176 64.10 -0.14 11.33
CA LEU A 176 63.17 -0.10 10.22
C LEU A 176 63.90 -0.30 8.90
N LYS A 177 63.21 -0.92 7.94
CA LYS A 177 63.76 -1.18 6.62
C LYS A 177 62.64 -1.11 5.60
N VAL A 178 62.77 -0.21 4.63
CA VAL A 178 61.81 -0.07 3.55
C VAL A 178 62.57 0.04 2.23
N GLN A 179 61.96 -0.44 1.16
CA GLN A 179 62.53 -0.37 -0.18
C GLN A 179 61.47 0.14 -1.13
N ASN A 180 61.69 1.31 -1.72
CA ASN A 180 60.77 1.92 -2.67
C ASN A 180 59.44 2.29 -1.99
N ALA A 181 59.55 2.96 -0.84
CA ALA A 181 58.39 3.45 -0.12
C ALA A 181 57.88 4.73 -0.77
N LYS A 182 56.60 4.76 -1.12
CA LYS A 182 56.00 5.89 -1.81
C LYS A 182 54.63 6.18 -1.22
N ALA A 183 54.30 7.46 -1.10
CA ALA A 183 52.94 7.91 -0.78
C ALA A 183 52.43 8.70 -1.99
N LEU A 184 51.52 8.10 -2.75
CA LEU A 184 51.18 8.67 -4.06
C LEU A 184 50.32 9.93 -3.96
N TYR A 185 49.64 10.15 -2.85
CA TYR A 185 48.75 11.30 -2.72
C TYR A 185 49.39 12.35 -1.84
N PRO A 186 49.72 13.53 -2.38
CA PRO A 186 50.49 14.52 -1.62
C PRO A 186 49.63 15.20 -0.57
N PRO A 187 50.23 15.64 0.53
CA PRO A 187 49.47 16.36 1.56
C PRO A 187 49.16 17.78 1.12
N VAL A 188 48.23 18.41 1.85
CA VAL A 188 47.88 19.80 1.59
C VAL A 188 48.92 20.73 2.21
N GLN A 189 49.26 20.52 3.48
CA GLN A 189 50.28 21.32 4.14
C GLN A 189 51.67 20.87 3.69
N LYS A 190 52.51 21.83 3.30
CA LYS A 190 53.84 21.54 2.80
C LYS A 190 54.88 21.98 3.83
N PRO A 191 55.97 21.21 4.02
CA PRO A 191 56.34 19.96 3.34
C PRO A 191 55.55 18.75 3.82
N TYR A 192 55.01 18.86 5.03
CA TYR A 192 54.19 17.82 5.65
C TYR A 192 53.44 18.46 6.80
N PRO A 193 52.40 17.80 7.32
CA PRO A 193 51.69 18.32 8.49
C PRO A 193 52.65 18.53 9.65
N PRO A 194 52.53 19.66 10.35
CA PRO A 194 53.51 19.99 11.41
C PRO A 194 53.61 18.93 12.48
N LEU A 195 54.85 18.72 12.95
CA LEU A 195 55.17 17.69 13.93
C LEU A 195 55.29 18.32 15.32
N TYR A 196 54.45 17.87 16.25
CA TYR A 196 54.54 18.27 17.64
C TYR A 196 55.13 17.12 18.45
N PHE A 197 55.94 17.46 19.45
CA PHE A 197 56.66 16.45 20.22
C PHE A 197 56.93 16.93 21.63
N GLY A 198 56.69 16.03 22.59
CA GLY A 198 56.99 16.30 23.98
C GLY A 198 57.93 15.23 24.55
N GLY A 199 58.57 15.54 25.68
CA GLY A 199 59.51 14.62 26.29
C GLY A 199 60.71 15.33 26.87
N SER A 200 61.11 14.97 28.08
CA SER A 200 62.18 15.67 28.79
C SER A 200 63.50 14.91 28.80
N SER A 201 63.53 13.71 28.21
CA SER A 201 64.75 12.92 28.19
C SER A 201 65.83 13.61 27.35
N ASP A 202 67.08 13.20 27.58
CA ASP A 202 68.18 13.71 26.78
C ASP A 202 68.02 13.30 25.32
N ALA A 203 67.67 12.03 25.09
CA ALA A 203 67.43 11.57 23.72
C ALA A 203 66.22 12.25 23.11
N ALA A 204 65.21 12.57 23.93
CA ALA A 204 64.03 13.25 23.41
C ALA A 204 64.36 14.66 22.94
N HIS A 205 65.18 15.39 23.70
CA HIS A 205 65.54 16.75 23.30
C HIS A 205 66.38 16.78 22.04
N ASP A 206 67.26 15.78 21.87
CA ASP A 206 68.01 15.67 20.61
C ASP A 206 67.07 15.39 19.44
N LEU A 207 66.05 14.55 19.65
CA LEU A 207 65.11 14.23 18.60
C LEU A 207 64.27 15.45 18.23
N ALA A 208 63.83 16.20 19.23
CA ALA A 208 63.04 17.41 18.95
C ALA A 208 63.88 18.44 18.20
N ALA A 209 65.11 18.64 18.61
CA ALA A 209 65.96 19.66 18.00
C ALA A 209 66.30 19.35 16.55
N GLU A 210 66.17 18.09 16.12
CA GLU A 210 66.59 17.70 14.79
C GLU A 210 65.45 17.54 13.80
N GLN A 211 64.26 17.11 14.26
CA GLN A 211 63.20 16.71 13.33
C GLN A 211 61.87 17.42 13.52
N VAL A 212 61.49 17.79 14.75
CA VAL A 212 60.12 18.27 14.99
C VAL A 212 60.00 19.78 14.79
N ASP A 213 58.76 20.27 14.75
CA ASP A 213 58.46 21.68 14.52
C ASP A 213 58.07 22.43 15.78
N VAL A 214 57.36 21.77 16.71
CA VAL A 214 56.92 22.37 17.95
C VAL A 214 57.29 21.41 19.08
N TYR A 215 58.01 21.92 20.07
CA TYR A 215 58.37 21.15 21.25
C TYR A 215 57.37 21.42 22.35
N LEU A 216 56.88 20.37 22.98
CA LEU A 216 55.87 20.47 24.03
C LEU A 216 56.46 20.13 25.38
N THR A 217 55.92 20.77 26.42
CA THR A 217 56.31 20.49 27.80
C THR A 217 55.08 20.61 28.69
N TRP A 218 55.10 19.90 29.81
CA TRP A 218 54.01 20.00 30.77
C TRP A 218 54.12 21.30 31.55
N GLY A 219 53.08 21.58 32.33
CA GLY A 219 53.00 22.80 33.10
C GLY A 219 53.88 22.82 34.32
N GLU A 220 55.06 23.41 34.20
CA GLU A 220 56.00 23.56 35.30
C GLU A 220 56.13 25.04 35.65
N PRO A 221 56.73 25.36 36.80
CA PRO A 221 56.97 26.76 37.12
C PRO A 221 57.78 27.44 36.03
N PRO A 222 57.58 28.76 35.84
CA PRO A 222 58.23 29.45 34.71
C PRO A 222 59.75 29.26 34.65
N ALA A 223 60.42 29.23 35.81
CA ALA A 223 61.86 29.05 35.81
C ALA A 223 62.27 27.68 35.29
N ALA A 224 61.54 26.62 35.69
CA ALA A 224 61.87 25.27 35.23
C ALA A 224 61.57 25.10 33.75
N VAL A 225 60.52 25.77 33.25
CA VAL A 225 60.19 25.69 31.83
C VAL A 225 61.27 26.37 30.99
N ALA A 226 61.77 27.52 31.45
CA ALA A 226 62.81 28.23 30.72
C ALA A 226 64.08 27.39 30.61
N GLU A 227 64.32 26.52 31.61
CA GLU A 227 65.49 25.65 31.57
C GLU A 227 65.34 24.63 30.46
N LYS A 228 64.14 24.06 30.32
CA LYS A 228 63.88 23.08 29.28
C LYS A 228 63.95 23.73 27.90
N LEU A 229 63.35 24.92 27.76
CA LEU A 229 63.30 25.60 26.47
C LEU A 229 64.68 25.97 25.98
N ALA A 230 65.53 26.51 26.86
CA ALA A 230 66.87 26.92 26.46
C ALA A 230 67.71 25.73 26.00
N ASP A 231 67.50 24.56 26.59
CA ASP A 231 68.24 23.37 26.15
C ASP A 231 67.87 23.00 24.72
N VAL A 232 66.58 22.86 24.45
CA VAL A 232 66.12 22.51 23.10
C VAL A 232 66.52 23.59 22.10
N ARG A 233 66.43 24.86 22.50
CA ARG A 233 66.79 25.97 21.61
C ARG A 233 68.25 25.86 21.18
N GLU A 234 69.13 25.48 22.11
CA GLU A 234 70.55 25.37 21.81
C GLU A 234 70.86 24.16 20.96
N ARG A 235 70.20 23.02 21.23
CA ARG A 235 70.45 21.83 20.44
C ARG A 235 69.95 22.02 19.01
N ALA A 236 68.84 22.74 18.84
CA ALA A 236 68.33 23.00 17.50
C ALA A 236 69.23 23.95 16.74
N ALA A 237 69.90 24.87 17.44
CA ALA A 237 70.84 25.77 16.79
C ALA A 237 72.05 25.04 16.24
N ARG A 238 72.46 23.94 16.87
CA ARG A 238 73.57 23.15 16.36
C ARG A 238 73.21 22.45 15.06
N HIS A 239 71.93 22.27 14.77
CA HIS A 239 71.47 21.72 13.49
C HIS A 239 70.98 22.81 12.55
N GLY A 240 71.15 24.08 12.90
CA GLY A 240 70.68 25.15 12.04
C GLY A 240 69.17 25.23 11.94
N ARG A 241 68.46 24.95 13.02
CA ARG A 241 67.01 24.97 12.99
C ARG A 241 66.51 25.85 14.13
N LYS A 242 65.26 26.28 14.00
CA LYS A 242 64.55 26.94 15.08
C LYS A 242 63.19 26.25 15.24
N VAL A 243 62.82 25.97 16.47
CA VAL A 243 61.55 25.32 16.77
C VAL A 243 60.66 26.24 17.60
N LYS A 244 59.37 26.15 17.36
CA LYS A 244 58.40 26.84 18.21
C LYS A 244 58.15 26.01 19.47
N PHE A 245 57.53 26.64 20.47
CA PHE A 245 57.33 26.00 21.76
C PHE A 245 55.87 26.07 22.19
N GLY A 246 55.41 25.00 22.85
CA GLY A 246 54.06 24.97 23.35
C GLY A 246 54.03 24.35 24.75
N ILE A 247 52.94 24.62 25.46
CA ILE A 247 52.79 24.15 26.83
C ILE A 247 51.41 23.54 27.00
N ARG A 248 51.34 22.50 27.83
CA ARG A 248 50.12 21.77 28.13
C ARG A 248 49.67 22.08 29.55
N LEU A 249 48.43 22.53 29.71
CA LEU A 249 47.94 22.95 31.01
C LEU A 249 46.47 22.63 31.15
N HIS A 250 46.10 21.97 32.24
CA HIS A 250 44.70 21.96 32.65
C HIS A 250 44.35 23.33 33.21
N VAL A 251 43.07 23.66 33.22
CA VAL A 251 42.66 24.99 33.65
C VAL A 251 41.34 24.94 34.40
N ILE A 252 41.33 25.53 35.58
CA ILE A 252 40.12 25.69 36.40
C ILE A 252 40.02 27.18 36.65
N VAL A 253 39.28 27.89 35.79
CA VAL A 253 39.15 29.33 35.85
C VAL A 253 37.69 29.67 36.17
N ARG A 254 37.50 30.53 37.16
CA ARG A 254 36.16 30.97 37.57
C ARG A 254 36.15 32.49 37.62
N GLU A 255 34.96 33.04 37.92
CA GLU A 255 34.80 34.50 37.95
C GLU A 255 35.61 35.11 39.09
N THR A 256 35.67 34.43 40.23
CA THR A 256 36.46 34.87 41.37
C THR A 256 37.46 33.78 41.73
N ALA A 257 38.52 34.17 42.43
CA ALA A 257 39.54 33.21 42.83
C ALA A 257 39.00 32.18 43.82
N GLU A 258 38.02 32.57 44.63
CA GLU A 258 37.50 31.64 45.63
C GLU A 258 36.75 30.49 44.98
N GLU A 259 35.92 30.78 43.97
CA GLU A 259 35.18 29.72 43.30
C GLU A 259 36.13 28.76 42.59
N ALA A 260 37.26 29.26 42.10
CA ALA A 260 38.19 28.42 41.37
C ALA A 260 38.86 27.40 42.28
N TRP A 261 39.30 27.84 43.46
CA TRP A 261 39.94 26.91 44.39
C TRP A 261 38.94 25.94 45.00
N LYS A 262 37.69 26.39 45.20
CA LYS A 262 36.65 25.49 45.69
C LYS A 262 36.37 24.38 44.69
N ALA A 263 36.40 24.70 43.39
CA ALA A 263 36.22 23.68 42.36
C ALA A 263 37.42 22.75 42.28
N ALA A 264 38.64 23.25 42.53
CA ALA A 264 39.81 22.39 42.51
C ALA A 264 39.76 21.38 43.66
N ASP A 265 39.32 21.80 44.84
CA ASP A 265 39.14 20.86 45.93
C ASP A 265 38.03 19.87 45.58
N LYS A 266 36.94 20.36 44.97
CA LYS A 266 35.82 19.51 44.60
C LYS A 266 36.20 18.52 43.50
N LEU A 267 37.20 18.86 42.69
CA LEU A 267 37.61 17.97 41.61
C LEU A 267 38.30 16.70 42.13
N ILE A 268 39.04 16.81 43.23
CA ILE A 268 39.81 15.69 43.76
C ILE A 268 39.28 15.19 45.10
N GLU A 269 38.01 15.42 45.39
CA GLU A 269 37.45 14.99 46.68
C GLU A 269 37.55 13.48 46.85
N HIS A 270 37.17 12.73 45.83
CA HIS A 270 37.13 11.27 45.92
C HIS A 270 38.44 10.63 45.48
N LEU A 305 50.28 21.80 47.66
CA LEU A 305 49.78 21.40 46.34
C LEU A 305 49.89 22.51 45.31
N GLU A 306 49.97 23.75 45.78
CA GLU A 306 50.15 24.91 44.90
C GLU A 306 51.66 25.11 44.77
N ILE A 307 52.24 24.50 43.74
CA ILE A 307 53.69 24.49 43.58
C ILE A 307 54.25 25.80 43.05
N ALA A 308 53.39 26.70 42.60
CA ALA A 308 53.80 28.01 42.08
C ALA A 308 52.58 28.90 42.06
N PRO A 309 52.77 30.23 42.02
CA PRO A 309 51.61 31.14 41.96
C PRO A 309 50.58 30.74 40.91
N ASN A 310 49.42 30.27 41.37
CA ASN A 310 48.29 29.83 40.54
C ASN A 310 48.59 28.59 39.71
N LEU A 311 49.61 27.81 40.09
CA LEU A 311 49.96 26.58 39.40
C LEU A 311 49.70 25.41 40.33
N TRP A 312 48.63 24.66 40.05
CA TRP A 312 48.13 23.62 40.94
C TRP A 312 48.43 22.26 40.32
N ALA A 313 49.06 21.38 41.11
CA ALA A 313 49.47 20.06 40.64
C ALA A 313 48.53 18.96 41.10
N GLY A 314 47.25 19.29 41.34
CA GLY A 314 46.30 18.31 41.82
C GLY A 314 45.87 17.33 40.76
N VAL A 315 45.84 17.76 39.50
CA VAL A 315 45.40 16.87 38.42
C VAL A 315 46.40 15.74 38.20
N GLY A 316 47.63 15.88 38.67
CA GLY A 316 48.64 14.85 38.50
C GLY A 316 48.47 13.64 39.38
N LEU A 317 47.37 13.56 40.12
CA LEU A 317 47.07 12.42 40.97
C LEU A 317 46.45 11.27 40.17
N GLY A 323 49.11 16.63 34.25
CA GLY A 323 50.26 17.20 34.93
C GLY A 323 49.87 18.21 35.99
N THR A 324 49.74 19.48 35.60
CA THR A 324 49.35 20.56 36.49
C THR A 324 48.20 21.36 35.89
N ALA A 325 47.68 22.30 36.68
CA ALA A 325 46.53 23.10 36.27
C ALA A 325 46.71 24.53 36.71
N LEU A 326 46.12 25.46 35.94
CA LEU A 326 46.05 26.86 36.31
C LEU A 326 44.71 27.14 36.98
N VAL A 327 44.75 27.63 38.22
CA VAL A 327 43.55 27.88 39.02
C VAL A 327 43.56 29.34 39.46
N GLY A 328 42.45 30.03 39.23
CA GLY A 328 42.33 31.40 39.66
C GLY A 328 41.27 32.13 38.86
N ASP A 329 41.23 33.45 39.06
CA ASP A 329 40.31 34.31 38.32
C ASP A 329 40.90 34.61 36.94
N PRO A 330 40.13 35.24 36.04
CA PRO A 330 40.66 35.47 34.68
C PRO A 330 41.94 36.29 34.63
N GLN A 331 42.10 37.30 35.49
CA GLN A 331 43.32 38.10 35.46
C GLN A 331 44.51 37.27 35.90
N GLN A 332 44.35 36.43 36.92
CA GLN A 332 45.44 35.57 37.36
C GLN A 332 45.80 34.55 36.28
N VAL A 333 44.80 33.95 35.65
CA VAL A 333 45.07 32.96 34.61
C VAL A 333 45.72 33.61 33.41
N ALA A 334 45.25 34.79 33.01
CA ALA A 334 45.85 35.50 31.89
C ALA A 334 47.27 35.94 32.20
N ALA A 335 47.56 36.27 33.47
CA ALA A 335 48.90 36.70 33.83
C ALA A 335 49.91 35.56 33.72
N ARG A 336 49.52 34.36 34.14
CA ARG A 336 50.40 33.21 33.98
C ARG A 336 50.61 32.87 32.51
N ILE A 337 49.59 33.07 31.68
CA ILE A 337 49.75 32.85 30.24
C ILE A 337 50.70 33.88 29.66
N LYS A 338 50.61 35.14 30.10
CA LYS A 338 51.54 36.16 29.65
C LYS A 338 52.97 35.82 30.05
N GLU A 339 53.15 35.23 31.25
CA GLU A 339 54.48 34.83 31.69
C GLU A 339 55.06 33.74 30.80
N TYR A 340 54.24 32.75 30.44
CA TYR A 340 54.72 31.69 29.55
C TYR A 340 54.98 32.22 28.15
N ALA A 341 54.11 33.10 27.65
CA ALA A 341 54.31 33.67 26.32
C ALA A 341 55.58 34.53 26.26
N ASP A 342 55.90 35.21 27.37
CA ASP A 342 57.13 36.00 27.40
C ASP A 342 58.38 35.14 27.31
N LEU A 343 58.27 33.85 27.61
CA LEU A 343 59.40 32.93 27.50
C LEU A 343 59.62 32.41 26.09
N GLY A 344 58.67 32.62 25.18
CA GLY A 344 58.77 32.10 23.83
C GLY A 344 57.77 31.01 23.48
N ILE A 345 56.78 30.77 24.32
CA ILE A 345 55.76 29.76 24.06
C ILE A 345 54.65 30.37 23.22
N GLU A 346 54.30 29.71 22.11
CA GLU A 346 53.25 30.18 21.23
C GLU A 346 52.03 29.27 21.17
N SER A 347 52.13 28.02 21.60
CA SER A 347 51.01 27.09 21.64
C SER A 347 50.61 26.81 23.07
N PHE A 348 49.31 26.80 23.33
CA PHE A 348 48.77 26.50 24.65
C PHE A 348 47.66 25.47 24.48
N ILE A 349 47.80 24.32 25.13
CA ILE A 349 46.82 23.24 25.04
C ILE A 349 46.13 23.11 26.40
N PHE A 350 44.88 23.55 26.47
CA PHE A 350 44.13 23.58 27.72
C PHE A 350 43.12 22.44 27.79
N SER A 351 42.68 22.14 29.00
CA SER A 351 41.66 21.13 29.24
C SER A 351 40.91 21.50 30.50
N GLY A 352 39.71 20.94 30.65
CA GLY A 352 38.90 21.21 31.82
C GLY A 352 37.79 20.19 31.96
N TYR A 353 37.29 20.06 33.18
CA TYR A 353 36.24 19.11 33.47
C TYR A 353 34.95 19.85 33.84
N PRO A 354 33.83 19.61 33.13
CA PRO A 354 33.75 18.77 31.94
C PRO A 354 34.28 19.51 30.72
N HIS A 355 34.66 18.77 29.67
CA HIS A 355 35.33 19.40 28.54
C HIS A 355 34.40 20.22 27.67
N LEU A 356 33.09 19.95 27.73
CA LEU A 356 32.15 20.78 26.99
C LEU A 356 31.96 22.12 27.69
N GLU A 357 31.51 22.09 28.95
CA GLU A 357 31.21 23.32 29.67
C GLU A 357 32.43 24.21 29.82
N GLU A 358 33.58 23.62 30.17
CA GLU A 358 34.79 24.40 30.41
C GLU A 358 35.35 25.04 29.14
N ALA A 359 35.06 24.46 27.97
CA ALA A 359 35.46 25.12 26.72
C ALA A 359 34.74 26.45 26.57
N TYR A 360 33.46 26.50 26.94
CA TYR A 360 32.74 27.77 26.95
C TYR A 360 33.22 28.66 28.09
N ARG A 361 33.50 28.06 29.26
CA ARG A 361 33.94 28.85 30.41
C ARG A 361 35.25 29.54 30.11
N PHE A 362 36.22 28.81 29.55
CA PHE A 362 37.51 29.40 29.22
C PHE A 362 37.39 30.45 28.13
N ALA A 363 36.56 30.20 27.11
CA ALA A 363 36.44 31.14 26.01
C ALA A 363 35.78 32.44 26.44
N GLU A 364 34.79 32.36 27.34
CA GLU A 364 34.07 33.57 27.74
C GLU A 364 34.79 34.35 28.83
N LEU A 365 35.67 33.71 29.61
CA LEU A 365 36.36 34.38 30.71
C LEU A 365 37.78 34.80 30.36
N VAL A 366 38.49 34.04 29.54
CA VAL A 366 39.91 34.27 29.31
C VAL A 366 40.21 34.83 27.93
N PHE A 367 39.49 34.41 26.90
CA PHE A 367 39.71 34.96 25.56
C PHE A 367 39.77 36.48 25.48
N PRO A 368 38.90 37.25 26.14
CA PRO A 368 39.00 38.72 26.04
C PRO A 368 40.30 39.29 26.57
N LEU A 369 41.04 38.55 27.40
CA LEU A 369 42.30 39.03 27.96
C LEU A 369 43.51 38.55 27.18
N LEU A 370 43.32 37.74 26.16
CA LEU A 370 44.39 37.19 25.35
C LEU A 370 44.57 38.03 24.08
N PRO A 371 45.70 37.86 23.38
CA PRO A 371 45.91 38.63 22.15
C PRO A 371 44.92 38.24 21.05
N GLU A 372 44.94 39.04 19.99
CA GLU A 372 44.12 38.73 18.83
C GLU A 372 44.60 37.42 18.20
N PRO A 373 43.70 36.67 17.54
CA PRO A 373 42.30 37.00 17.26
C PRO A 373 41.37 36.66 18.44
N TYR A 374 41.93 36.09 19.50
CA TYR A 374 41.13 35.62 20.62
C TYR A 374 40.48 36.78 21.39
N ALA A 375 41.07 37.98 21.32
CA ALA A 375 40.47 39.13 22.00
C ALA A 375 39.15 39.54 21.38
N SER A 376 38.96 39.28 20.08
CA SER A 376 37.77 39.68 19.36
C SER A 376 36.69 38.61 19.33
N LEU A 377 37.01 37.38 19.71
CA LEU A 377 36.04 36.30 19.72
C LEU A 377 35.12 36.42 20.93
N SER B 23 19.77 -15.88 1.70
CA SER B 23 19.61 -14.43 1.58
C SER B 23 20.48 -13.89 0.46
N MET B 24 20.69 -12.58 0.46
CA MET B 24 21.56 -11.94 -0.53
C MET B 24 21.93 -10.54 -0.06
N ASP B 25 23.23 -10.25 -0.06
CA ASP B 25 23.77 -8.95 0.30
C ASP B 25 24.44 -8.36 -0.93
N VAL B 26 23.93 -7.24 -1.42
CA VAL B 26 24.47 -6.59 -2.61
C VAL B 26 25.23 -5.36 -2.16
N PHE B 27 26.54 -5.37 -2.39
CA PHE B 27 27.41 -4.25 -2.04
C PHE B 27 27.72 -3.41 -3.28
N TRP B 28 28.15 -2.18 -3.02
CA TRP B 28 28.71 -1.35 -4.06
C TRP B 28 30.19 -1.12 -3.74
N PHE B 29 30.79 -0.11 -4.36
CA PHE B 29 32.22 0.08 -4.33
C PHE B 29 32.53 1.55 -4.21
N LEU B 30 33.47 1.89 -3.33
CA LEU B 30 33.95 3.26 -3.20
C LEU B 30 35.21 3.42 -4.01
N PRO B 31 35.24 4.26 -5.04
CA PRO B 31 36.46 4.38 -5.89
C PRO B 31 37.53 5.27 -5.27
N THR B 32 38.12 4.82 -4.17
CA THR B 32 39.16 5.60 -3.49
C THR B 32 40.48 5.60 -4.23
N HIS B 33 40.59 4.91 -5.37
CA HIS B 33 41.78 4.96 -6.20
C HIS B 33 41.60 5.85 -7.43
N GLY B 34 40.46 6.53 -7.54
CA GLY B 34 40.15 7.36 -8.69
C GLY B 34 38.90 6.88 -9.40
N ASP B 35 38.20 7.78 -10.08
CA ASP B 35 37.01 7.41 -10.82
C ASP B 35 37.04 8.10 -12.19
N GLY B 36 36.11 7.70 -13.05
CA GLY B 36 36.04 8.29 -14.37
C GLY B 36 35.07 7.51 -15.25
N HIS B 37 35.07 7.88 -16.52
CA HIS B 37 34.20 7.25 -17.52
C HIS B 37 34.91 6.16 -18.31
N TYR B 38 36.22 6.29 -18.51
CA TYR B 38 36.98 5.36 -19.35
C TYR B 38 38.25 4.93 -18.63
N LEU B 39 38.72 3.73 -18.99
CA LEU B 39 39.94 3.17 -18.45
C LEU B 39 41.13 3.49 -19.36
N GLY B 40 42.30 3.63 -18.74
CA GLY B 40 43.52 3.87 -19.48
C GLY B 40 43.68 5.27 -20.02
N THR B 41 42.94 6.23 -19.46
CA THR B 41 43.01 7.61 -19.93
C THR B 41 42.60 8.53 -18.79
N THR B 42 43.09 9.75 -18.83
CA THR B 42 42.67 10.78 -17.89
C THR B 42 41.46 11.57 -18.37
N GLN B 43 40.98 11.30 -19.58
CA GLN B 43 39.81 11.99 -20.10
C GLN B 43 38.56 11.57 -19.32
N GLY B 44 37.82 12.55 -18.84
CA GLY B 44 36.61 12.26 -18.07
C GLY B 44 36.87 11.69 -16.69
N ALA B 45 38.03 11.97 -16.11
CA ALA B 45 38.38 11.43 -14.80
C ALA B 45 37.76 12.29 -13.70
N ARG B 46 37.39 11.63 -12.61
CA ARG B 46 36.86 12.32 -11.43
C ARG B 46 37.81 12.11 -10.26
N PRO B 47 38.47 13.15 -9.78
CA PRO B 47 39.40 12.96 -8.66
C PRO B 47 38.66 12.64 -7.37
N VAL B 48 39.34 11.89 -6.51
CA VAL B 48 38.78 11.48 -5.22
C VAL B 48 38.78 12.69 -4.30
N THR B 49 37.59 13.19 -3.96
CA THR B 49 37.45 14.27 -3.01
C THR B 49 36.48 13.83 -1.93
N LEU B 50 36.54 14.52 -0.78
CA LEU B 50 35.59 14.28 0.29
C LEU B 50 34.15 14.43 -0.21
N ASN B 51 33.90 15.45 -1.04
CA ASN B 51 32.55 15.68 -1.55
C ASN B 51 32.09 14.51 -2.43
N TYR B 52 32.96 14.05 -3.32
CA TYR B 52 32.55 12.97 -4.23
C TYR B 52 32.41 11.64 -3.52
N LEU B 53 33.23 11.38 -2.50
CA LEU B 53 33.07 10.16 -1.72
C LEU B 53 31.76 10.17 -0.94
N LYS B 54 31.35 11.33 -0.43
CA LYS B 54 30.04 11.45 0.19
C LYS B 54 28.93 11.14 -0.81
N GLN B 55 29.07 11.62 -2.04
CA GLN B 55 28.05 11.39 -3.06
C GLN B 55 27.84 9.90 -3.27
N VAL B 56 28.93 9.15 -3.50
CA VAL B 56 28.81 7.72 -3.76
C VAL B 56 28.30 6.98 -2.53
N ALA B 57 28.84 7.31 -1.35
CA ALA B 57 28.43 6.62 -0.13
C ALA B 57 26.97 6.90 0.20
N GLN B 58 26.56 8.17 0.16
CA GLN B 58 25.17 8.50 0.46
C GLN B 58 24.23 7.98 -0.62
N ALA B 59 24.72 7.84 -1.86
CA ALA B 59 23.91 7.21 -2.89
C ALA B 59 23.63 5.76 -2.55
N ALA B 60 24.69 5.00 -2.24
CA ALA B 60 24.50 3.61 -1.86
C ALA B 60 23.66 3.48 -0.60
N ASP B 61 23.81 4.43 0.33
CA ASP B 61 23.02 4.40 1.55
C ASP B 61 21.53 4.49 1.23
N SER B 62 21.13 5.53 0.48
CA SER B 62 19.71 5.76 0.23
C SER B 62 19.12 4.78 -0.78
N LEU B 63 19.94 4.21 -1.67
CA LEU B 63 19.41 3.27 -2.65
C LEU B 63 19.12 1.90 -2.04
N GLY B 64 19.68 1.61 -0.87
CA GLY B 64 19.40 0.35 -0.20
C GLY B 64 20.45 -0.73 -0.35
N TYR B 65 21.66 -0.38 -0.82
CA TYR B 65 22.74 -1.36 -0.85
C TYR B 65 23.08 -1.80 0.57
N HIS B 66 23.46 -3.08 0.70
CA HIS B 66 23.78 -3.61 2.02
C HIS B 66 25.00 -2.90 2.60
N GLY B 67 26.02 -2.70 1.80
CA GLY B 67 27.21 -2.01 2.24
C GLY B 67 28.02 -1.57 1.03
N VAL B 68 29.23 -1.11 1.29
CA VAL B 68 30.12 -0.66 0.24
C VAL B 68 31.54 -1.13 0.58
N LEU B 69 32.27 -1.57 -0.45
CA LEU B 69 33.64 -2.04 -0.26
C LEU B 69 34.62 -0.91 -0.54
N ILE B 70 35.60 -0.75 0.35
CA ILE B 70 36.63 0.28 0.23
C ILE B 70 37.95 -0.44 -0.04
N PRO B 71 38.57 -0.25 -1.21
CA PRO B 71 39.84 -0.92 -1.50
C PRO B 71 40.99 -0.32 -0.70
N THR B 72 42.11 -1.06 -0.71
CA THR B 72 43.33 -0.64 -0.03
C THR B 72 44.50 -0.83 -0.99
N GLY B 73 45.66 -0.29 -0.60
CA GLY B 73 46.85 -0.44 -1.40
C GLY B 73 47.57 0.88 -1.61
N ARG B 74 48.72 0.78 -2.27
CA ARG B 74 49.56 1.95 -2.54
C ARG B 74 48.85 2.96 -3.44
N SER B 75 47.95 2.49 -4.29
CA SER B 75 47.25 3.35 -5.24
C SER B 75 45.98 3.97 -4.67
N CYS B 76 45.66 3.73 -3.40
CA CYS B 76 44.45 4.25 -2.80
C CYS B 76 44.78 5.21 -1.66
N GLU B 77 43.82 6.08 -1.37
CA GLU B 77 43.80 6.77 -0.09
C GLU B 77 43.47 5.77 1.02
N ASP B 78 43.84 6.13 2.24
CA ASP B 78 43.73 5.17 3.34
C ASP B 78 42.27 4.83 3.64
N SER B 79 41.99 3.53 3.74
CA SER B 79 40.63 3.05 3.89
C SER B 79 40.03 3.48 5.23
N TRP B 80 40.83 3.48 6.30
CA TRP B 80 40.27 3.78 7.61
C TRP B 80 39.87 5.24 7.75
N VAL B 81 40.67 6.15 7.17
CA VAL B 81 40.30 7.57 7.21
C VAL B 81 39.00 7.80 6.45
N ILE B 82 38.85 7.17 5.29
CA ILE B 82 37.68 7.41 4.46
C ILE B 82 36.43 6.77 5.07
N ALA B 83 36.55 5.52 5.53
CA ALA B 83 35.40 4.87 6.17
C ALA B 83 34.94 5.63 7.41
N SER B 84 35.89 6.11 8.22
CA SER B 84 35.53 6.85 9.43
C SER B 84 34.90 8.19 9.12
N ALA B 85 35.32 8.84 8.03
CA ALA B 85 34.76 10.15 7.69
C ALA B 85 33.33 10.02 7.20
N LEU B 86 33.00 8.90 6.55
CA LEU B 86 31.68 8.72 5.96
C LEU B 86 30.69 8.06 6.90
N VAL B 87 31.17 7.41 7.96
CA VAL B 87 30.25 6.74 8.89
C VAL B 87 29.21 7.69 9.48
N PRO B 88 29.57 8.83 10.06
CA PRO B 88 28.55 9.73 10.61
C PRO B 88 27.71 10.44 9.57
N LEU B 89 27.99 10.29 8.28
CA LEU B 89 27.19 10.90 7.22
C LEU B 89 26.24 9.92 6.56
N THR B 90 26.15 8.69 7.08
CA THR B 90 25.29 7.65 6.53
C THR B 90 24.54 6.96 7.66
N GLU B 91 23.40 6.35 7.32
CA GLU B 91 22.49 5.79 8.32
C GLU B 91 22.58 4.27 8.41
N ARG B 92 22.36 3.56 7.30
CA ARG B 92 22.33 2.11 7.31
C ARG B 92 23.49 1.44 6.60
N LEU B 93 24.19 2.15 5.72
CA LEU B 93 25.19 1.53 4.86
C LEU B 93 26.34 0.95 5.67
N ARG B 94 26.73 -0.27 5.35
CA ARG B 94 27.87 -0.88 6.01
C ARG B 94 29.15 -0.65 5.22
N TYR B 95 30.27 -0.75 5.91
CA TYR B 95 31.56 -0.46 5.33
C TYR B 95 32.47 -1.67 5.46
N LEU B 96 32.88 -2.22 4.31
CA LEU B 96 33.80 -3.35 4.26
C LEU B 96 35.20 -2.76 4.09
N VAL B 97 35.92 -2.66 5.20
CA VAL B 97 37.20 -1.98 5.26
C VAL B 97 38.30 -3.03 5.31
N ALA B 98 39.40 -2.78 4.60
CA ALA B 98 40.50 -3.72 4.51
C ALA B 98 41.51 -3.49 5.63
N ILE B 99 41.97 -4.58 6.24
CA ILE B 99 43.14 -4.57 7.11
C ILE B 99 44.24 -5.38 6.46
N ARG B 100 45.48 -4.92 6.63
CA ARG B 100 46.65 -5.59 6.04
C ARG B 100 47.52 -6.11 7.17
N PRO B 101 47.41 -7.40 7.51
CA PRO B 101 48.29 -7.96 8.54
C PRO B 101 49.74 -7.83 8.13
N GLY B 102 50.60 -7.60 9.13
CA GLY B 102 52.02 -7.45 8.89
C GLY B 102 52.52 -6.03 8.87
N ILE B 103 51.64 -5.03 8.77
CA ILE B 103 52.04 -3.63 8.75
C ILE B 103 51.47 -2.82 9.89
N ILE B 104 50.71 -3.44 10.80
CA ILE B 104 50.19 -2.75 11.97
C ILE B 104 50.06 -3.77 13.09
N SER B 105 50.23 -3.30 14.33
CA SER B 105 50.07 -4.17 15.48
C SER B 105 48.65 -4.71 15.53
N PRO B 106 48.48 -6.01 15.83
CA PRO B 106 47.11 -6.56 15.89
C PRO B 106 46.24 -5.92 16.94
N THR B 107 46.80 -5.61 18.11
CA THR B 107 46.01 -4.97 19.16
C THR B 107 45.50 -3.62 18.71
N VAL B 108 46.36 -2.81 18.08
CA VAL B 108 45.96 -1.50 17.60
C VAL B 108 44.89 -1.64 16.52
N SER B 109 45.08 -2.59 15.60
CA SER B 109 44.08 -2.80 14.56
C SER B 109 42.73 -3.17 15.17
N ALA B 110 42.75 -3.99 16.23
CA ALA B 110 41.49 -4.35 16.89
C ALA B 110 40.85 -3.13 17.55
N ARG B 111 41.66 -2.26 18.16
CA ARG B 111 41.12 -1.05 18.76
C ARG B 111 40.56 -0.12 17.71
N MET B 112 41.20 -0.02 16.55
CA MET B 112 40.63 0.75 15.46
C MET B 112 39.30 0.16 15.04
N ALA B 113 39.24 -1.17 14.90
CA ALA B 113 38.00 -1.83 14.53
C ALA B 113 36.92 -1.59 15.56
N ALA B 114 37.24 -1.71 16.84
CA ALA B 114 36.22 -1.52 17.87
C ALA B 114 35.68 -0.09 17.86
N THR B 115 36.56 0.90 17.69
CA THR B 115 36.11 2.29 17.71
C THR B 115 35.18 2.58 16.54
N LEU B 116 35.58 2.18 15.33
CA LEU B 116 34.76 2.45 14.16
C LEU B 116 33.45 1.65 14.22
N ASP B 117 33.49 0.43 14.76
CA ASP B 117 32.26 -0.32 14.94
C ASP B 117 31.34 0.32 15.96
N ARG B 118 31.91 0.96 16.99
CA ARG B 118 31.07 1.63 17.98
C ARG B 118 30.50 2.94 17.44
N LEU B 119 31.34 3.75 16.77
CA LEU B 119 30.81 4.98 16.18
C LEU B 119 29.78 4.69 15.10
N SER B 120 29.93 3.58 14.37
CA SER B 120 28.99 3.24 13.31
C SER B 120 27.77 2.48 13.82
N ASN B 121 27.73 2.16 15.11
CA ASN B 121 26.65 1.36 15.69
C ASN B 121 26.52 -0.03 15.04
N GLY B 122 27.67 -0.69 14.85
CA GLY B 122 27.70 -2.05 14.36
C GLY B 122 27.60 -2.21 12.85
N ARG B 123 28.17 -1.27 12.09
CA ARG B 123 28.10 -1.29 10.63
C ARG B 123 29.46 -1.54 9.98
N LEU B 124 30.44 -2.04 10.74
CA LEU B 124 31.78 -2.26 10.22
C LEU B 124 31.96 -3.70 9.76
N LEU B 125 32.55 -3.86 8.57
CA LEU B 125 32.94 -5.16 8.06
C LEU B 125 34.41 -5.12 7.70
N ILE B 126 35.14 -6.17 8.05
CA ILE B 126 36.59 -6.22 7.90
C ILE B 126 36.94 -7.16 6.75
N ASN B 127 37.78 -6.67 5.84
CA ASN B 127 38.30 -7.46 4.73
C ASN B 127 39.78 -7.71 4.98
N VAL B 128 40.14 -8.98 5.16
CA VAL B 128 41.53 -9.35 5.46
C VAL B 128 42.29 -9.45 4.14
N VAL B 129 43.26 -8.54 3.94
CA VAL B 129 44.04 -8.47 2.71
C VAL B 129 45.49 -8.75 3.02
N THR B 130 46.05 -9.80 2.42
CA THR B 130 47.43 -10.17 2.70
C THR B 130 48.44 -9.37 1.89
N GLY B 131 48.07 -8.85 0.72
CA GLY B 131 49.00 -8.02 -0.03
C GLY B 131 49.83 -8.81 -1.02
N GLY B 132 49.51 -8.67 -2.30
CA GLY B 132 50.16 -9.47 -3.32
C GLY B 132 51.42 -8.88 -3.90
N ASP B 133 51.43 -7.58 -4.15
CA ASP B 133 52.56 -6.93 -4.82
C ASP B 133 53.80 -6.95 -3.93
N PRO B 134 54.87 -7.64 -4.31
CA PRO B 134 56.06 -7.67 -3.46
C PRO B 134 56.76 -6.32 -3.37
N ASP B 135 56.76 -5.52 -4.45
CA ASP B 135 57.32 -4.18 -4.37
C ASP B 135 56.52 -3.31 -3.40
N GLU B 136 55.19 -3.44 -3.44
CA GLU B 136 54.37 -2.65 -2.52
C GLU B 136 54.60 -3.07 -1.08
N ASN B 137 54.78 -4.38 -0.85
CA ASN B 137 55.04 -4.85 0.51
C ASN B 137 56.39 -4.36 1.01
N ARG B 138 57.41 -4.37 0.14
CA ARG B 138 58.71 -3.83 0.52
C ARG B 138 58.65 -2.33 0.76
N GLY B 139 57.80 -1.62 0.02
CA GLY B 139 57.63 -0.20 0.29
C GLY B 139 57.04 0.07 1.66
N ASP B 140 56.29 -0.89 2.21
CA ASP B 140 55.72 -0.77 3.54
C ASP B 140 56.60 -1.35 4.63
N GLY B 141 57.75 -1.95 4.27
CA GLY B 141 58.66 -2.51 5.24
C GLY B 141 58.52 -3.98 5.52
N SER B 142 57.75 -4.71 4.70
CA SER B 142 57.50 -6.13 4.88
C SER B 142 58.30 -6.91 3.83
N PHE B 143 59.19 -7.78 4.29
CA PHE B 143 60.04 -8.59 3.42
C PHE B 143 59.80 -10.05 3.78
N LEU B 144 58.73 -10.62 3.24
CA LEU B 144 58.31 -11.96 3.59
C LEU B 144 57.99 -12.77 2.34
N SER B 145 58.30 -14.06 2.41
CA SER B 145 57.92 -14.96 1.32
C SER B 145 56.42 -15.18 1.34
N HIS B 146 55.94 -15.90 0.32
CA HIS B 146 54.50 -16.14 0.21
C HIS B 146 53.97 -16.91 1.43
N SER B 147 54.70 -17.94 1.86
CA SER B 147 54.25 -18.69 3.02
C SER B 147 54.32 -17.85 4.29
N GLU B 148 55.33 -16.98 4.38
CA GLU B 148 55.50 -16.14 5.57
C GLU B 148 54.39 -15.08 5.69
N ARG B 149 53.88 -14.58 4.56
CA ARG B 149 52.81 -13.58 4.64
C ARG B 149 51.55 -14.19 5.25
N TYR B 150 51.23 -15.43 4.87
CA TYR B 150 50.05 -16.10 5.43
C TYR B 150 50.28 -16.58 6.86
N GLU B 151 51.52 -16.88 7.24
CA GLU B 151 51.80 -17.17 8.64
C GLU B 151 51.53 -15.96 9.52
N VAL B 152 51.93 -14.76 9.05
CA VAL B 152 51.65 -13.55 9.82
C VAL B 152 50.15 -13.29 9.89
N THR B 153 49.45 -13.48 8.77
CA THR B 153 48.00 -13.27 8.77
C THR B 153 47.31 -14.23 9.73
N ASP B 154 47.76 -15.49 9.75
CA ASP B 154 47.18 -16.47 10.66
C ASP B 154 47.38 -16.03 12.11
N GLU B 155 48.61 -15.65 12.47
CA GLU B 155 48.87 -15.20 13.82
C GLU B 155 48.22 -13.85 14.12
N PHE B 156 48.13 -12.98 13.11
CA PHE B 156 47.46 -11.69 13.29
C PHE B 156 46.00 -11.89 13.65
N LEU B 157 45.29 -12.70 12.86
CA LEU B 157 43.86 -12.88 13.09
C LEU B 157 43.57 -13.56 14.43
N LYS B 158 44.44 -14.47 14.86
CA LYS B 158 44.21 -15.15 16.13
C LYS B 158 44.21 -14.18 17.30
N ILE B 159 45.16 -13.24 17.32
CA ILE B 159 45.17 -12.21 18.35
C ILE B 159 44.00 -11.26 18.17
N TRP B 160 43.75 -10.83 16.93
CA TRP B 160 42.71 -9.84 16.64
C TRP B 160 41.35 -10.33 17.12
N ARG B 161 41.00 -11.57 16.77
CA ARG B 161 39.69 -12.11 17.12
C ARG B 161 39.53 -12.25 18.63
N ARG B 162 40.56 -12.76 19.32
CA ARG B 162 40.44 -12.98 20.76
C ARG B 162 40.46 -11.66 21.53
N VAL B 163 41.26 -10.70 21.06
CA VAL B 163 41.34 -9.42 21.74
C VAL B 163 39.99 -8.71 21.75
N LEU B 164 39.27 -8.75 20.63
CA LEU B 164 37.96 -8.12 20.53
C LEU B 164 36.90 -8.84 21.35
N GLN B 165 37.18 -10.03 21.88
CA GLN B 165 36.23 -10.77 22.69
C GLN B 165 36.44 -10.58 24.19
N GLY B 166 37.24 -9.59 24.59
CA GLY B 166 37.42 -9.29 25.99
C GLY B 166 38.55 -10.02 26.68
N GLU B 167 39.37 -10.75 25.96
CA GLU B 167 40.48 -11.48 26.55
C GLU B 167 41.74 -10.62 26.58
N ALA B 168 42.44 -10.67 27.71
CA ALA B 168 43.80 -10.15 27.80
C ALA B 168 44.70 -11.24 27.24
N VAL B 169 45.17 -11.06 26.01
CA VAL B 169 45.80 -12.13 25.24
C VAL B 169 47.32 -12.15 25.49
N ASP B 170 47.84 -13.34 25.81
CA ASP B 170 49.27 -13.64 25.75
C ASP B 170 49.47 -14.61 24.59
N PHE B 171 50.26 -14.18 23.61
CA PHE B 171 50.48 -14.96 22.40
C PHE B 171 51.92 -14.81 21.98
N GLU B 172 52.60 -15.91 21.68
CA GLU B 172 53.96 -15.86 21.17
C GLU B 172 54.09 -16.85 20.02
N GLY B 173 54.04 -16.36 18.79
CA GLY B 173 54.15 -17.17 17.61
C GLY B 173 55.49 -17.00 16.91
N LYS B 174 55.54 -17.47 15.66
CA LYS B 174 56.76 -17.34 14.88
C LYS B 174 57.05 -15.90 14.51
N HIS B 175 56.01 -15.12 14.27
CA HIS B 175 56.17 -13.74 13.79
C HIS B 175 55.69 -12.70 14.79
N LEU B 176 54.60 -12.96 15.51
CA LEU B 176 54.00 -11.97 16.39
C LEU B 176 54.04 -12.45 17.83
N LYS B 177 54.17 -11.48 18.75
CA LYS B 177 54.23 -11.77 20.17
C LYS B 177 53.58 -10.60 20.91
N VAL B 178 52.58 -10.89 21.73
CA VAL B 178 51.93 -9.90 22.56
C VAL B 178 51.79 -10.45 23.97
N GLN B 179 51.85 -9.55 24.96
CA GLN B 179 51.73 -9.90 26.37
C GLN B 179 50.73 -8.95 26.98
N ASN B 180 49.62 -9.50 27.46
CA ASN B 180 48.57 -8.69 28.10
C ASN B 180 47.97 -7.71 27.10
N ALA B 181 47.64 -8.23 25.92
CA ALA B 181 47.02 -7.43 24.88
C ALA B 181 45.54 -7.26 25.19
N LYS B 182 45.09 -6.01 25.28
CA LYS B 182 43.71 -5.73 25.62
C LYS B 182 43.14 -4.62 24.75
N ALA B 183 41.89 -4.80 24.34
CA ALA B 183 41.10 -3.74 23.72
C ALA B 183 39.96 -3.46 24.70
N LEU B 184 40.06 -2.33 25.40
CA LEU B 184 39.18 -2.07 26.53
C LEU B 184 37.75 -1.73 26.11
N TYR B 185 37.53 -1.29 24.87
CA TYR B 185 36.21 -0.90 24.43
C TYR B 185 35.62 -2.00 23.56
N PRO B 186 34.53 -2.64 23.97
CA PRO B 186 34.04 -3.81 23.24
C PRO B 186 33.40 -3.39 21.92
N PRO B 187 33.43 -4.26 20.93
CA PRO B 187 32.75 -3.95 19.66
C PRO B 187 31.24 -4.09 19.82
N VAL B 188 30.51 -3.52 18.85
CA VAL B 188 29.06 -3.64 18.87
C VAL B 188 28.64 -4.99 18.34
N GLN B 189 29.19 -5.40 17.20
CA GLN B 189 28.88 -6.69 16.61
C GLN B 189 29.61 -7.79 17.37
N LYS B 190 28.88 -8.85 17.71
CA LYS B 190 29.46 -9.94 18.48
C LYS B 190 29.65 -11.16 17.60
N PRO B 191 30.76 -11.90 17.74
CA PRO B 191 31.87 -11.69 18.68
C PRO B 191 32.80 -10.57 18.25
N TYR B 192 32.78 -10.27 16.95
CA TYR B 192 33.61 -9.22 16.36
C TYR B 192 33.04 -8.92 14.98
N PRO B 193 33.46 -7.81 14.36
CA PRO B 193 33.01 -7.52 12.99
C PRO B 193 33.37 -8.66 12.04
N PRO B 194 32.44 -9.09 11.19
CA PRO B 194 32.67 -10.26 10.34
C PRO B 194 33.91 -10.10 9.45
N LEU B 195 34.61 -11.22 9.25
CA LEU B 195 35.85 -11.25 8.48
C LEU B 195 35.58 -11.76 7.07
N TYR B 196 35.89 -10.93 6.08
CA TYR B 196 35.81 -11.32 4.68
C TYR B 196 37.23 -11.54 4.16
N PHE B 197 37.40 -12.54 3.29
CA PHE B 197 38.75 -12.91 2.87
C PHE B 197 38.73 -13.53 1.48
N GLY B 198 39.69 -13.11 0.65
CA GLY B 198 39.90 -13.65 -0.67
C GLY B 198 41.31 -14.19 -0.86
N GLY B 199 41.50 -15.01 -1.88
CA GLY B 199 42.79 -15.63 -2.11
C GLY B 199 42.68 -17.06 -2.58
N SER B 200 43.44 -17.41 -3.62
CA SER B 200 43.34 -18.72 -4.25
C SER B 200 44.50 -19.65 -3.88
N SER B 201 45.46 -19.20 -3.09
CA SER B 201 46.56 -20.07 -2.72
C SER B 201 46.07 -21.17 -1.77
N ASP B 202 46.91 -22.20 -1.65
CA ASP B 202 46.63 -23.27 -0.68
C ASP B 202 46.57 -22.71 0.73
N ALA B 203 47.50 -21.81 1.06
CA ALA B 203 47.47 -21.19 2.39
C ALA B 203 46.24 -20.33 2.58
N ALA B 204 45.75 -19.69 1.51
CA ALA B 204 44.58 -18.84 1.61
C ALA B 204 43.32 -19.65 1.92
N HIS B 205 43.14 -20.78 1.24
CA HIS B 205 41.95 -21.60 1.50
C HIS B 205 41.98 -22.20 2.90
N ASP B 206 43.17 -22.58 3.37
CA ASP B 206 43.30 -23.06 4.74
C ASP B 206 42.99 -21.95 5.73
N LEU B 207 43.45 -20.73 5.45
CA LEU B 207 43.20 -19.63 6.36
C LEU B 207 41.71 -19.29 6.38
N ALA B 208 41.08 -19.28 5.21
CA ALA B 208 39.65 -18.98 5.14
C ALA B 208 38.83 -20.03 5.88
N ALA B 209 39.16 -21.31 5.68
CA ALA B 209 38.39 -22.38 6.29
C ALA B 209 38.50 -22.39 7.81
N GLU B 210 39.51 -21.75 8.38
CA GLU B 210 39.76 -21.81 9.81
C GLU B 210 39.31 -20.58 10.57
N GLN B 211 39.40 -19.38 9.99
CA GLN B 211 39.20 -18.16 10.76
C GLN B 211 38.13 -17.22 10.19
N VAL B 212 37.93 -17.16 8.87
CA VAL B 212 37.10 -16.12 8.30
C VAL B 212 35.63 -16.50 8.26
N ASP B 213 34.77 -15.52 7.99
CA ASP B 213 33.32 -15.70 7.93
C ASP B 213 32.78 -15.77 6.51
N VAL B 214 33.35 -15.02 5.58
CA VAL B 214 32.92 -14.99 4.19
C VAL B 214 34.15 -15.15 3.32
N TYR B 215 34.11 -16.12 2.41
CA TYR B 215 35.19 -16.32 1.45
C TYR B 215 34.82 -15.61 0.16
N LEU B 216 35.74 -14.81 -0.37
CA LEU B 216 35.50 -14.01 -1.57
C LEU B 216 36.28 -14.55 -2.75
N THR B 217 35.71 -14.38 -3.94
CA THR B 217 36.37 -14.79 -5.18
C THR B 217 36.07 -13.77 -6.26
N TRP B 218 36.97 -13.68 -7.23
CA TRP B 218 36.76 -12.79 -8.36
C TRP B 218 35.74 -13.41 -9.32
N GLY B 219 35.32 -12.63 -10.31
CA GLY B 219 34.31 -13.07 -11.25
C GLY B 219 34.79 -14.05 -12.30
N GLU B 220 34.63 -15.34 -12.03
CA GLU B 220 34.98 -16.43 -12.92
C GLU B 220 33.73 -17.15 -13.42
N PRO B 221 33.84 -17.96 -14.47
CA PRO B 221 32.69 -18.75 -14.90
C PRO B 221 32.19 -19.64 -13.78
N PRO B 222 30.89 -19.95 -13.77
CA PRO B 222 30.31 -20.70 -12.64
C PRO B 222 31.02 -22.01 -12.32
N ALA B 223 31.52 -22.72 -13.34
CA ALA B 223 32.22 -23.97 -13.07
C ALA B 223 33.50 -23.74 -12.27
N ALA B 224 34.25 -22.68 -12.60
CA ALA B 224 35.47 -22.40 -11.85
C ALA B 224 35.16 -21.94 -10.43
N VAL B 225 34.06 -21.21 -10.25
CA VAL B 225 33.68 -20.80 -8.89
C VAL B 225 33.24 -22.00 -8.08
N ALA B 226 32.44 -22.89 -8.67
CA ALA B 226 31.93 -24.05 -7.93
C ALA B 226 33.08 -24.95 -7.47
N GLU B 227 34.16 -25.01 -8.24
CA GLU B 227 35.31 -25.81 -7.83
C GLU B 227 36.00 -25.19 -6.62
N LYS B 228 36.15 -23.87 -6.61
CA LYS B 228 36.72 -23.18 -5.46
C LYS B 228 35.81 -23.29 -4.24
N LEU B 229 34.50 -23.13 -4.45
CA LEU B 229 33.56 -23.18 -3.34
C LEU B 229 33.55 -24.56 -2.70
N ALA B 230 33.58 -25.62 -3.51
CA ALA B 230 33.61 -26.98 -2.96
C ALA B 230 34.88 -27.25 -2.17
N ASP B 231 36.01 -26.68 -2.58
CA ASP B 231 37.26 -26.88 -1.85
C ASP B 231 37.21 -26.26 -0.46
N VAL B 232 36.87 -24.96 -0.39
CA VAL B 232 36.81 -24.29 0.91
C VAL B 232 35.78 -24.95 1.81
N ARG B 233 34.63 -25.32 1.24
CA ARG B 233 33.57 -25.95 2.01
C ARG B 233 34.02 -27.28 2.62
N GLU B 234 34.85 -28.03 1.90
CA GLU B 234 35.37 -29.28 2.44
C GLU B 234 36.45 -29.03 3.50
N ARG B 235 37.30 -28.02 3.27
CA ARG B 235 38.34 -27.71 4.25
C ARG B 235 37.73 -27.14 5.52
N ALA B 236 36.68 -26.34 5.39
CA ALA B 236 36.02 -25.77 6.57
C ALA B 236 35.30 -26.85 7.37
N ALA B 237 34.82 -27.90 6.72
CA ALA B 237 34.20 -28.99 7.47
C ALA B 237 35.22 -29.73 8.33
N ARG B 238 36.49 -29.77 7.89
CA ARG B 238 37.54 -30.38 8.71
C ARG B 238 37.87 -29.55 9.95
N HIS B 239 37.55 -28.26 9.95
CA HIS B 239 37.70 -27.42 11.13
C HIS B 239 36.39 -27.23 11.89
N GLY B 240 35.34 -27.96 11.51
CA GLY B 240 34.06 -27.84 12.17
C GLY B 240 33.37 -26.52 11.99
N ARG B 241 33.54 -25.88 10.83
CA ARG B 241 32.95 -24.57 10.57
C ARG B 241 32.27 -24.61 9.21
N LYS B 242 31.41 -23.62 8.99
CA LYS B 242 30.83 -23.35 7.68
C LYS B 242 31.07 -21.89 7.38
N VAL B 243 31.47 -21.59 6.15
CA VAL B 243 31.75 -20.22 5.74
C VAL B 243 30.75 -19.82 4.66
N LYS B 244 30.38 -18.54 4.69
CA LYS B 244 29.58 -17.99 3.62
C LYS B 244 30.50 -17.62 2.45
N PHE B 245 29.89 -17.39 1.29
CA PHE B 245 30.65 -17.14 0.08
C PHE B 245 30.20 -15.86 -0.60
N GLY B 246 31.17 -15.14 -1.16
CA GLY B 246 30.88 -13.92 -1.90
C GLY B 246 31.72 -13.83 -3.15
N ILE B 247 31.28 -12.96 -4.07
CA ILE B 247 31.94 -12.77 -5.34
C ILE B 247 32.08 -11.28 -5.63
N ARG B 248 33.17 -10.91 -6.29
CA ARG B 248 33.44 -9.53 -6.68
C ARG B 248 33.30 -9.45 -8.20
N LEU B 249 32.45 -8.55 -8.67
CA LEU B 249 32.11 -8.45 -10.09
C LEU B 249 31.88 -7.00 -10.47
N HIS B 250 32.54 -6.57 -11.54
CA HIS B 250 32.14 -5.35 -12.22
C HIS B 250 30.84 -5.61 -13.00
N VAL B 251 30.11 -4.55 -13.31
CA VAL B 251 28.82 -4.71 -13.98
C VAL B 251 28.58 -3.54 -14.94
N ILE B 252 28.24 -3.89 -16.18
CA ILE B 252 27.85 -2.91 -17.20
C ILE B 252 26.47 -3.34 -17.69
N VAL B 253 25.42 -2.77 -17.10
CA VAL B 253 24.05 -3.14 -17.40
C VAL B 253 23.32 -1.95 -18.03
N ARG B 254 22.65 -2.20 -19.16
CA ARG B 254 21.83 -1.20 -19.85
C ARG B 254 20.45 -1.81 -20.10
N GLU B 255 19.56 -0.99 -20.66
CA GLU B 255 18.18 -1.42 -20.90
C GLU B 255 18.11 -2.54 -21.93
N THR B 256 18.96 -2.49 -22.96
CA THR B 256 19.03 -3.54 -23.97
C THR B 256 20.45 -4.08 -24.03
N ALA B 257 20.59 -5.29 -24.57
CA ALA B 257 21.90 -5.90 -24.68
C ALA B 257 22.82 -5.14 -25.62
N GLU B 258 22.26 -4.47 -26.63
CA GLU B 258 23.10 -3.74 -27.57
C GLU B 258 23.79 -2.55 -26.91
N GLU B 259 23.06 -1.79 -26.09
CA GLU B 259 23.65 -0.64 -25.41
C GLU B 259 24.73 -1.07 -24.42
N ALA B 260 24.56 -2.24 -23.79
CA ALA B 260 25.51 -2.68 -22.77
C ALA B 260 26.86 -3.02 -23.38
N TRP B 261 26.86 -3.74 -24.51
CA TRP B 261 28.13 -4.07 -25.15
C TRP B 261 28.79 -2.86 -25.78
N LYS B 262 28.00 -1.92 -26.31
CA LYS B 262 28.58 -0.69 -26.84
C LYS B 262 29.22 0.14 -25.72
N ALA B 263 28.61 0.14 -24.54
CA ALA B 263 29.22 0.82 -23.40
C ALA B 263 30.46 0.07 -22.93
N ALA B 264 30.45 -1.26 -23.03
CA ALA B 264 31.63 -2.02 -22.66
C ALA B 264 32.79 -1.76 -23.62
N ASP B 265 32.49 -1.65 -24.92
CA ASP B 265 33.52 -1.33 -25.90
C ASP B 265 34.10 0.06 -25.66
N LYS B 266 33.23 1.04 -25.36
CA LYS B 266 33.70 2.40 -25.12
C LYS B 266 34.56 2.50 -23.87
N LEU B 267 34.39 1.58 -22.92
CA LEU B 267 35.16 1.63 -21.68
C LEU B 267 36.64 1.38 -21.94
N ILE B 268 36.97 0.53 -22.91
CA ILE B 268 38.36 0.18 -23.18
C ILE B 268 38.82 0.68 -24.56
N GLU B 269 38.18 1.72 -25.10
CA GLU B 269 38.60 2.24 -26.40
C GLU B 269 40.04 2.78 -26.35
N HIS B 270 40.35 3.54 -25.31
CA HIS B 270 41.65 4.18 -25.20
C HIS B 270 42.62 3.27 -24.45
N LEU B 305 37.28 -12.02 -25.41
CA LEU B 305 37.16 -11.15 -24.24
C LEU B 305 35.89 -11.45 -23.45
N GLU B 306 34.92 -12.10 -24.10
CA GLU B 306 33.74 -12.65 -23.43
C GLU B 306 34.07 -14.11 -23.11
N ILE B 307 34.61 -14.35 -21.92
CA ILE B 307 35.07 -15.69 -21.54
C ILE B 307 33.94 -16.61 -21.14
N ALA B 308 32.73 -16.08 -21.00
CA ALA B 308 31.56 -16.87 -20.62
C ALA B 308 30.33 -16.05 -20.98
N PRO B 309 29.15 -16.69 -21.10
CA PRO B 309 27.92 -15.94 -21.39
C PRO B 309 27.74 -14.73 -20.48
N ASN B 310 27.87 -13.54 -21.07
CA ASN B 310 27.71 -12.25 -20.39
C ASN B 310 28.80 -11.98 -19.36
N LEU B 311 29.94 -12.66 -19.44
CA LEU B 311 31.08 -12.44 -18.54
C LEU B 311 32.24 -11.88 -19.35
N TRP B 312 32.51 -10.59 -19.19
CA TRP B 312 33.46 -9.86 -20.02
C TRP B 312 34.70 -9.53 -19.19
N ALA B 313 35.88 -9.86 -19.73
CA ALA B 313 37.14 -9.70 -19.03
C ALA B 313 37.93 -8.47 -19.47
N GLY B 314 37.25 -7.43 -19.93
CA GLY B 314 37.94 -6.25 -20.41
C GLY B 314 38.53 -5.38 -19.32
N VAL B 315 37.89 -5.35 -18.14
CA VAL B 315 38.39 -4.51 -17.06
C VAL B 315 39.73 -4.99 -16.51
N GLY B 316 40.10 -6.25 -16.75
CA GLY B 316 41.36 -6.76 -16.25
C GLY B 316 42.59 -6.28 -17.00
N LEU B 317 42.40 -5.36 -17.96
CA LEU B 317 43.50 -4.79 -18.73
C LEU B 317 44.19 -3.63 -18.02
N VAL B 318 43.71 -3.22 -16.85
CA VAL B 318 44.33 -2.12 -16.11
C VAL B 318 44.48 -2.47 -14.63
N GLY B 323 38.58 -7.36 -11.96
CA GLY B 323 38.72 -8.63 -12.66
C GLY B 323 37.93 -8.75 -13.95
N THR B 324 36.68 -9.20 -13.84
CA THR B 324 35.77 -9.36 -14.96
C THR B 324 34.48 -8.63 -14.66
N ALA B 325 33.58 -8.58 -15.65
CA ALA B 325 32.35 -7.81 -15.52
C ALA B 325 31.19 -8.56 -16.14
N LEU B 326 29.99 -8.28 -15.61
CA LEU B 326 28.76 -8.79 -16.19
C LEU B 326 28.20 -7.73 -17.14
N VAL B 327 28.02 -8.11 -18.41
CA VAL B 327 27.57 -7.19 -19.45
C VAL B 327 26.31 -7.78 -20.10
N GLY B 328 25.26 -6.98 -20.19
CA GLY B 328 24.04 -7.40 -20.83
C GLY B 328 22.86 -6.58 -20.34
N ASP B 329 21.67 -7.03 -20.74
CA ASP B 329 20.42 -6.42 -20.32
C ASP B 329 20.08 -6.89 -18.91
N PRO B 330 19.07 -6.29 -18.26
CA PRO B 330 18.77 -6.69 -16.88
C PRO B 330 18.45 -8.17 -16.70
N GLN B 331 17.73 -8.78 -17.65
CA GLN B 331 17.42 -10.20 -17.51
C GLN B 331 18.66 -11.06 -17.63
N GLN B 332 19.57 -10.69 -18.53
CA GLN B 332 20.82 -11.43 -18.68
C GLN B 332 21.69 -11.28 -17.42
N VAL B 333 21.80 -10.06 -16.89
CA VAL B 333 22.60 -9.85 -15.70
C VAL B 333 21.98 -10.53 -14.49
N ALA B 334 20.66 -10.44 -14.34
CA ALA B 334 19.99 -11.11 -13.23
C ALA B 334 20.11 -12.63 -13.33
N ALA B 335 20.16 -13.16 -14.56
CA ALA B 335 20.27 -14.60 -14.73
C ALA B 335 21.63 -15.12 -14.27
N ARG B 336 22.71 -14.38 -14.56
CA ARG B 336 24.03 -14.78 -14.08
C ARG B 336 24.14 -14.69 -12.57
N ILE B 337 23.45 -13.72 -11.95
CA ILE B 337 23.43 -13.64 -10.50
C ILE B 337 22.73 -14.84 -9.89
N LYS B 338 21.63 -15.29 -10.49
CA LYS B 338 20.96 -16.49 -9.99
C LYS B 338 21.85 -17.72 -10.11
N GLU B 339 22.69 -17.78 -11.14
CA GLU B 339 23.63 -18.89 -11.27
C GLU B 339 24.65 -18.91 -10.15
N TYR B 340 25.18 -17.73 -9.79
CA TYR B 340 26.15 -17.66 -8.70
C TYR B 340 25.49 -17.97 -7.36
N ALA B 341 24.27 -17.48 -7.15
CA ALA B 341 23.57 -17.78 -5.90
C ALA B 341 23.23 -19.27 -5.80
N ASP B 342 22.96 -19.93 -6.95
CA ASP B 342 22.69 -21.35 -6.93
C ASP B 342 23.90 -22.18 -6.51
N LEU B 343 25.10 -21.62 -6.63
CA LEU B 343 26.30 -22.31 -6.17
C LEU B 343 26.55 -22.11 -4.68
N GLY B 344 25.83 -21.19 -4.04
CA GLY B 344 26.01 -20.89 -2.63
C GLY B 344 26.56 -19.51 -2.32
N ILE B 345 26.65 -18.63 -3.31
CA ILE B 345 27.18 -17.28 -3.09
C ILE B 345 26.05 -16.38 -2.61
N GLU B 346 26.28 -15.70 -1.48
CA GLU B 346 25.29 -14.83 -0.87
C GLU B 346 25.69 -13.36 -0.85
N SER B 347 26.97 -13.05 -1.01
CA SER B 347 27.44 -11.66 -1.06
C SER B 347 27.90 -11.33 -2.47
N PHE B 348 27.48 -10.16 -2.96
CA PHE B 348 27.88 -9.68 -4.27
C PHE B 348 28.41 -8.27 -4.13
N ILE B 349 29.65 -8.05 -4.53
CA ILE B 349 30.29 -6.74 -4.44
C ILE B 349 30.47 -6.25 -5.87
N PHE B 350 29.65 -5.28 -6.27
CA PHE B 350 29.61 -4.77 -7.63
C PHE B 350 30.31 -3.42 -7.75
N SER B 351 30.64 -3.07 -9.00
CA SER B 351 31.25 -1.79 -9.31
C SER B 351 30.88 -1.41 -10.74
N GLY B 352 31.02 -0.12 -11.04
CA GLY B 352 30.72 0.39 -12.37
C GLY B 352 31.32 1.77 -12.54
N TYR B 353 31.54 2.14 -13.80
CA TYR B 353 32.15 3.43 -14.11
C TYR B 353 31.13 4.32 -14.80
N PRO B 354 30.83 5.52 -14.28
CA PRO B 354 31.32 6.04 -13.00
C PRO B 354 30.54 5.43 -11.83
N HIS B 355 31.12 5.45 -10.63
CA HIS B 355 30.52 4.74 -9.51
C HIS B 355 29.28 5.42 -8.97
N LEU B 356 29.11 6.72 -9.20
CA LEU B 356 27.89 7.38 -8.76
C LEU B 356 26.72 7.03 -9.68
N GLU B 357 26.85 7.31 -10.99
CA GLU B 357 25.76 7.08 -11.92
C GLU B 357 25.39 5.61 -11.99
N GLU B 358 26.39 4.73 -12.08
CA GLU B 358 26.12 3.30 -12.25
C GLU B 358 25.48 2.68 -11.00
N ALA B 359 25.70 3.27 -9.83
CA ALA B 359 25.02 2.75 -8.64
C ALA B 359 23.52 2.93 -8.77
N TYR B 360 23.08 4.05 -9.35
CA TYR B 360 21.65 4.23 -9.62
C TYR B 360 21.21 3.31 -10.75
N ARG B 361 22.05 3.11 -11.76
CA ARG B 361 21.68 2.25 -12.89
C ARG B 361 21.45 0.82 -12.44
N PHE B 362 22.35 0.27 -11.64
CA PHE B 362 22.18 -1.10 -11.16
C PHE B 362 20.96 -1.21 -10.25
N ALA B 363 20.71 -0.19 -9.42
CA ALA B 363 19.59 -0.25 -8.49
C ALA B 363 18.26 -0.19 -9.21
N GLU B 364 18.16 0.61 -10.27
CA GLU B 364 16.89 0.76 -10.95
C GLU B 364 16.63 -0.37 -11.94
N LEU B 365 17.67 -1.01 -12.46
CA LEU B 365 17.52 -2.02 -13.51
C LEU B 365 17.56 -3.45 -12.99
N VAL B 366 18.34 -3.73 -11.95
CA VAL B 366 18.60 -5.10 -11.52
C VAL B 366 17.90 -5.43 -10.21
N PHE B 367 17.82 -4.46 -9.29
CA PHE B 367 17.11 -4.67 -8.03
C PHE B 367 15.71 -5.25 -8.18
N PRO B 368 14.86 -4.80 -9.12
CA PRO B 368 13.53 -5.43 -9.24
C PRO B 368 13.57 -6.90 -9.61
N LEU B 369 14.67 -7.39 -10.17
CA LEU B 369 14.79 -8.78 -10.57
C LEU B 369 15.50 -9.64 -9.54
N LEU B 370 15.94 -9.06 -8.43
CA LEU B 370 16.61 -9.76 -7.35
C LEU B 370 15.61 -10.11 -6.25
N PRO B 371 15.98 -10.99 -5.34
CA PRO B 371 15.08 -11.33 -4.23
C PRO B 371 14.88 -10.14 -3.31
N GLU B 372 13.92 -10.27 -2.40
CA GLU B 372 13.68 -9.26 -1.40
C GLU B 372 14.93 -9.15 -0.50
N PRO B 373 15.21 -7.97 0.06
CA PRO B 373 14.40 -6.75 0.00
C PRO B 373 14.64 -5.88 -1.23
N TYR B 374 15.59 -6.29 -2.07
CA TYR B 374 15.97 -5.46 -3.20
C TYR B 374 14.86 -5.33 -4.24
N ALA B 375 13.96 -6.31 -4.31
CA ALA B 375 12.86 -6.24 -5.28
C ALA B 375 11.88 -5.12 -4.92
N SER B 376 11.73 -4.80 -3.65
CA SER B 376 10.76 -3.81 -3.19
C SER B 376 11.34 -2.41 -3.05
N LEU B 377 12.66 -2.24 -3.12
CA LEU B 377 13.27 -0.91 -2.99
C LEU B 377 13.14 -0.07 -4.27
N SER C 23 30.86 37.74 -17.62
CA SER C 23 30.13 37.39 -16.40
C SER C 23 28.98 36.44 -16.71
N MET C 24 28.79 35.45 -15.83
CA MET C 24 27.80 34.40 -16.05
C MET C 24 27.54 33.57 -14.80
N ASP C 25 26.26 33.40 -14.46
CA ASP C 25 25.83 32.58 -13.34
C ASP C 25 25.05 31.40 -13.89
N VAL C 26 25.57 30.19 -13.66
CA VAL C 26 24.94 28.96 -14.13
C VAL C 26 24.28 28.28 -12.95
N PHE C 27 22.96 28.18 -12.98
CA PHE C 27 22.16 27.54 -11.94
C PHE C 27 21.77 26.14 -12.37
N TRP C 28 21.41 25.32 -11.37
CA TRP C 28 20.75 24.05 -11.62
C TRP C 28 19.35 24.11 -11.02
N PHE C 29 18.72 22.95 -10.83
CA PHE C 29 17.31 22.88 -10.46
C PHE C 29 17.10 21.75 -9.45
N LEU C 30 16.35 22.02 -8.38
CA LEU C 30 15.97 21.00 -7.41
C LEU C 30 14.59 20.46 -7.75
N PRO C 31 14.46 19.19 -8.06
CA PRO C 31 13.14 18.64 -8.45
C PRO C 31 12.25 18.35 -7.26
N THR C 32 11.81 19.41 -6.58
CA THR C 32 10.96 19.23 -5.41
C THR C 32 9.54 18.79 -5.76
N HIS C 33 9.22 18.63 -7.04
CA HIS C 33 7.95 18.07 -7.45
C HIS C 33 8.06 16.63 -7.92
N GLY C 34 9.26 16.03 -7.84
CA GLY C 34 9.48 14.69 -8.32
C GLY C 34 10.50 14.62 -9.43
N ASP C 35 11.17 13.49 -9.60
CA ASP C 35 12.17 13.32 -10.63
C ASP C 35 11.96 11.98 -11.32
N GLY C 36 12.71 11.76 -12.39
CA GLY C 36 12.62 10.51 -13.12
C GLY C 36 13.39 10.59 -14.42
N HIS C 37 13.22 9.54 -15.23
CA HIS C 37 13.86 9.45 -16.53
C HIS C 37 12.95 9.85 -17.69
N TYR C 38 11.65 9.64 -17.59
CA TYR C 38 10.74 9.88 -18.71
C TYR C 38 9.50 10.64 -18.25
N LEU C 39 8.93 11.40 -19.19
CA LEU C 39 7.72 12.16 -18.93
C LEU C 39 6.48 11.39 -19.34
N GLY C 40 5.38 11.63 -18.62
CA GLY C 40 4.12 10.97 -18.92
C GLY C 40 4.02 9.54 -18.43
N THR C 41 4.87 9.17 -17.47
CA THR C 41 4.90 7.80 -16.94
C THR C 41 5.45 7.81 -15.53
N THR C 42 5.03 6.81 -14.75
CA THR C 42 5.59 6.56 -13.42
C THR C 42 6.78 5.61 -13.48
N GLN C 43 7.12 5.10 -14.66
CA GLN C 43 8.26 4.20 -14.79
C GLN C 43 9.56 4.98 -14.59
N GLY C 44 10.41 4.47 -13.70
CA GLY C 44 11.69 5.10 -13.42
C GLY C 44 11.59 6.42 -12.68
N ALA C 45 10.52 6.62 -11.91
CA ALA C 45 10.33 7.87 -11.19
C ALA C 45 11.08 7.85 -9.86
N ARG C 46 11.56 9.02 -9.46
CA ARG C 46 12.26 9.19 -8.18
C ARG C 46 11.46 10.13 -7.28
N PRO C 47 10.89 9.64 -6.19
CA PRO C 47 10.09 10.50 -5.32
C PRO C 47 10.96 11.47 -4.53
N VAL C 48 10.35 12.58 -4.14
CA VAL C 48 11.04 13.63 -3.40
C VAL C 48 11.30 13.13 -1.98
N THR C 49 12.56 12.87 -1.65
CA THR C 49 12.97 12.51 -0.30
C THR C 49 14.11 13.41 0.14
N LEU C 50 14.31 13.49 1.46
CA LEU C 50 15.43 14.26 1.99
C LEU C 50 16.76 13.76 1.43
N ASN C 51 16.93 12.44 1.35
CA ASN C 51 18.18 11.88 0.85
C ASN C 51 18.42 12.28 -0.60
N TYR C 52 17.40 12.17 -1.44
CA TYR C 52 17.59 12.49 -2.85
C TYR C 52 17.76 13.99 -3.08
N LEU C 53 17.13 14.82 -2.24
CA LEU C 53 17.37 16.25 -2.33
C LEU C 53 18.79 16.62 -1.94
N LYS C 54 19.34 15.97 -0.90
CA LYS C 54 20.74 16.17 -0.53
C LYS C 54 21.67 15.80 -1.67
N GLN C 55 21.36 14.69 -2.35
CA GLN C 55 22.21 14.24 -3.46
C GLN C 55 22.32 15.32 -4.52
N VAL C 56 21.18 15.87 -4.95
CA VAL C 56 21.18 16.87 -6.01
C VAL C 56 21.82 18.17 -5.53
N ALA C 57 21.44 18.62 -4.33
CA ALA C 57 21.97 19.88 -3.82
C ALA C 57 23.47 19.79 -3.62
N GLN C 58 23.94 18.71 -2.99
CA GLN C 58 25.38 18.56 -2.80
C GLN C 58 26.10 18.31 -4.12
N ALA C 59 25.41 17.72 -5.10
CA ALA C 59 25.99 17.58 -6.43
C ALA C 59 26.26 18.95 -7.03
N ALA C 60 25.24 19.81 -7.05
CA ALA C 60 25.40 21.16 -7.57
C ALA C 60 26.42 21.96 -6.77
N ASP C 61 26.47 21.74 -5.45
CA ASP C 61 27.44 22.43 -4.62
C ASP C 61 28.86 22.09 -5.03
N SER C 62 29.18 20.80 -5.11
CA SER C 62 30.55 20.38 -5.37
C SER C 62 30.96 20.59 -6.83
N LEU C 63 30.00 20.57 -7.76
CA LEU C 63 30.33 20.74 -9.17
C LEU C 63 30.61 22.19 -9.53
N GLY C 64 30.20 23.14 -8.70
CA GLY C 64 30.49 24.54 -8.94
C GLY C 64 29.37 25.36 -9.52
N TYR C 65 28.14 24.84 -9.55
CA TYR C 65 27.01 25.66 -10.00
C TYR C 65 26.84 26.84 -9.06
N HIS C 66 26.46 27.99 -9.63
CA HIS C 66 26.29 29.19 -8.81
C HIS C 66 25.18 29.01 -7.78
N GLY C 67 24.07 28.41 -8.19
CA GLY C 67 22.98 28.16 -7.29
C GLY C 67 22.04 27.13 -7.85
N VAL C 68 20.89 27.00 -7.18
CA VAL C 68 19.86 26.03 -7.58
C VAL C 68 18.50 26.70 -7.39
N LEU C 69 17.61 26.49 -8.37
CA LEU C 69 16.27 27.06 -8.33
C LEU C 69 15.31 26.05 -7.73
N ILE C 70 14.46 26.51 -6.81
CA ILE C 70 13.49 25.65 -6.14
C ILE C 70 12.10 26.10 -6.61
N PRO C 71 11.35 25.25 -7.32
CA PRO C 71 10.01 25.64 -7.76
C PRO C 71 9.03 25.67 -6.59
N THR C 72 7.87 26.26 -6.84
CA THR C 72 6.82 26.37 -5.84
C THR C 72 5.49 25.96 -6.47
N GLY C 73 4.49 25.78 -5.61
CA GLY C 73 3.16 25.41 -6.06
C GLY C 73 2.60 24.23 -5.27
N ARG C 74 1.33 23.95 -5.54
CA ARG C 74 0.65 22.87 -4.84
C ARG C 74 1.27 21.51 -5.15
N SER C 75 1.89 21.38 -6.32
CA SER C 75 2.50 20.13 -6.74
C SER C 75 3.93 19.96 -6.22
N CYS C 76 4.43 20.90 -5.44
CA CYS C 76 5.77 20.83 -4.88
C CYS C 76 5.69 20.73 -3.36
N GLU C 77 6.74 20.17 -2.77
CA GLU C 77 6.97 20.36 -1.34
C GLU C 77 7.38 21.81 -1.08
N ASP C 78 7.24 22.24 0.18
CA ASP C 78 7.45 23.64 0.52
C ASP C 78 8.90 24.06 0.31
N SER C 79 9.09 25.18 -0.40
CA SER C 79 10.42 25.63 -0.77
C SER C 79 11.24 26.03 0.45
N TRP C 80 10.60 26.71 1.41
CA TRP C 80 11.35 27.25 2.55
C TRP C 80 11.85 26.15 3.47
N VAL C 81 11.04 25.11 3.70
CA VAL C 81 11.50 23.99 4.52
C VAL C 81 12.69 23.30 3.89
N ILE C 82 12.63 23.07 2.58
CA ILE C 82 13.69 22.34 1.90
C ILE C 82 14.97 23.17 1.81
N ALA C 83 14.85 24.45 1.43
CA ALA C 83 16.03 25.30 1.36
C ALA C 83 16.71 25.43 2.72
N SER C 84 15.91 25.58 3.78
CA SER C 84 16.50 25.69 5.12
C SER C 84 17.15 24.38 5.53
N ALA C 85 16.59 23.25 5.09
CA ALA C 85 17.15 21.95 5.44
C ALA C 85 18.47 21.69 4.73
N LEU C 86 18.65 22.23 3.52
CA LEU C 86 19.84 21.99 2.74
C LEU C 86 20.94 23.01 2.99
N VAL C 87 20.61 24.16 3.58
CA VAL C 87 21.63 25.19 3.84
C VAL C 87 22.79 24.70 4.68
N PRO C 88 22.59 24.10 5.86
CA PRO C 88 23.74 23.61 6.63
C PRO C 88 24.42 22.37 6.04
N LEU C 89 23.91 21.79 4.96
CA LEU C 89 24.53 20.63 4.33
C LEU C 89 25.31 20.97 3.07
N THR C 90 25.41 22.26 2.74
CA THR C 90 26.12 22.71 1.55
C THR C 90 27.01 23.89 1.94
N GLU C 91 28.04 24.12 1.13
CA GLU C 91 29.08 25.08 1.46
C GLU C 91 28.90 26.41 0.72
N ARG C 92 28.91 26.37 -0.61
CA ARG C 92 28.83 27.58 -1.42
C ARG C 92 27.53 27.74 -2.20
N LEU C 93 26.76 26.66 -2.36
CA LEU C 93 25.60 26.71 -3.24
C LEU C 93 24.57 27.71 -2.74
N ARG C 94 24.07 28.55 -3.65
CA ARG C 94 23.02 29.50 -3.34
C ARG C 94 21.67 28.88 -3.69
N TYR C 95 20.61 29.39 -3.04
CA TYR C 95 19.27 28.85 -3.17
C TYR C 95 18.32 29.95 -3.63
N LEU C 96 17.68 29.74 -4.79
CA LEU C 96 16.68 30.66 -5.33
C LEU C 96 15.31 30.18 -4.88
N VAL C 97 14.80 30.78 -3.80
CA VAL C 97 13.58 30.36 -3.13
C VAL C 97 12.46 31.33 -3.48
N ALA C 98 11.25 30.80 -3.66
CA ALA C 98 10.12 31.59 -4.08
C ALA C 98 9.37 32.18 -2.87
N ILE C 99 8.96 33.45 -3.01
CA ILE C 99 7.99 34.06 -2.11
C ILE C 99 6.73 34.34 -2.90
N ARG C 100 5.57 34.15 -2.25
CA ARG C 100 4.27 34.34 -2.90
C ARG C 100 3.52 35.47 -2.20
N PRO C 101 3.55 36.69 -2.73
CA PRO C 101 2.72 37.75 -2.14
C PRO C 101 1.25 37.40 -2.21
N GLY C 102 0.51 37.79 -1.18
CA GLY C 102 -0.89 37.51 -1.09
C GLY C 102 -1.25 36.33 -0.21
N ILE C 103 -0.28 35.48 0.13
CA ILE C 103 -0.52 34.34 1.00
C ILE C 103 0.29 34.38 2.29
N ILE C 104 1.10 35.42 2.49
CA ILE C 104 1.87 35.57 3.72
C ILE C 104 2.06 37.06 3.99
N SER C 105 2.13 37.40 5.28
CA SER C 105 2.40 38.77 5.67
C SER C 105 3.77 39.21 5.15
N PRO C 106 3.90 40.45 4.67
CA PRO C 106 5.22 40.90 4.20
C PRO C 106 6.28 40.91 5.29
N THR C 107 5.90 41.34 6.50
CA THR C 107 6.86 41.40 7.60
C THR C 107 7.36 40.00 7.95
N VAL C 108 6.44 39.03 8.03
CA VAL C 108 6.82 37.67 8.35
C VAL C 108 7.73 37.10 7.27
N SER C 109 7.38 37.35 6.01
CA SER C 109 8.23 36.90 4.92
C SER C 109 9.63 37.52 5.02
N ALA C 110 9.71 38.79 5.40
CA ALA C 110 11.00 39.45 5.51
C ALA C 110 11.84 38.81 6.61
N ARG C 111 11.22 38.48 7.74
CA ARG C 111 11.98 37.83 8.81
C ARG C 111 12.45 36.44 8.40
N MET C 112 11.63 35.71 7.63
CA MET C 112 12.06 34.42 7.12
C MET C 112 13.27 34.57 6.19
N ALA C 113 13.21 35.54 5.27
CA ALA C 113 14.34 35.78 4.39
C ALA C 113 15.57 36.17 5.20
N ALA C 114 15.39 37.03 6.20
CA ALA C 114 16.53 37.45 7.01
C ALA C 114 17.14 36.27 7.74
N THR C 115 16.31 35.41 8.33
CA THR C 115 16.84 34.28 9.08
C THR C 115 17.59 33.32 8.17
N LEU C 116 16.99 32.94 7.04
CA LEU C 116 17.65 31.98 6.15
C LEU C 116 18.91 32.57 5.55
N ASP C 117 18.91 33.87 5.24
CA ASP C 117 20.12 34.50 4.72
C ASP C 117 21.24 34.54 5.76
N ARG C 118 20.91 34.67 7.04
CA ARG C 118 21.95 34.71 8.06
C ARG C 118 22.54 33.32 8.30
N LEU C 119 21.68 32.31 8.42
CA LEU C 119 22.17 30.95 8.62
C LEU C 119 23.00 30.48 7.43
N SER C 120 22.66 30.94 6.23
CA SER C 120 23.34 30.54 5.00
C SER C 120 24.58 31.37 4.70
N ASN C 121 24.86 32.40 5.50
CA ASN C 121 26.00 33.30 5.26
C ASN C 121 25.89 34.00 3.90
N GLY C 122 24.68 34.48 3.58
CA GLY C 122 24.48 35.27 2.38
C GLY C 122 24.29 34.49 1.10
N ARG C 123 23.64 33.32 1.16
CA ARG C 123 23.46 32.47 -0.01
C ARG C 123 22.00 32.37 -0.44
N LEU C 124 21.16 33.29 0.02
CA LEU C 124 19.74 33.26 -0.30
C LEU C 124 19.45 34.15 -1.50
N LEU C 125 18.67 33.64 -2.44
CA LEU C 125 18.15 34.42 -3.56
C LEU C 125 16.63 34.26 -3.59
N ILE C 126 15.92 35.36 -3.84
CA ILE C 126 14.47 35.40 -3.74
C ILE C 126 13.86 35.43 -5.13
N ASN C 127 12.91 34.53 -5.38
CA ASN C 127 12.17 34.49 -6.64
C ASN C 127 10.75 34.95 -6.35
N VAL C 128 10.36 36.07 -6.94
CA VAL C 128 9.04 36.67 -6.72
C VAL C 128 8.05 36.00 -7.67
N VAL C 129 7.09 35.27 -7.11
CA VAL C 129 6.10 34.55 -7.88
C VAL C 129 4.72 35.13 -7.54
N THR C 130 4.03 35.67 -8.55
CA THR C 130 2.75 36.29 -8.29
C THR C 130 1.61 35.28 -8.24
N GLY C 131 1.75 34.14 -8.91
CA GLY C 131 0.73 33.10 -8.86
C GLY C 131 -0.30 33.21 -9.96
N GLY C 132 -0.20 32.36 -10.96
CA GLY C 132 -1.08 32.45 -12.12
C GLY C 132 -2.34 31.60 -12.05
N ASP C 133 -2.22 30.37 -11.56
CA ASP C 133 -3.32 29.41 -11.59
C ASP C 133 -4.46 29.84 -10.67
N PRO C 134 -5.64 30.17 -11.19
CA PRO C 134 -6.72 30.63 -10.32
C PRO C 134 -7.25 29.57 -9.37
N ASP C 135 -7.30 28.30 -9.81
CA ASP C 135 -7.76 27.25 -8.91
C ASP C 135 -6.82 27.09 -7.71
N GLU C 136 -5.52 27.16 -7.96
CA GLU C 136 -4.56 27.05 -6.87
C GLU C 136 -4.59 28.28 -5.97
N ASN C 137 -4.76 29.46 -6.56
CA ASN C 137 -4.83 30.68 -5.75
C ASN C 137 -6.08 30.70 -4.87
N ARG C 138 -7.23 30.30 -5.42
CA ARG C 138 -8.44 30.21 -4.62
C ARG C 138 -8.31 29.12 -3.55
N GLY C 139 -7.58 28.06 -3.85
CA GLY C 139 -7.33 27.04 -2.84
C GLY C 139 -6.54 27.56 -1.66
N ASP C 140 -5.74 28.60 -1.87
CA ASP C 140 -4.97 29.21 -0.79
C ASP C 140 -5.70 30.36 -0.12
N GLY C 141 -6.88 30.74 -0.63
CA GLY C 141 -7.66 31.82 -0.06
C GLY C 141 -7.49 33.18 -0.71
N SER C 142 -6.82 33.24 -1.86
CA SER C 142 -6.56 34.51 -2.55
C SER C 142 -7.49 34.60 -3.76
N PHE C 143 -8.32 35.66 -3.78
CA PHE C 143 -9.30 35.89 -4.84
C PHE C 143 -9.00 37.25 -5.46
N LEU C 144 -8.07 37.28 -6.40
CA LEU C 144 -7.62 38.53 -7.00
C LEU C 144 -7.61 38.41 -8.51
N SER C 145 -7.97 39.50 -9.18
CA SER C 145 -7.89 39.56 -10.63
C SER C 145 -6.43 39.70 -11.05
N HIS C 146 -6.20 39.67 -12.37
CA HIS C 146 -4.83 39.79 -12.86
C HIS C 146 -4.21 41.11 -12.44
N SER C 147 -4.96 42.22 -12.59
CA SER C 147 -4.42 43.52 -12.19
C SER C 147 -4.25 43.61 -10.68
N GLU C 148 -5.20 43.06 -9.92
CA GLU C 148 -5.08 43.10 -8.47
C GLU C 148 -3.92 42.27 -7.98
N ARG C 149 -3.60 41.18 -8.69
CA ARG C 149 -2.50 40.32 -8.29
C ARG C 149 -1.18 41.07 -8.32
N TYR C 150 -0.96 41.89 -9.36
CA TYR C 150 0.29 42.65 -9.42
C TYR C 150 0.27 43.86 -8.48
N GLU C 151 -0.91 44.40 -8.18
CA GLU C 151 -1.00 45.46 -7.19
C GLU C 151 -0.56 44.95 -5.82
N VAL C 152 -0.95 43.73 -5.45
CA VAL C 152 -0.54 43.18 -4.17
C VAL C 152 0.97 42.96 -4.13
N THR C 153 1.54 42.42 -5.22
CA THR C 153 2.97 42.19 -5.26
C THR C 153 3.75 43.50 -5.14
N ASP C 154 3.26 44.55 -5.81
CA ASP C 154 3.92 45.85 -5.74
C ASP C 154 3.96 46.38 -4.31
N GLU C 155 2.84 46.36 -3.61
CA GLU C 155 2.82 46.82 -2.23
C GLU C 155 3.58 45.87 -1.31
N PHE C 156 3.55 44.57 -1.62
CA PHE C 156 4.30 43.59 -0.82
C PHE C 156 5.80 43.88 -0.89
N LEU C 157 6.34 44.03 -2.10
CA LEU C 157 7.77 44.23 -2.26
C LEU C 157 8.25 45.53 -1.62
N LYS C 158 7.43 46.58 -1.64
CA LYS C 158 7.84 47.83 -1.02
C LYS C 158 7.98 47.70 0.49
N ILE C 159 7.03 47.04 1.15
CA ILE C 159 7.13 46.80 2.59
C ILE C 159 8.31 45.86 2.87
N TRP C 160 8.42 44.79 2.08
CA TRP C 160 9.46 43.79 2.27
C TRP C 160 10.84 44.42 2.16
N ARG C 161 11.07 45.22 1.11
CA ARG C 161 12.39 45.82 0.91
C ARG C 161 12.72 46.83 2.00
N ARG C 162 11.75 47.65 2.40
CA ARG C 162 12.04 48.69 3.40
C ARG C 162 12.25 48.08 4.79
N VAL C 163 11.50 47.05 5.13
CA VAL C 163 11.65 46.44 6.44
C VAL C 163 13.04 45.82 6.60
N LEU C 164 13.53 45.14 5.56
CA LEU C 164 14.83 44.50 5.61
C LEU C 164 15.98 45.49 5.65
N GLN C 165 15.73 46.77 5.41
CA GLN C 165 16.76 47.79 5.47
C GLN C 165 16.79 48.52 6.81
N GLY C 166 16.12 48.00 7.83
CA GLY C 166 16.19 48.57 9.15
C GLY C 166 15.15 49.63 9.45
N GLU C 167 14.21 49.85 8.54
CA GLU C 167 13.18 50.86 8.71
C GLU C 167 11.97 50.27 9.42
N ALA C 168 11.44 51.01 10.38
CA ALA C 168 10.14 50.74 10.97
C ALA C 168 9.08 51.28 10.03
N VAL C 169 8.42 50.40 9.30
CA VAL C 169 7.59 50.79 8.15
C VAL C 169 6.15 51.06 8.59
N ASP C 170 5.64 52.23 8.20
CA ASP C 170 4.22 52.54 8.23
C ASP C 170 3.74 52.60 6.78
N PHE C 171 2.84 51.70 6.42
CA PHE C 171 2.36 51.59 5.05
C PHE C 171 0.87 51.29 5.08
N GLU C 172 0.10 52.05 4.32
CA GLU C 172 -1.33 51.80 4.17
C GLU C 172 -1.67 51.95 2.69
N GLY C 173 -1.77 50.82 1.98
CA GLY C 173 -2.05 50.81 0.58
C GLY C 173 -3.45 50.31 0.26
N LYS C 174 -3.66 49.98 -1.01
CA LYS C 174 -4.96 49.46 -1.44
C LYS C 174 -5.21 48.06 -0.90
N HIS C 175 -4.17 47.24 -0.79
CA HIS C 175 -4.31 45.85 -0.40
C HIS C 175 -3.65 45.52 0.93
N LEU C 176 -2.50 46.12 1.23
CA LEU C 176 -1.75 45.81 2.43
C LEU C 176 -1.66 47.03 3.33
N LYS C 177 -1.59 46.78 4.63
CA LYS C 177 -1.52 47.84 5.63
C LYS C 177 -0.68 47.34 6.79
N VAL C 178 0.40 48.05 7.11
CA VAL C 178 1.24 47.74 8.25
C VAL C 178 1.52 49.01 9.02
N GLN C 179 1.68 48.87 10.34
CA GLN C 179 1.99 49.98 11.23
C GLN C 179 3.10 49.54 12.17
N ASN C 180 4.27 50.18 12.05
CA ASN C 180 5.45 49.87 12.87
C ASN C 180 5.96 48.46 12.57
N ALA C 181 6.09 48.15 11.28
CA ALA C 181 6.62 46.85 10.87
C ALA C 181 8.13 46.86 10.99
N LYS C 182 8.68 45.91 11.75
CA LYS C 182 10.12 45.87 11.97
C LYS C 182 10.62 44.43 11.85
N ALA C 183 11.80 44.29 11.26
CA ALA C 183 12.56 43.04 11.28
C ALA C 183 13.84 43.31 12.06
N LEU C 184 13.93 42.77 13.27
CA LEU C 184 15.02 43.13 14.18
C LEU C 184 16.36 42.53 13.77
N TYR C 185 16.38 41.47 12.96
CA TYR C 185 17.63 40.83 12.60
C TYR C 185 18.01 41.20 11.17
N PRO C 186 19.14 41.89 10.97
CA PRO C 186 19.48 42.36 9.62
C PRO C 186 19.96 41.21 8.75
N PRO C 187 19.76 41.31 7.43
CA PRO C 187 20.28 40.28 6.52
C PRO C 187 21.78 40.44 6.34
N VAL C 188 22.39 39.39 5.78
CA VAL C 188 23.82 39.45 5.44
C VAL C 188 24.03 40.23 4.16
N GLN C 189 23.25 39.91 3.13
CA GLN C 189 23.33 40.63 1.86
C GLN C 189 22.59 41.96 1.95
N LYS C 190 23.25 43.03 1.48
CA LYS C 190 22.72 44.39 1.47
C LYS C 190 22.36 44.84 0.05
N PRO C 191 21.25 45.58 -0.11
CA PRO C 191 20.36 46.00 0.97
C PRO C 191 19.47 44.87 1.46
N TYR C 192 19.32 43.85 0.62
CA TYR C 192 18.49 42.69 0.92
C TYR C 192 18.87 41.58 -0.06
N PRO C 193 18.43 40.34 0.19
CA PRO C 193 18.71 39.26 -0.76
C PRO C 193 18.19 39.61 -2.16
N PRO C 194 18.98 39.33 -3.20
CA PRO C 194 18.59 39.74 -4.55
C PRO C 194 17.24 39.18 -4.96
N LEU C 195 16.46 40.01 -5.68
CA LEU C 195 15.10 39.68 -6.09
C LEU C 195 15.09 39.26 -7.56
N TYR C 196 14.61 38.05 -7.82
CA TYR C 196 14.39 37.54 -9.17
C TYR C 196 12.89 37.56 -9.48
N PHE C 197 12.54 37.85 -10.73
CA PHE C 197 11.14 38.03 -11.09
C PHE C 197 10.92 37.68 -12.56
N GLY C 198 9.84 36.95 -12.83
CA GLY C 198 9.46 36.64 -14.20
C GLY C 198 8.05 37.06 -14.54
N GLY C 199 7.75 37.19 -15.84
CA GLY C 199 6.44 37.61 -16.29
C GLY C 199 6.55 38.59 -17.44
N SER C 200 5.78 38.38 -18.51
CA SER C 200 5.90 39.18 -19.72
C SER C 200 4.80 40.21 -19.91
N SER C 201 3.82 40.28 -19.01
CA SER C 201 2.75 41.27 -19.15
C SER C 201 3.28 42.69 -18.97
N ASP C 202 2.47 43.65 -19.40
CA ASP C 202 2.82 45.05 -19.24
C ASP C 202 2.99 45.42 -17.77
N ALA C 203 2.06 44.97 -16.92
CA ALA C 203 2.17 45.25 -15.49
C ALA C 203 3.37 44.55 -14.86
N ALA C 204 3.73 43.37 -15.36
CA ALA C 204 4.89 42.66 -14.84
C ALA C 204 6.18 43.40 -15.18
N HIS C 205 6.29 43.91 -16.41
CA HIS C 205 7.51 44.62 -16.80
C HIS C 205 7.66 45.92 -16.02
N ASP C 206 6.55 46.60 -15.72
CA ASP C 206 6.62 47.79 -14.88
C ASP C 206 7.09 47.44 -13.48
N LEU C 207 6.61 46.33 -12.94
CA LEU C 207 7.04 45.91 -11.61
C LEU C 207 8.50 45.49 -11.61
N ALA C 208 8.94 44.78 -12.65
CA ALA C 208 10.33 44.35 -12.73
C ALA C 208 11.28 45.54 -12.84
N ALA C 209 10.95 46.49 -13.69
CA ALA C 209 11.84 47.63 -13.93
C ALA C 209 11.99 48.52 -12.71
N GLU C 210 11.07 48.44 -11.76
CA GLU C 210 11.06 49.37 -10.63
C GLU C 210 11.64 48.79 -9.36
N GLN C 211 11.47 47.48 -9.09
CA GLN C 211 11.80 46.94 -7.77
C GLN C 211 12.76 45.76 -7.79
N VAL C 212 12.72 44.93 -8.83
CA VAL C 212 13.45 43.67 -8.80
C VAL C 212 14.88 43.86 -9.29
N ASP C 213 15.72 42.83 -9.07
CA ASP C 213 17.13 42.87 -9.41
C ASP C 213 17.46 42.11 -10.68
N VAL C 214 16.79 40.98 -10.93
CA VAL C 214 17.03 40.14 -12.09
C VAL C 214 15.69 39.83 -12.73
N TYR C 215 15.56 40.08 -14.04
CA TYR C 215 14.37 39.73 -14.78
C TYR C 215 14.61 38.39 -15.48
N LEU C 216 13.65 37.47 -15.34
CA LEU C 216 13.76 36.13 -15.88
C LEU C 216 12.80 35.94 -17.05
N THR C 217 13.21 35.09 -17.99
CA THR C 217 12.37 34.75 -19.13
C THR C 217 12.54 33.28 -19.49
N TRP C 218 11.51 32.72 -20.11
CA TRP C 218 11.54 31.34 -20.56
C TRP C 218 12.36 31.21 -21.84
N GLY C 219 12.61 29.96 -22.25
CA GLY C 219 13.42 29.71 -23.42
C GLY C 219 12.72 29.95 -24.74
N GLU C 220 12.90 31.13 -25.30
CA GLU C 220 12.35 31.50 -26.60
C GLU C 220 13.46 31.70 -27.61
N PRO C 221 13.13 31.78 -28.90
CA PRO C 221 14.15 32.08 -29.90
C PRO C 221 14.85 33.37 -29.58
N PRO C 222 16.12 33.51 -29.98
CA PRO C 222 16.90 34.70 -29.57
C PRO C 222 16.25 36.02 -29.94
N ALA C 223 15.62 36.11 -31.11
CA ALA C 223 14.96 37.35 -31.49
C ALA C 223 13.79 37.66 -30.56
N ALA C 224 13.03 36.63 -30.16
CA ALA C 224 11.90 36.84 -29.25
C ALA C 224 12.38 37.21 -27.85
N VAL C 225 13.52 36.66 -27.42
CA VAL C 225 14.07 37.03 -26.12
C VAL C 225 14.55 38.48 -26.14
N ALA C 226 15.23 38.87 -27.22
CA ALA C 226 15.80 40.21 -27.30
C ALA C 226 14.72 41.29 -27.25
N GLU C 227 13.52 40.98 -27.75
CA GLU C 227 12.44 41.97 -27.70
C GLU C 227 11.98 42.22 -26.27
N LYS C 228 11.83 41.17 -25.47
CA LYS C 228 11.46 41.36 -24.07
C LYS C 228 12.55 42.09 -23.32
N LEU C 229 13.82 41.73 -23.57
CA LEU C 229 14.91 42.36 -22.85
C LEU C 229 14.97 43.85 -23.15
N ALA C 230 14.78 44.22 -24.42
CA ALA C 230 14.80 45.62 -24.80
C ALA C 230 13.66 46.39 -24.13
N ASP C 231 12.51 45.75 -23.94
CA ASP C 231 11.40 46.42 -23.27
C ASP C 231 11.73 46.72 -21.80
N VAL C 232 12.15 45.69 -21.06
CA VAL C 232 12.48 45.89 -19.65
C VAL C 232 13.64 46.87 -19.49
N ARG C 233 14.64 46.76 -20.37
CA ARG C 233 15.79 47.65 -20.30
C ARG C 233 15.39 49.11 -20.54
N GLU C 234 14.40 49.35 -21.41
CA GLU C 234 13.94 50.70 -21.67
C GLU C 234 13.15 51.26 -20.49
N ARG C 235 12.31 50.43 -19.86
CA ARG C 235 11.53 50.87 -18.70
C ARG C 235 12.41 51.12 -17.48
N ALA C 236 13.44 50.28 -17.28
CA ALA C 236 14.32 50.44 -16.13
C ALA C 236 15.18 51.70 -16.24
N ALA C 237 15.54 52.12 -17.46
CA ALA C 237 16.31 53.33 -17.59
C ALA C 237 15.49 54.54 -17.17
N ARG C 238 14.17 54.49 -17.36
CA ARG C 238 13.29 55.56 -16.88
C ARG C 238 13.17 55.59 -15.37
N HIS C 239 13.51 54.50 -14.69
CA HIS C 239 13.56 54.47 -13.24
C HIS C 239 14.97 54.65 -12.68
N GLY C 240 15.95 54.91 -13.54
CA GLY C 240 17.31 55.07 -13.07
C GLY C 240 17.91 53.81 -12.50
N ARG C 241 17.56 52.65 -13.04
CA ARG C 241 18.02 51.37 -12.53
C ARG C 241 18.52 50.54 -13.70
N LYS C 242 19.27 49.49 -13.37
CA LYS C 242 19.61 48.45 -14.32
C LYS C 242 19.25 47.11 -13.68
N VAL C 243 18.61 46.24 -14.45
CA VAL C 243 18.26 44.91 -13.98
C VAL C 243 19.05 43.90 -14.79
N LYS C 244 19.50 42.84 -14.13
CA LYS C 244 20.12 41.76 -14.86
C LYS C 244 19.04 40.86 -15.46
N PHE C 245 19.45 40.04 -16.39
CA PHE C 245 18.51 39.18 -17.09
C PHE C 245 18.96 37.74 -16.98
N GLY C 246 17.99 36.85 -16.86
CA GLY C 246 18.27 35.44 -16.79
C GLY C 246 17.27 34.69 -17.65
N ILE C 247 17.64 33.47 -17.99
CA ILE C 247 16.83 32.64 -18.87
C ILE C 247 16.71 31.26 -18.25
N ARG C 248 15.56 30.64 -18.44
CA ARG C 248 15.26 29.31 -17.93
C ARG C 248 15.28 28.35 -19.11
N LEU C 249 16.09 27.30 -19.01
CA LEU C 249 16.26 26.39 -20.13
C LEU C 249 16.46 24.97 -19.62
N HIS C 250 15.67 24.05 -20.13
CA HIS C 250 15.99 22.65 -19.98
C HIS C 250 17.15 22.32 -20.91
N VAL C 251 17.85 21.22 -20.64
CA VAL C 251 19.04 20.90 -21.44
C VAL C 251 19.17 19.40 -21.59
N ILE C 252 19.33 18.96 -22.85
CA ILE C 252 19.61 17.57 -23.18
C ILE C 252 20.88 17.60 -24.03
N VAL C 253 22.03 17.42 -23.39
CA VAL C 253 23.33 17.48 -24.06
C VAL C 253 23.97 16.10 -24.00
N ARG C 254 24.43 15.61 -25.14
CA ARG C 254 25.11 14.33 -25.24
C ARG C 254 26.42 14.53 -25.99
N GLU C 255 27.18 13.44 -26.14
CA GLU C 255 28.48 13.53 -26.80
C GLU C 255 28.34 13.87 -28.27
N THR C 256 27.32 13.33 -28.94
CA THR C 256 27.04 13.61 -30.34
C THR C 256 25.61 14.11 -30.47
N ALA C 257 25.34 14.78 -31.60
CA ALA C 257 24.00 15.29 -31.84
C ALA C 257 22.98 14.16 -32.01
N GLU C 258 23.43 13.00 -32.52
CA GLU C 258 22.49 11.90 -32.72
C GLU C 258 21.99 11.34 -31.39
N GLU C 259 22.90 11.15 -30.43
CA GLU C 259 22.48 10.65 -29.13
C GLU C 259 21.61 11.65 -28.39
N ALA C 260 21.83 12.95 -28.61
CA ALA C 260 21.05 13.96 -27.90
C ALA C 260 19.61 13.97 -28.36
N TRP C 261 19.37 13.90 -29.67
CA TRP C 261 18.00 13.87 -30.18
C TRP C 261 17.32 12.53 -29.87
N LYS C 262 18.07 11.43 -29.84
CA LYS C 262 17.49 10.16 -29.45
C LYS C 262 17.05 10.18 -27.99
N ALA C 263 17.80 10.87 -27.13
CA ALA C 263 17.40 11.01 -25.73
C ALA C 263 16.18 11.90 -25.59
N ALA C 264 16.05 12.93 -26.44
CA ALA C 264 14.87 13.78 -26.40
C ALA C 264 13.63 13.01 -26.82
N ASP C 265 13.76 12.13 -27.82
CA ASP C 265 12.63 11.30 -28.22
C ASP C 265 12.22 10.36 -27.10
N LYS C 266 13.20 9.74 -26.42
CA LYS C 266 12.89 8.80 -25.35
C LYS C 266 12.23 9.49 -24.17
N LEU C 267 12.46 10.80 -23.98
CA LEU C 267 11.86 11.49 -22.85
C LEU C 267 10.35 11.60 -22.99
N ILE C 268 9.85 11.74 -24.22
CA ILE C 268 8.43 11.93 -24.47
C ILE C 268 7.82 10.74 -25.23
N GLU C 269 8.45 9.56 -25.13
CA GLU C 269 7.92 8.39 -25.83
C GLU C 269 6.54 8.02 -25.30
N HIS C 270 6.36 8.04 -23.98
CA HIS C 270 5.12 7.60 -23.35
C HIS C 270 4.08 8.72 -23.23
N ILE C 271 4.10 9.70 -24.12
CA ILE C 271 3.11 10.75 -24.18
C ILE C 271 2.30 10.58 -25.46
N SER C 272 0.98 10.66 -25.36
CA SER C 272 0.08 10.42 -26.47
C SER C 272 -0.33 11.73 -27.16
N ASP C 273 -0.82 11.59 -28.38
CA ASP C 273 -1.23 12.73 -29.19
C ASP C 273 -2.71 13.04 -29.00
N LEU C 305 8.83 20.11 -33.85
CA LEU C 305 9.13 20.20 -32.43
C LEU C 305 10.35 21.08 -32.14
N GLU C 306 11.29 21.08 -33.07
CA GLU C 306 12.48 21.93 -32.99
C GLU C 306 12.09 23.31 -33.50
N ILE C 307 11.70 24.19 -32.57
CA ILE C 307 11.18 25.51 -32.96
C ILE C 307 12.26 26.48 -33.37
N ALA C 308 13.52 26.13 -33.14
CA ALA C 308 14.66 26.97 -33.49
C ALA C 308 15.90 26.09 -33.48
N PRO C 309 16.99 26.52 -34.14
CA PRO C 309 18.22 25.72 -34.12
C PRO C 309 18.61 25.27 -32.72
N ASN C 310 18.48 23.97 -32.46
CA ASN C 310 18.80 23.33 -31.19
C ASN C 310 17.90 23.77 -30.03
N LEU C 311 16.74 24.33 -30.34
CA LEU C 311 15.78 24.75 -29.32
C LEU C 311 14.53 23.89 -29.48
N TRP C 312 14.34 22.94 -28.57
CA TRP C 312 13.31 21.92 -28.69
C TRP C 312 12.24 22.16 -27.62
N ALA C 313 10.98 22.15 -28.04
CA ALA C 313 9.85 22.46 -27.17
C ALA C 313 9.11 21.21 -26.70
N GLY C 314 9.81 20.07 -26.61
CA GLY C 314 9.15 18.84 -26.22
C GLY C 314 8.81 18.79 -24.74
N VAL C 315 9.61 19.45 -23.90
CA VAL C 315 9.34 19.45 -22.46
C VAL C 315 8.08 20.23 -22.12
N GLY C 316 7.61 21.10 -23.02
CA GLY C 316 6.40 21.87 -22.81
C GLY C 316 5.11 21.08 -22.96
N LEU C 317 5.22 19.75 -23.10
CA LEU C 317 4.03 18.92 -23.25
C LEU C 317 3.39 18.59 -21.92
N VAL C 318 4.17 18.10 -20.95
CA VAL C 318 3.60 17.69 -19.66
C VAL C 318 3.27 18.90 -18.79
N ARG C 319 4.25 19.77 -18.56
CA ARG C 319 4.03 20.95 -17.73
C ARG C 319 4.88 22.13 -18.20
N GLY C 323 9.48 24.96 -20.28
CA GLY C 323 9.31 25.70 -21.52
C GLY C 323 9.91 25.00 -22.72
N THR C 324 11.20 25.26 -22.96
CA THR C 324 11.94 24.64 -24.05
C THR C 324 13.24 24.05 -23.50
N ALA C 325 13.96 23.36 -24.37
CA ALA C 325 15.19 22.67 -23.99
C ALA C 325 16.22 22.86 -25.09
N LEU C 326 17.49 22.86 -24.70
CA LEU C 326 18.59 22.87 -25.65
C LEU C 326 19.04 21.43 -25.87
N VAL C 327 19.00 20.98 -27.12
CA VAL C 327 19.32 19.61 -27.49
C VAL C 327 20.43 19.67 -28.53
N GLY C 328 21.49 18.91 -28.31
CA GLY C 328 22.58 18.85 -29.26
C GLY C 328 23.86 18.41 -28.60
N ASP C 329 24.94 18.52 -29.37
CA ASP C 329 26.28 18.22 -28.89
C ASP C 329 26.79 19.38 -28.04
N PRO C 330 27.92 19.22 -27.36
CA PRO C 330 28.39 20.32 -26.50
C PRO C 330 28.64 21.63 -27.24
N GLN C 331 29.18 21.58 -28.46
CA GLN C 331 29.42 22.82 -29.19
C GLN C 331 28.13 23.52 -29.58
N GLN C 332 27.11 22.75 -29.98
CA GLN C 332 25.83 23.36 -30.32
C GLN C 332 25.19 24.01 -29.11
N VAL C 333 25.22 23.33 -27.96
CA VAL C 333 24.63 23.89 -26.75
C VAL C 333 25.39 25.13 -26.29
N ALA C 334 26.72 25.07 -26.32
CA ALA C 334 27.51 26.22 -25.92
C ALA C 334 27.31 27.41 -26.85
N ALA C 335 27.07 27.17 -28.14
CA ALA C 335 26.86 28.27 -29.07
C ALA C 335 25.53 28.96 -28.80
N ARG C 336 24.48 28.20 -28.51
CA ARG C 336 23.19 28.81 -28.18
C ARG C 336 23.28 29.61 -26.89
N ILE C 337 24.08 29.14 -25.93
CA ILE C 337 24.30 29.90 -24.70
C ILE C 337 25.02 31.20 -24.99
N LYS C 338 26.01 31.16 -25.89
CA LYS C 338 26.72 32.38 -26.27
C LYS C 338 25.78 33.39 -26.94
N GLU C 339 24.85 32.90 -27.77
CA GLU C 339 23.88 33.79 -28.40
C GLU C 339 23.01 34.48 -27.36
N TYR C 340 22.46 33.70 -26.42
CA TYR C 340 21.68 34.29 -25.34
C TYR C 340 22.51 35.28 -24.54
N ALA C 341 23.78 34.94 -24.27
CA ALA C 341 24.65 35.84 -23.52
C ALA C 341 24.92 37.12 -24.29
N ASP C 342 25.01 37.04 -25.62
CA ASP C 342 25.22 38.24 -26.45
C ASP C 342 24.01 39.18 -26.41
N LEU C 343 22.84 38.67 -26.03
CA LEU C 343 21.65 39.51 -25.90
C LEU C 343 21.59 40.24 -24.57
N GLY C 344 22.45 39.89 -23.62
CA GLY C 344 22.44 40.48 -22.30
C GLY C 344 22.03 39.53 -21.20
N ILE C 345 21.92 38.24 -21.47
CA ILE C 345 21.52 37.29 -20.44
C ILE C 345 22.76 36.89 -19.66
N GLU C 346 22.68 37.04 -18.33
CA GLU C 346 23.79 36.75 -17.45
C GLU C 346 23.53 35.60 -16.50
N SER C 347 22.27 35.24 -16.27
CA SER C 347 21.91 34.10 -15.44
C SER C 347 21.29 33.01 -16.31
N PHE C 348 21.70 31.77 -16.09
CA PHE C 348 21.15 30.62 -16.80
C PHE C 348 20.74 29.57 -15.78
N ILE C 349 19.46 29.22 -15.78
CA ILE C 349 18.91 28.23 -14.88
C ILE C 349 18.57 26.99 -15.70
N PHE C 350 19.39 25.96 -15.57
CA PHE C 350 19.25 24.74 -16.36
C PHE C 350 18.65 23.62 -15.53
N SER C 351 18.12 22.63 -16.24
CA SER C 351 17.54 21.45 -15.62
C SER C 351 17.63 20.29 -16.59
N GLY C 352 17.52 19.08 -16.05
CA GLY C 352 17.57 17.88 -16.85
C GLY C 352 17.04 16.70 -16.07
N TYR C 353 16.62 15.68 -16.81
CA TYR C 353 16.05 14.49 -16.20
C TYR C 353 17.00 13.32 -16.42
N PRO C 354 17.47 12.65 -15.37
CA PRO C 354 17.28 12.99 -13.95
C PRO C 354 18.22 14.13 -13.53
N HIS C 355 17.87 14.82 -12.44
CA HIS C 355 18.60 16.01 -12.04
C HIS C 355 19.96 15.71 -11.42
N LEU C 356 20.16 14.49 -10.92
CA LEU C 356 21.49 14.14 -10.40
C LEU C 356 22.48 13.88 -11.53
N GLU C 357 22.16 12.91 -12.39
CA GLU C 357 23.09 12.55 -13.47
C GLU C 357 23.32 13.72 -14.43
N GLU C 358 22.25 14.42 -14.82
CA GLU C 358 22.39 15.49 -15.81
C GLU C 358 23.15 16.68 -15.24
N ALA C 359 23.16 16.86 -13.93
CA ALA C 359 23.99 17.90 -13.33
C ALA C 359 25.47 17.60 -13.57
N TYR C 360 25.85 16.33 -13.48
CA TYR C 360 27.22 15.94 -13.82
C TYR C 360 27.46 16.01 -15.32
N ARG C 361 26.48 15.60 -16.12
CA ARG C 361 26.66 15.58 -17.56
C ARG C 361 26.88 16.99 -18.10
N PHE C 362 26.06 17.94 -17.66
CA PHE C 362 26.22 19.31 -18.12
C PHE C 362 27.54 19.90 -17.65
N ALA C 363 27.97 19.57 -16.42
CA ALA C 363 29.21 20.11 -15.89
C ALA C 363 30.43 19.54 -16.63
N GLU C 364 30.37 18.26 -16.98
CA GLU C 364 31.54 17.64 -17.61
C GLU C 364 31.62 17.93 -19.11
N LEU C 365 30.49 18.23 -19.75
CA LEU C 365 30.44 18.45 -21.19
C LEU C 365 30.39 19.92 -21.60
N VAL C 366 29.74 20.77 -20.83
CA VAL C 366 29.46 22.14 -21.24
C VAL C 366 30.30 23.15 -20.47
N PHE C 367 30.59 22.92 -19.20
CA PHE C 367 31.42 23.84 -18.43
C PHE C 367 32.73 24.22 -19.10
N PRO C 368 33.51 23.32 -19.71
CA PRO C 368 34.77 23.75 -20.34
C PRO C 368 34.59 24.73 -21.48
N LEU C 369 33.40 24.82 -22.05
CA LEU C 369 33.11 25.69 -23.17
C LEU C 369 32.51 27.02 -22.73
N LEU C 370 32.27 27.19 -21.43
CA LEU C 370 31.70 28.40 -20.86
C LEU C 370 32.82 29.29 -20.32
N PRO C 371 32.53 30.56 -20.02
CA PRO C 371 33.56 31.43 -19.45
C PRO C 371 33.97 30.96 -18.06
N GLU C 372 35.04 31.57 -17.56
CA GLU C 372 35.49 31.28 -16.21
C GLU C 372 34.44 31.76 -15.21
N PRO C 373 34.35 31.11 -14.03
CA PRO C 373 35.21 30.05 -13.52
C PRO C 373 34.82 28.67 -14.01
N TYR C 374 33.74 28.58 -14.78
CA TYR C 374 33.22 27.29 -15.20
C TYR C 374 34.17 26.57 -16.14
N ALA C 375 34.99 27.31 -16.89
CA ALA C 375 35.95 26.67 -17.80
C ALA C 375 37.04 25.92 -17.06
N SER C 376 37.40 26.34 -15.86
CA SER C 376 38.48 25.69 -15.14
C SER C 376 38.01 24.58 -14.20
N LEU C 377 36.72 24.50 -13.93
CA LEU C 377 36.20 23.43 -13.08
C LEU C 377 36.10 22.15 -13.90
N SER D 23 4.12 7.99 31.79
CA SER D 23 3.57 8.91 30.80
C SER D 23 4.02 10.33 31.06
N MET D 24 5.22 10.65 30.59
CA MET D 24 5.83 11.96 30.79
C MET D 24 6.79 12.25 29.65
N ASP D 25 6.63 13.44 29.05
CA ASP D 25 7.49 13.93 27.98
C ASP D 25 8.17 15.19 28.46
N VAL D 26 9.50 15.17 28.53
CA VAL D 26 10.28 16.29 29.04
C VAL D 26 10.93 17.02 27.88
N PHE D 27 10.53 18.27 27.67
CA PHE D 27 11.04 19.11 26.60
C PHE D 27 12.12 20.06 27.12
N TRP D 28 12.92 20.57 26.19
CA TRP D 28 13.81 21.69 26.47
C TRP D 28 13.42 22.88 25.61
N PHE D 29 14.32 23.85 25.45
CA PHE D 29 13.98 25.14 24.83
C PHE D 29 15.14 25.59 23.95
N LEU D 30 14.80 26.07 22.75
CA LEU D 30 15.78 26.68 21.84
C LEU D 30 15.74 28.18 22.00
N PRO D 31 16.80 28.84 22.44
CA PRO D 31 16.75 30.30 22.67
C PRO D 31 16.94 31.09 21.38
N THR D 32 15.96 31.00 20.49
CA THR D 32 16.04 31.69 19.20
C THR D 32 15.90 33.20 19.32
N HIS D 33 15.70 33.71 20.53
CA HIS D 33 15.70 35.14 20.80
C HIS D 33 16.99 35.62 21.43
N GLY D 34 17.96 34.74 21.61
CA GLY D 34 19.21 35.09 22.28
C GLY D 34 19.41 34.28 23.54
N ASP D 35 20.66 34.13 23.95
CA ASP D 35 21.01 33.37 25.14
C ASP D 35 22.04 34.15 25.95
N GLY D 36 22.32 33.65 27.15
CA GLY D 36 23.29 34.30 28.00
C GLY D 36 23.29 33.68 29.39
N HIS D 37 24.05 34.33 30.27
CA HIS D 37 24.17 33.90 31.66
C HIS D 37 23.28 34.68 32.60
N TYR D 38 22.99 35.94 32.29
CA TYR D 38 22.25 36.81 33.19
C TYR D 38 21.18 37.58 32.41
N LEU D 39 20.12 37.94 33.10
CA LEU D 39 19.05 38.73 32.51
C LEU D 39 19.29 40.22 32.76
N GLY D 40 18.82 41.03 31.82
CA GLY D 40 18.94 42.48 31.94
C GLY D 40 20.30 43.03 31.62
N THR D 41 21.13 42.28 30.90
CA THR D 41 22.47 42.71 30.56
C THR D 41 22.93 42.02 29.29
N THR D 42 23.82 42.68 28.56
CA THR D 42 24.49 42.10 27.41
C THR D 42 25.79 41.41 27.77
N GLN D 43 26.21 41.50 29.03
CA GLN D 43 27.44 40.84 29.48
C GLN D 43 27.26 39.32 29.47
N GLY D 44 28.18 38.63 28.82
CA GLY D 44 28.10 37.19 28.75
C GLY D 44 26.98 36.67 27.87
N ALA D 45 26.51 37.47 26.93
CA ALA D 45 25.41 37.09 26.05
C ALA D 45 25.93 36.26 24.88
N ARG D 46 25.10 35.31 24.44
CA ARG D 46 25.42 34.46 23.30
C ARG D 46 24.42 34.73 22.18
N PRO D 47 24.85 35.32 21.07
CA PRO D 47 23.93 35.61 19.98
C PRO D 47 23.48 34.33 19.28
N VAL D 48 22.30 34.40 18.67
CA VAL D 48 21.70 33.26 17.97
C VAL D 48 22.47 33.04 16.68
N THR D 49 23.21 31.93 16.62
CA THR D 49 23.89 31.53 15.40
C THR D 49 23.53 30.08 15.06
N LEU D 50 23.70 29.73 13.78
CA LEU D 50 23.46 28.35 13.37
C LEU D 50 24.28 27.39 14.20
N ASN D 51 25.54 27.72 14.47
CA ASN D 51 26.41 26.85 15.26
C ASN D 51 25.89 26.68 16.68
N TYR D 52 25.50 27.77 17.34
CA TYR D 52 25.04 27.65 18.72
C TYR D 52 23.68 26.98 18.79
N LEU D 53 22.84 27.17 17.78
CA LEU D 53 21.56 26.47 17.73
C LEU D 53 21.77 24.97 17.55
N LYS D 54 22.76 24.59 16.74
CA LYS D 54 23.14 23.18 16.62
C LYS D 54 23.62 22.63 17.96
N GLN D 55 24.38 23.42 18.71
CA GLN D 55 24.86 22.96 20.01
C GLN D 55 23.71 22.58 20.93
N VAL D 56 22.74 23.48 21.09
CA VAL D 56 21.64 23.23 22.01
C VAL D 56 20.75 22.10 21.51
N ALA D 57 20.44 22.10 20.21
CA ALA D 57 19.55 21.09 19.67
C ALA D 57 20.17 19.69 19.77
N GLN D 58 21.43 19.56 19.36
CA GLN D 58 22.09 18.26 19.44
C GLN D 58 22.33 17.83 20.89
N ALA D 59 22.46 18.79 21.80
CA ALA D 59 22.53 18.42 23.21
C ALA D 59 21.25 17.75 23.66
N ALA D 60 20.11 18.40 23.40
CA ALA D 60 18.83 17.83 23.80
C ALA D 60 18.56 16.49 23.11
N ASP D 61 19.00 16.36 21.85
CA ASP D 61 18.82 15.11 21.14
C ASP D 61 19.59 13.98 21.81
N SER D 62 20.89 14.17 22.04
CA SER D 62 21.70 13.09 22.57
C SER D 62 21.42 12.84 24.05
N LEU D 63 20.97 13.86 24.78
CA LEU D 63 20.67 13.69 26.20
C LEU D 63 19.37 12.95 26.44
N GLY D 64 18.51 12.84 25.43
CA GLY D 64 17.29 12.08 25.56
C GLY D 64 16.03 12.86 25.80
N TYR D 65 16.05 14.18 25.61
CA TYR D 65 14.84 14.96 25.70
C TYR D 65 13.85 14.53 24.62
N HIS D 66 12.56 14.60 24.95
CA HIS D 66 11.53 14.21 24.00
C HIS D 66 11.53 15.13 22.79
N GLY D 67 11.61 16.44 23.04
CA GLY D 67 11.64 17.43 21.98
C GLY D 67 12.17 18.74 22.53
N VAL D 68 12.03 19.78 21.73
CA VAL D 68 12.48 21.12 22.10
C VAL D 68 11.46 22.13 21.61
N LEU D 69 11.19 23.15 22.42
CA LEU D 69 10.23 24.19 22.03
C LEU D 69 10.95 25.37 21.39
N ILE D 70 10.42 25.85 20.27
CA ILE D 70 10.99 26.97 19.53
C ILE D 70 10.04 28.15 19.67
N PRO D 71 10.46 29.25 20.30
CA PRO D 71 9.58 30.41 20.46
C PRO D 71 9.38 31.16 19.15
N THR D 72 8.40 32.05 19.17
CA THR D 72 8.05 32.89 18.04
C THR D 72 7.91 34.33 18.50
N GLY D 73 7.80 35.24 17.55
CA GLY D 73 7.62 36.65 17.84
C GLY D 73 8.58 37.51 17.05
N ARG D 74 8.35 38.83 17.18
CA ARG D 74 9.18 39.79 16.46
C ARG D 74 10.62 39.75 16.94
N SER D 75 10.84 39.37 18.21
CA SER D 75 12.16 39.34 18.81
C SER D 75 12.91 38.04 18.55
N CYS D 76 12.36 37.14 17.74
CA CYS D 76 12.98 35.86 17.42
C CYS D 76 13.33 35.80 15.94
N GLU D 77 14.30 34.93 15.63
CA GLU D 77 14.47 34.44 14.28
C GLU D 77 13.31 33.50 13.93
N ASP D 78 13.07 33.32 12.64
CA ASP D 78 11.90 32.56 12.21
C ASP D 78 11.98 31.10 12.64
N SER D 79 10.88 30.61 13.23
CA SER D 79 10.85 29.25 13.77
C SER D 79 10.97 28.20 12.66
N TRP D 80 10.30 28.42 11.52
CA TRP D 80 10.25 27.38 10.50
C TRP D 80 11.58 27.18 9.82
N VAL D 81 12.33 28.26 9.58
CA VAL D 81 13.67 28.15 9.01
C VAL D 81 14.58 27.39 9.96
N ILE D 82 14.52 27.70 11.26
CA ILE D 82 15.42 27.10 12.23
C ILE D 82 15.09 25.63 12.46
N ALA D 83 13.80 25.32 12.65
CA ALA D 83 13.41 23.92 12.84
C ALA D 83 13.78 23.08 11.62
N SER D 84 13.57 23.62 10.42
CA SER D 84 13.92 22.88 9.21
C SER D 84 15.43 22.73 9.06
N ALA D 85 16.21 23.71 9.52
CA ALA D 85 17.65 23.61 9.41
C ALA D 85 18.22 22.56 10.34
N LEU D 86 17.60 22.37 11.51
CA LEU D 86 18.10 21.44 12.52
C LEU D 86 17.56 20.02 12.36
N VAL D 87 16.45 19.83 11.65
CA VAL D 87 15.88 18.49 11.48
C VAL D 87 16.87 17.49 10.89
N PRO D 88 17.54 17.78 9.76
CA PRO D 88 18.48 16.79 9.22
C PRO D 88 19.75 16.60 10.05
N LEU D 89 19.94 17.39 11.11
CA LEU D 89 21.11 17.26 11.97
C LEU D 89 20.79 16.54 13.28
N THR D 90 19.57 16.04 13.44
CA THR D 90 19.14 15.35 14.67
C THR D 90 18.38 14.09 14.30
N GLU D 91 18.37 13.13 15.24
CA GLU D 91 17.81 11.81 14.99
C GLU D 91 16.43 11.62 15.62
N ARG D 92 16.31 11.80 16.93
CA ARG D 92 15.06 11.55 17.63
C ARG D 92 14.36 12.80 18.15
N LEU D 93 15.07 13.92 18.27
CA LEU D 93 14.49 15.10 18.89
C LEU D 93 13.30 15.61 18.08
N ARG D 94 12.21 15.91 18.78
CA ARG D 94 11.04 16.49 18.14
C ARG D 94 11.07 18.01 18.25
N TYR D 95 10.33 18.66 17.36
CA TYR D 95 10.33 20.12 17.28
C TYR D 95 8.91 20.63 17.42
N LEU D 96 8.68 21.43 18.46
CA LEU D 96 7.39 22.08 18.72
C LEU D 96 7.46 23.49 18.12
N VAL D 97 6.92 23.64 16.91
CA VAL D 97 7.04 24.85 16.10
C VAL D 97 5.73 25.61 16.13
N ALA D 98 5.81 26.94 16.18
CA ALA D 98 4.63 27.78 16.28
C ALA D 98 4.07 28.15 14.90
N ILE D 99 2.76 28.07 14.76
CA ILE D 99 2.04 28.65 13.64
C ILE D 99 1.19 29.80 14.17
N ARG D 100 1.11 30.87 13.40
CA ARG D 100 0.35 32.06 13.81
C ARG D 100 -0.77 32.28 12.82
N PRO D 101 -2.00 31.87 13.13
CA PRO D 101 -3.12 32.16 12.22
C PRO D 101 -3.29 33.66 12.05
N GLY D 102 -3.70 34.06 10.86
CA GLY D 102 -3.88 35.45 10.53
C GLY D 102 -2.77 36.09 9.75
N ILE D 103 -1.59 35.47 9.67
CA ILE D 103 -0.48 36.01 8.91
C ILE D 103 -0.04 35.10 7.77
N ILE D 104 -0.68 33.96 7.59
CA ILE D 104 -0.32 33.04 6.51
C ILE D 104 -1.57 32.29 6.09
N SER D 105 -1.62 31.91 4.81
CA SER D 105 -2.70 31.10 4.32
C SER D 105 -2.71 29.76 5.05
N PRO D 106 -3.88 29.25 5.47
CA PRO D 106 -3.92 27.93 6.12
C PRO D 106 -3.44 26.81 5.22
N THR D 107 -3.76 26.87 3.93
CA THR D 107 -3.29 25.83 3.01
C THR D 107 -1.77 25.82 2.92
N VAL D 108 -1.16 27.00 2.81
CA VAL D 108 0.29 27.08 2.74
C VAL D 108 0.92 26.61 4.05
N SER D 109 0.36 27.03 5.18
CA SER D 109 0.87 26.58 6.47
C SER D 109 0.79 25.07 6.60
N ALA D 110 -0.29 24.46 6.10
CA ALA D 110 -0.43 23.01 6.17
C ALA D 110 0.62 22.30 5.31
N ARG D 111 0.90 22.84 4.11
CA ARG D 111 1.91 22.23 3.25
C ARG D 111 3.31 22.34 3.85
N MET D 112 3.59 23.45 4.55
CA MET D 112 4.86 23.57 5.26
C MET D 112 4.97 22.51 6.34
N ALA D 113 3.89 22.32 7.11
CA ALA D 113 3.90 21.32 8.16
C ALA D 113 4.10 19.92 7.58
N ALA D 114 3.41 19.62 6.48
CA ALA D 114 3.52 18.31 5.86
C ALA D 114 4.95 18.04 5.39
N THR D 115 5.59 19.04 4.77
CA THR D 115 6.95 18.84 4.28
C THR D 115 7.91 18.59 5.42
N LEU D 116 7.84 19.42 6.47
CA LEU D 116 8.75 19.26 7.59
C LEU D 116 8.46 17.96 8.35
N ASP D 117 7.19 17.57 8.46
CA ASP D 117 6.87 16.30 9.10
C ASP D 117 7.40 15.12 8.27
N ARG D 118 7.43 15.25 6.95
CA ARG D 118 7.97 14.20 6.11
C ARG D 118 9.50 14.15 6.17
N LEU D 119 10.16 15.30 6.11
CA LEU D 119 11.62 15.31 6.22
C LEU D 119 12.11 14.81 7.56
N SER D 120 11.37 15.09 8.64
CA SER D 120 11.78 14.68 9.98
C SER D 120 11.33 13.27 10.34
N ASN D 121 10.59 12.60 9.45
CA ASN D 121 10.03 11.28 9.72
C ASN D 121 9.09 11.27 10.92
N GLY D 122 8.21 12.28 10.99
CA GLY D 122 7.19 12.31 12.02
C GLY D 122 7.62 12.90 13.34
N ARG D 123 8.47 13.93 13.33
CA ARG D 123 8.98 14.55 14.55
C ARG D 123 8.49 15.99 14.72
N LEU D 124 7.47 16.41 14.00
CA LEU D 124 6.97 17.78 14.06
C LEU D 124 5.82 17.88 15.05
N LEU D 125 5.87 18.89 15.91
CA LEU D 125 4.79 19.22 16.83
C LEU D 125 4.41 20.68 16.63
N ILE D 126 3.12 20.98 16.65
CA ILE D 126 2.61 22.30 16.30
C ILE D 126 2.16 23.02 17.55
N ASN D 127 2.63 24.27 17.71
CA ASN D 127 2.20 25.13 18.79
C ASN D 127 1.36 26.25 18.19
N VAL D 128 0.09 26.30 18.58
CA VAL D 128 -0.84 27.28 18.03
C VAL D 128 -0.69 28.58 18.83
N VAL D 129 -0.21 29.63 18.17
CA VAL D 129 0.05 30.92 18.80
C VAL D 129 -0.86 31.97 18.16
N THR D 130 -1.73 32.58 18.97
CA THR D 130 -2.67 33.56 18.44
C THR D 130 -2.06 34.95 18.29
N GLY D 131 -1.03 35.28 19.06
CA GLY D 131 -0.39 36.57 18.93
C GLY D 131 -0.99 37.59 19.87
N GLY D 132 -0.29 37.91 20.94
CA GLY D 132 -0.83 38.79 21.95
C GLY D 132 -0.52 40.26 21.78
N ASP D 133 0.71 40.58 21.38
CA ASP D 133 1.16 41.96 21.32
C ASP D 133 0.43 42.71 20.22
N PRO D 134 -0.40 43.72 20.56
CA PRO D 134 -1.14 44.41 19.49
C PRO D 134 -0.24 45.22 18.56
N ASP D 135 0.84 45.81 19.09
CA ASP D 135 1.77 46.52 18.22
C ASP D 135 2.45 45.56 17.27
N GLU D 136 2.81 44.36 17.75
CA GLU D 136 3.44 43.37 16.88
C GLU D 136 2.47 42.85 15.84
N ASN D 137 1.20 42.67 16.22
CA ASN D 137 0.20 42.20 15.27
C ASN D 137 -0.07 43.24 14.18
N ARG D 138 -0.13 44.52 14.55
CA ARG D 138 -0.27 45.57 13.56
C ARG D 138 0.97 45.67 12.67
N GLY D 139 2.15 45.37 13.23
CA GLY D 139 3.35 45.35 12.42
C GLY D 139 3.33 44.28 11.35
N ASP D 140 2.57 43.21 11.57
CA ASP D 140 2.42 42.14 10.58
C ASP D 140 1.23 42.34 9.66
N GLY D 141 0.44 43.38 9.88
CA GLY D 141 -0.72 43.65 9.07
C GLY D 141 -2.04 43.14 9.62
N SER D 142 -2.07 42.72 10.89
CA SER D 142 -3.25 42.16 11.52
C SER D 142 -3.85 43.18 12.47
N PHE D 143 -5.10 43.58 12.21
CA PHE D 143 -5.82 44.58 13.00
C PHE D 143 -7.12 43.95 13.52
N LEU D 144 -7.03 43.20 14.61
CA LEU D 144 -8.16 42.46 15.14
C LEU D 144 -8.28 42.65 16.65
N SER D 145 -9.52 42.68 17.13
CA SER D 145 -9.76 42.70 18.56
C SER D 145 -9.48 41.32 19.15
N HIS D 146 -9.58 41.23 20.48
CA HIS D 146 -9.31 39.96 21.15
C HIS D 146 -10.27 38.86 20.70
N SER D 147 -11.56 39.18 20.59
CA SER D 147 -12.52 38.17 20.17
C SER D 147 -12.29 37.78 18.71
N GLU D 148 -11.93 38.74 17.86
CA GLU D 148 -11.70 38.44 16.46
C GLU D 148 -10.47 37.57 16.25
N ARG D 149 -9.46 37.72 17.11
CA ARG D 149 -8.24 36.92 16.97
C ARG D 149 -8.55 35.43 17.12
N TYR D 150 -9.38 35.07 18.10
CA TYR D 150 -9.71 33.67 18.30
C TYR D 150 -10.70 33.16 17.25
N GLU D 151 -11.52 34.05 16.69
CA GLU D 151 -12.36 33.64 15.56
C GLU D 151 -11.51 33.24 14.37
N VAL D 152 -10.43 33.99 14.11
CA VAL D 152 -9.55 33.65 13.01
C VAL D 152 -8.83 32.33 13.28
N THR D 153 -8.36 32.13 14.51
CA THR D 153 -7.68 30.89 14.84
C THR D 153 -8.62 29.69 14.72
N ASP D 154 -9.86 29.84 15.18
CA ASP D 154 -10.82 28.74 15.09
C ASP D 154 -11.02 28.33 13.64
N GLU D 155 -11.24 29.29 12.75
CA GLU D 155 -11.43 28.98 11.33
C GLU D 155 -10.14 28.48 10.69
N PHE D 156 -8.99 28.98 11.15
CA PHE D 156 -7.69 28.54 10.60
C PHE D 156 -7.47 27.06 10.86
N LEU D 157 -7.62 26.62 12.11
CA LEU D 157 -7.32 25.25 12.48
C LEU D 157 -8.25 24.26 11.78
N LYS D 158 -9.52 24.65 11.58
CA LYS D 158 -10.46 23.74 10.93
C LYS D 158 -10.02 23.45 9.49
N ILE D 159 -9.57 24.48 8.76
CA ILE D 159 -9.06 24.27 7.41
C ILE D 159 -7.78 23.46 7.45
N TRP D 160 -6.86 23.85 8.35
CA TRP D 160 -5.55 23.21 8.46
C TRP D 160 -5.67 21.72 8.74
N ARG D 161 -6.50 21.35 9.72
CA ARG D 161 -6.61 19.95 10.10
C ARG D 161 -7.19 19.11 8.97
N ARG D 162 -8.24 19.61 8.30
CA ARG D 162 -8.90 18.85 7.25
C ARG D 162 -8.05 18.76 5.98
N VAL D 163 -7.32 19.83 5.68
CA VAL D 163 -6.45 19.82 4.50
C VAL D 163 -5.38 18.73 4.63
N LEU D 164 -4.81 18.59 5.83
CA LEU D 164 -3.76 17.61 6.06
C LEU D 164 -4.25 16.16 6.01
N GLN D 165 -5.57 15.94 5.99
CA GLN D 165 -6.13 14.60 5.92
C GLN D 165 -6.55 14.20 4.52
N GLY D 166 -6.12 14.95 3.51
CA GLY D 166 -6.37 14.62 2.13
C GLY D 166 -7.65 15.17 1.54
N GLU D 167 -8.36 16.02 2.28
CA GLU D 167 -9.61 16.58 1.79
C GLU D 167 -9.35 17.83 0.97
N ALA D 168 -10.05 17.95 -0.14
CA ALA D 168 -10.11 19.22 -0.87
C ALA D 168 -11.14 20.07 -0.13
N VAL D 169 -10.68 21.01 0.69
CA VAL D 169 -11.55 21.68 1.65
C VAL D 169 -12.19 22.90 0.99
N ASP D 170 -13.51 22.99 1.08
CA ASP D 170 -14.27 24.18 0.74
C ASP D 170 -14.76 24.78 2.04
N PHE D 171 -14.31 26.00 2.35
CA PHE D 171 -14.64 26.63 3.61
C PHE D 171 -14.86 28.12 3.36
N GLU D 172 -15.97 28.65 3.89
CA GLU D 172 -16.25 30.08 3.82
C GLU D 172 -16.76 30.51 5.19
N GLY D 173 -15.87 31.11 5.98
CA GLY D 173 -16.20 31.56 7.30
C GLY D 173 -16.28 33.07 7.39
N LYS D 174 -16.25 33.58 8.61
CA LYS D 174 -16.30 35.02 8.81
C LYS D 174 -15.00 35.68 8.37
N HIS D 175 -13.86 35.01 8.58
CA HIS D 175 -12.56 35.58 8.32
C HIS D 175 -11.78 34.89 7.21
N LEU D 176 -11.90 33.58 7.08
CA LEU D 176 -11.13 32.83 6.09
C LEU D 176 -12.07 32.19 5.08
N LYS D 177 -11.58 32.04 3.86
CA LYS D 177 -12.38 31.48 2.78
C LYS D 177 -11.44 30.74 1.85
N VAL D 178 -11.68 29.45 1.65
CA VAL D 178 -10.91 28.65 0.71
C VAL D 178 -11.85 27.80 -0.14
N GLN D 179 -11.43 27.56 -1.39
CA GLN D 179 -12.18 26.73 -2.32
C GLN D 179 -11.20 25.76 -2.97
N ASN D 180 -11.42 24.46 -2.74
CA ASN D 180 -10.56 23.41 -3.28
C ASN D 180 -9.13 23.50 -2.74
N ALA D 181 -9.02 23.67 -1.42
CA ALA D 181 -7.72 23.71 -0.77
C ALA D 181 -7.20 22.29 -0.62
N LYS D 182 -6.01 22.03 -1.18
CA LYS D 182 -5.45 20.69 -1.17
C LYS D 182 -3.97 20.77 -0.80
N ALA D 183 -3.54 19.83 0.03
CA ALA D 183 -2.13 19.56 0.30
C ALA D 183 -1.85 18.15 -0.21
N LEU D 184 -1.11 18.05 -1.31
CA LEU D 184 -0.97 16.77 -1.99
C LEU D 184 -0.06 15.78 -1.28
N TYR D 185 0.82 16.24 -0.37
CA TYR D 185 1.78 15.35 0.28
C TYR D 185 1.34 15.07 1.70
N PRO D 186 1.00 13.83 2.04
CA PRO D 186 0.43 13.57 3.36
C PRO D 186 1.50 13.64 4.44
N PRO D 187 1.12 14.02 5.66
CA PRO D 187 2.08 14.00 6.77
C PRO D 187 2.35 12.57 7.23
N VAL D 188 3.40 12.44 8.03
CA VAL D 188 3.72 11.12 8.58
C VAL D 188 2.81 10.79 9.76
N GLN D 189 2.68 11.72 10.69
CA GLN D 189 1.79 11.54 11.83
C GLN D 189 0.34 11.75 11.42
N LYS D 190 -0.53 10.81 11.81
CA LYS D 190 -1.95 10.82 11.51
C LYS D 190 -2.78 11.14 12.76
N PRO D 191 -3.86 11.92 12.63
CA PRO D 191 -4.38 12.50 11.38
C PRO D 191 -3.55 13.71 10.93
N TYR D 192 -2.80 14.28 11.86
CA TYR D 192 -1.95 15.43 11.60
C TYR D 192 -0.99 15.57 12.77
N PRO D 193 0.09 16.34 12.62
CA PRO D 193 1.01 16.58 13.75
C PRO D 193 0.26 17.14 14.94
N PRO D 194 0.54 16.65 16.15
CA PRO D 194 -0.24 17.05 17.32
C PRO D 194 -0.26 18.55 17.55
N LEU D 195 -1.43 19.05 17.98
CA LEU D 195 -1.66 20.48 18.16
C LEU D 195 -1.53 20.82 19.64
N TYR D 196 -0.57 21.69 19.96
CA TYR D 196 -0.39 22.21 21.30
C TYR D 196 -0.90 23.64 21.32
N PHE D 197 -1.51 24.04 22.43
CA PHE D 197 -2.17 25.33 22.49
C PHE D 197 -2.14 25.84 23.92
N GLY D 198 -1.83 27.13 24.07
CA GLY D 198 -1.85 27.77 25.36
C GLY D 198 -2.77 28.97 25.38
N GLY D 199 -3.15 29.42 26.57
CA GLY D 199 -4.04 30.55 26.70
C GLY D 199 -5.06 30.37 27.80
N SER D 200 -5.21 31.38 28.63
CA SER D 200 -6.08 31.33 29.80
C SER D 200 -7.38 32.08 29.59
N SER D 201 -7.59 32.68 28.42
CA SER D 201 -8.81 33.41 28.14
C SER D 201 -10.00 32.46 28.10
N ASP D 202 -11.19 33.03 28.27
CA ASP D 202 -12.40 32.22 28.19
C ASP D 202 -12.60 31.68 26.77
N ALA D 203 -12.35 32.52 25.76
CA ALA D 203 -12.41 32.05 24.37
C ALA D 203 -11.31 31.04 24.07
N ALA D 204 -10.16 31.18 24.73
CA ALA D 204 -9.08 30.23 24.51
C ALA D 204 -9.43 28.84 25.02
N HIS D 205 -10.06 28.75 26.19
CA HIS D 205 -10.42 27.44 26.72
C HIS D 205 -11.47 26.76 25.85
N ASP D 206 -12.39 27.53 25.27
CA ASP D 206 -13.35 26.96 24.34
C ASP D 206 -12.66 26.41 23.10
N LEU D 207 -11.65 27.12 22.60
CA LEU D 207 -10.92 26.68 21.42
C LEU D 207 -10.07 25.45 21.71
N ALA D 208 -9.38 25.43 22.85
CA ALA D 208 -8.55 24.28 23.19
C ALA D 208 -9.40 23.03 23.40
N ALA D 209 -10.54 23.17 24.08
CA ALA D 209 -11.38 22.02 24.37
C ALA D 209 -11.98 21.40 23.12
N GLU D 210 -12.01 22.14 22.00
CA GLU D 210 -12.67 21.70 20.79
C GLU D 210 -11.72 21.16 19.72
N GLN D 211 -10.50 21.69 19.61
CA GLN D 211 -9.64 21.36 18.47
C GLN D 211 -8.27 20.79 18.82
N VAL D 212 -7.65 21.18 19.93
CA VAL D 212 -6.25 20.83 20.16
C VAL D 212 -6.07 19.49 20.86
N ASP D 213 -4.83 19.00 20.91
CA ASP D 213 -4.48 17.73 21.55
C ASP D 213 -3.87 17.93 22.92
N VAL D 214 -3.06 18.97 23.11
CA VAL D 214 -2.39 19.23 24.38
C VAL D 214 -2.63 20.68 24.76
N TYR D 215 -3.15 20.91 25.97
CA TYR D 215 -3.33 22.25 26.51
C TYR D 215 -2.15 22.59 27.40
N LEU D 216 -1.57 23.77 27.19
CA LEU D 216 -0.40 24.22 27.91
C LEU D 216 -0.73 25.35 28.87
N THR D 217 0.00 25.41 29.98
CA THR D 217 -0.15 26.48 30.95
C THR D 217 1.21 26.87 31.52
N TRP D 218 1.33 28.11 31.98
CA TRP D 218 2.55 28.61 32.59
C TRP D 218 2.68 28.07 34.01
N GLY D 219 3.83 28.30 34.62
CA GLY D 219 4.09 27.79 35.95
C GLY D 219 3.41 28.55 37.07
N GLU D 220 2.26 28.08 37.48
CA GLU D 220 1.47 28.64 38.56
C GLU D 220 1.42 27.66 39.73
N PRO D 221 0.97 28.11 40.90
CA PRO D 221 0.83 27.18 42.02
C PRO D 221 -0.08 26.03 41.66
N PRO D 222 0.15 24.84 42.22
CA PRO D 222 -0.63 23.65 41.81
C PRO D 222 -2.13 23.83 41.93
N ALA D 223 -2.61 24.54 42.95
CA ALA D 223 -4.05 24.75 43.10
C ALA D 223 -4.61 25.56 41.93
N ALA D 224 -3.88 26.60 41.51
CA ALA D 224 -4.35 27.41 40.38
C ALA D 224 -4.30 26.62 39.07
N VAL D 225 -3.32 25.75 38.91
CA VAL D 225 -3.25 24.91 37.72
C VAL D 225 -4.41 23.93 37.70
N ALA D 226 -4.75 23.36 38.86
CA ALA D 226 -5.84 22.39 38.92
C ALA D 226 -7.17 23.01 38.50
N GLU D 227 -7.35 24.32 38.75
CA GLU D 227 -8.56 24.99 38.32
C GLU D 227 -8.63 25.13 36.81
N LYS D 228 -7.52 25.52 36.16
CA LYS D 228 -7.52 25.61 34.71
C LYS D 228 -7.69 24.24 34.05
N LEU D 229 -6.97 23.23 34.55
CA LEU D 229 -7.07 21.91 33.95
C LEU D 229 -8.48 21.33 34.09
N ALA D 230 -9.07 21.47 35.29
CA ALA D 230 -10.43 20.96 35.48
C ALA D 230 -11.42 21.71 34.60
N ASP D 231 -11.19 23.00 34.35
CA ASP D 231 -12.08 23.76 33.49
C ASP D 231 -12.01 23.26 32.06
N VAL D 232 -10.78 23.17 31.51
CA VAL D 232 -10.61 22.67 30.14
C VAL D 232 -11.11 21.23 30.03
N ARG D 233 -10.89 20.43 31.08
CA ARG D 233 -11.34 19.04 31.04
C ARG D 233 -12.85 18.97 30.90
N GLU D 234 -13.57 19.87 31.57
CA GLU D 234 -15.03 19.87 31.52
C GLU D 234 -15.56 20.35 30.17
N ARG D 235 -14.94 21.38 29.60
CA ARG D 235 -15.40 21.86 28.30
C ARG D 235 -15.14 20.84 27.21
N ALA D 236 -14.01 20.11 27.30
CA ALA D 236 -13.72 19.10 26.30
C ALA D 236 -14.69 17.93 26.39
N ALA D 237 -15.18 17.62 27.60
CA ALA D 237 -16.17 16.57 27.74
C ALA D 237 -17.49 16.96 27.09
N ARG D 238 -17.81 18.26 27.04
CA ARG D 238 -18.99 18.73 26.33
C ARG D 238 -18.86 18.58 24.83
N HIS D 239 -17.63 18.46 24.32
CA HIS D 239 -17.38 18.15 22.93
C HIS D 239 -17.05 16.69 22.69
N GLY D 240 -17.15 15.86 23.72
CA GLY D 240 -16.83 14.45 23.60
C GLY D 240 -15.38 14.15 23.33
N ARG D 241 -14.46 14.94 23.88
CA ARG D 241 -13.03 14.78 23.63
C ARG D 241 -12.29 14.77 24.95
N LYS D 242 -11.05 14.31 24.91
CA LYS D 242 -10.12 14.41 26.01
C LYS D 242 -8.83 15.04 25.49
N VAL D 243 -8.29 15.99 26.23
CA VAL D 243 -7.03 16.65 25.86
C VAL D 243 -5.99 16.33 26.92
N LYS D 244 -4.75 16.17 26.48
CA LYS D 244 -3.65 16.05 27.42
C LYS D 244 -3.21 17.44 27.89
N PHE D 245 -2.43 17.48 28.97
CA PHE D 245 -2.03 18.74 29.58
C PHE D 245 -0.52 18.82 29.72
N GLY D 246 0.00 20.03 29.51
CA GLY D 246 1.42 20.28 29.68
C GLY D 246 1.65 21.62 30.37
N ILE D 247 2.86 21.77 30.90
CA ILE D 247 3.21 22.97 31.66
C ILE D 247 4.57 23.50 31.21
N ARG D 248 4.71 24.81 31.23
CA ARG D 248 5.93 25.49 30.83
C ARG D 248 6.60 26.03 32.09
N LEU D 249 7.86 25.66 32.30
CA LEU D 249 8.55 26.00 33.54
C LEU D 249 10.01 26.27 33.26
N HIS D 250 10.52 27.40 33.74
CA HIS D 250 11.96 27.57 33.84
C HIS D 250 12.49 26.73 34.99
N VAL D 251 13.79 26.44 34.99
CA VAL D 251 14.37 25.57 36.02
C VAL D 251 15.78 26.02 36.39
N ILE D 252 16.01 26.20 37.69
CA ILE D 252 17.33 26.48 38.24
C ILE D 252 17.57 25.42 39.31
N VAL D 253 18.23 24.33 38.92
CA VAL D 253 18.47 23.19 39.81
C VAL D 253 19.99 23.05 40.01
N ARG D 254 20.41 22.93 41.27
CA ARG D 254 21.80 22.75 41.61
C ARG D 254 21.93 21.55 42.54
N GLU D 255 23.16 21.21 42.91
CA GLU D 255 23.37 20.04 43.76
C GLU D 255 22.78 20.25 45.14
N THR D 256 22.84 21.48 45.66
CA THR D 256 22.24 21.83 46.94
C THR D 256 21.26 22.97 46.73
N ALA D 257 20.34 23.10 47.69
CA ALA D 257 19.33 24.16 47.59
C ALA D 257 19.95 25.55 47.74
N GLU D 258 21.06 25.66 48.49
CA GLU D 258 21.66 26.99 48.68
C GLU D 258 22.27 27.51 47.39
N GLU D 259 22.98 26.67 46.63
CA GLU D 259 23.55 27.12 45.37
C GLU D 259 22.48 27.49 44.36
N ALA D 260 21.32 26.83 44.41
CA ALA D 260 20.26 27.12 43.45
C ALA D 260 19.67 28.51 43.68
N TRP D 261 19.40 28.86 44.94
CA TRP D 261 18.88 30.19 45.22
C TRP D 261 19.94 31.26 44.99
N LYS D 262 21.21 30.93 45.24
CA LYS D 262 22.29 31.86 44.92
C LYS D 262 22.39 32.06 43.42
N ALA D 263 22.19 30.99 42.65
CA ALA D 263 22.18 31.10 41.20
C ALA D 263 20.97 31.88 40.71
N ALA D 264 19.83 31.73 41.39
CA ALA D 264 18.65 32.50 41.01
C ALA D 264 18.84 33.98 41.27
N ASP D 265 19.46 34.34 42.40
CA ASP D 265 19.70 35.75 42.71
C ASP D 265 20.66 36.37 41.70
N LYS D 266 21.71 35.64 41.33
CA LYS D 266 22.69 36.17 40.39
C LYS D 266 22.11 36.37 38.99
N LEU D 267 21.04 35.64 38.65
CA LEU D 267 20.45 35.76 37.32
C LEU D 267 19.79 37.12 37.11
N ILE D 268 19.20 37.70 38.15
CA ILE D 268 18.47 38.94 38.01
C ILE D 268 19.18 40.09 38.73
N GLU D 269 20.48 39.95 38.95
CA GLU D 269 21.24 41.01 39.61
C GLU D 269 21.26 42.28 38.79
N HIS D 270 21.47 42.15 37.48
CA HIS D 270 21.67 43.29 36.59
C HIS D 270 20.38 43.81 35.97
N ILE D 271 19.21 43.37 36.45
CA ILE D 271 17.95 43.89 35.95
C ILE D 271 17.71 45.27 36.55
N SER D 272 17.59 46.28 35.68
CA SER D 272 17.37 47.63 36.15
C SER D 272 16.03 47.73 36.86
N ASP D 273 16.01 48.43 38.00
CA ASP D 273 14.77 48.63 38.74
C ASP D 273 13.74 49.44 37.96
N GLU D 274 14.19 50.19 36.95
CA GLU D 274 13.26 50.90 36.08
C GLU D 274 12.39 49.93 35.29
N THR D 275 13.02 48.94 34.64
CA THR D 275 12.27 47.92 33.90
C THR D 275 11.48 46.96 34.80
N ILE D 276 11.43 47.19 36.11
CA ILE D 276 10.68 46.33 37.03
C ILE D 276 9.31 46.92 37.35
N LEU D 305 9.20 37.03 46.06
CA LEU D 305 9.34 36.50 44.71
C LEU D 305 9.11 34.99 44.66
N GLU D 306 9.23 34.32 45.80
CA GLU D 306 8.94 32.89 45.90
C GLU D 306 7.45 32.75 46.19
N ILE D 307 6.66 32.62 45.11
CA ILE D 307 5.20 32.60 45.25
C ILE D 307 4.66 31.29 45.75
N ALA D 308 5.48 30.25 45.80
CA ALA D 308 5.09 28.93 46.27
C ALA D 308 6.35 28.15 46.58
N PRO D 309 6.26 27.08 47.39
CA PRO D 309 7.45 26.27 47.70
C PRO D 309 8.25 25.89 46.47
N ASN D 310 9.44 26.49 46.36
CA ASN D 310 10.38 26.25 45.27
C ASN D 310 9.88 26.75 43.91
N LEU D 311 8.90 27.65 43.91
CA LEU D 311 8.36 28.25 42.69
C LEU D 311 8.70 29.73 42.72
N TRP D 312 9.67 30.13 41.91
CA TRP D 312 10.25 31.47 41.95
C TRP D 312 9.82 32.25 40.71
N ALA D 313 9.30 33.45 40.92
CA ALA D 313 8.76 34.28 39.85
C ALA D 313 9.73 35.38 39.41
N GLY D 314 11.02 35.17 39.60
CA GLY D 314 11.98 36.21 39.24
C GLY D 314 12.21 36.33 37.76
N VAL D 315 12.10 35.23 37.01
CA VAL D 315 12.31 35.27 35.57
C VAL D 315 11.19 36.04 34.86
N GLY D 316 10.04 36.19 35.50
CA GLY D 316 8.97 36.94 34.89
C GLY D 316 9.15 38.44 34.89
N LEU D 317 10.31 38.93 35.32
CA LEU D 317 10.59 40.37 35.33
C LEU D 317 11.07 40.88 33.98
N VAL D 318 11.26 40.00 32.99
CA VAL D 318 11.66 40.42 31.66
C VAL D 318 10.60 40.02 30.64
N ARG D 319 10.27 38.73 30.58
CA ARG D 319 9.25 38.23 29.65
C ARG D 319 8.13 37.51 30.39
N GLY D 323 8.02 32.60 32.49
CA GLY D 323 7.02 32.82 33.53
C GLY D 323 7.60 32.71 34.93
N THR D 324 7.60 31.49 35.46
CA THR D 324 8.16 31.20 36.77
C THR D 324 9.16 30.06 36.62
N ALA D 325 9.84 29.75 37.71
CA ALA D 325 10.92 28.76 37.68
C ALA D 325 10.87 27.88 38.91
N LEU D 326 11.37 26.65 38.74
CA LEU D 326 11.58 25.74 39.86
C LEU D 326 13.02 25.88 40.32
N VAL D 327 13.20 26.20 41.60
CA VAL D 327 14.51 26.44 42.19
C VAL D 327 14.69 25.51 43.38
N GLY D 328 15.79 24.78 43.40
CA GLY D 328 16.08 23.91 44.52
C GLY D 328 17.05 22.81 44.13
N ASP D 329 17.21 21.86 45.05
CA ASP D 329 18.05 20.69 44.83
C ASP D 329 17.30 19.67 43.99
N PRO D 330 17.95 18.61 43.52
CA PRO D 330 17.25 17.65 42.64
C PRO D 330 16.01 17.04 43.27
N GLN D 331 16.04 16.74 44.57
CA GLN D 331 14.87 16.16 45.22
C GLN D 331 13.72 17.17 45.31
N GLN D 332 14.03 18.43 45.61
CA GLN D 332 12.98 19.44 45.65
C GLN D 332 12.35 19.67 44.28
N VAL D 333 13.19 19.74 43.23
CA VAL D 333 12.67 19.97 41.89
C VAL D 333 11.83 18.78 41.42
N ALA D 334 12.30 17.57 41.68
CA ALA D 334 11.54 16.39 41.28
C ALA D 334 10.21 16.29 42.03
N ALA D 335 10.17 16.75 43.28
CA ALA D 335 8.93 16.68 44.04
C ALA D 335 7.87 17.61 43.46
N ARG D 336 8.26 18.82 43.06
CA ARG D 336 7.32 19.74 42.43
C ARG D 336 6.86 19.22 41.08
N ILE D 337 7.74 18.54 40.34
CA ILE D 337 7.34 17.91 39.08
C ILE D 337 6.35 16.79 39.37
N LYS D 338 6.59 16.02 40.43
CA LYS D 338 5.66 14.96 40.81
C LYS D 338 4.29 15.54 41.16
N GLU D 339 4.26 16.74 41.75
CA GLU D 339 2.98 17.35 42.09
C GLU D 339 2.19 17.70 40.83
N TYR D 340 2.83 18.40 39.89
CA TYR D 340 2.16 18.76 38.64
C TYR D 340 1.70 17.52 37.89
N ALA D 341 2.51 16.46 37.89
CA ALA D 341 2.11 15.21 37.25
C ALA D 341 0.92 14.57 37.94
N ASP D 342 0.82 14.72 39.26
CA ASP D 342 -0.33 14.19 39.98
C ASP D 342 -1.62 14.91 39.61
N LEU D 343 -1.53 16.11 39.03
CA LEU D 343 -2.72 16.81 38.57
C LEU D 343 -3.20 16.35 37.20
N GLY D 344 -2.41 15.55 36.49
CA GLY D 344 -2.74 15.13 35.14
C GLY D 344 -1.85 15.69 34.06
N ILE D 345 -0.74 16.33 34.43
CA ILE D 345 0.17 16.93 33.47
C ILE D 345 1.16 15.88 32.98
N GLU D 346 1.26 15.74 31.66
CA GLU D 346 2.14 14.76 31.05
C GLU D 346 3.28 15.36 30.23
N SER D 347 3.18 16.63 29.84
CA SER D 347 4.24 17.31 29.12
C SER D 347 4.86 18.39 30.01
N PHE D 348 6.19 18.45 30.03
CA PHE D 348 6.92 19.44 30.80
C PHE D 348 7.94 20.09 29.87
N ILE D 349 7.86 21.40 29.72
CA ILE D 349 8.74 22.16 28.84
C ILE D 349 9.65 23.03 29.71
N PHE D 350 10.92 22.65 29.81
CA PHE D 350 11.87 23.33 30.67
C PHE D 350 12.84 24.21 29.88
N SER D 351 13.46 25.14 30.57
CA SER D 351 14.48 26.01 30.01
C SER D 351 15.42 26.46 31.13
N GLY D 352 16.60 26.93 30.74
CA GLY D 352 17.58 27.41 31.69
C GLY D 352 18.65 28.23 31.01
N TYR D 353 19.32 29.07 31.81
CA TYR D 353 20.38 29.95 31.29
C TYR D 353 21.73 29.53 31.85
N PRO D 354 22.73 29.23 30.99
CA PRO D 354 22.60 29.18 29.53
C PRO D 354 21.90 27.89 29.11
N HIS D 355 21.32 27.87 27.90
CA HIS D 355 20.50 26.74 27.50
C HIS D 355 21.31 25.50 27.16
N LEU D 356 22.58 25.64 26.81
CA LEU D 356 23.40 24.47 26.54
C LEU D 356 23.80 23.77 27.85
N GLU D 357 24.43 24.52 28.75
CA GLU D 357 24.91 23.93 30.00
C GLU D 357 23.74 23.43 30.85
N GLU D 358 22.67 24.20 30.94
CA GLU D 358 21.54 23.80 31.79
C GLU D 358 20.81 22.59 31.25
N ALA D 359 20.88 22.34 29.94
CA ALA D 359 20.32 21.11 29.41
C ALA D 359 21.04 19.89 29.97
N TYR D 360 22.37 19.98 30.09
CA TYR D 360 23.12 18.90 30.74
C TYR D 360 22.85 18.87 32.24
N ARG D 361 22.77 20.05 32.87
CA ARG D 361 22.58 20.10 34.32
C ARG D 361 21.27 19.43 34.71
N PHE D 362 20.18 19.78 34.03
CA PHE D 362 18.88 19.18 34.35
C PHE D 362 18.87 17.68 34.07
N ALA D 363 19.51 17.25 32.99
CA ALA D 363 19.51 15.83 32.66
C ALA D 363 20.33 15.03 33.66
N GLU D 364 21.44 15.59 34.14
CA GLU D 364 22.30 14.84 35.05
C GLU D 364 21.78 14.86 36.48
N LEU D 365 21.00 15.87 36.86
CA LEU D 365 20.51 15.98 38.23
C LEU D 365 19.08 15.52 38.42
N VAL D 366 18.21 15.72 37.44
CA VAL D 366 16.78 15.51 37.62
C VAL D 366 16.28 14.27 36.88
N PHE D 367 16.82 13.97 35.69
CA PHE D 367 16.41 12.77 34.97
C PHE D 367 16.44 11.50 35.83
N PRO D 368 17.46 11.22 36.64
CA PRO D 368 17.43 9.98 37.44
C PRO D 368 16.27 9.93 38.42
N LEU D 369 15.68 11.06 38.76
CA LEU D 369 14.57 11.11 39.70
C LEU D 369 13.21 11.12 39.03
N LEU D 370 13.18 11.13 37.71
CA LEU D 370 11.96 11.15 36.92
C LEU D 370 11.60 9.73 36.47
N PRO D 371 10.38 9.52 35.99
CA PRO D 371 9.99 8.18 35.51
C PRO D 371 10.78 7.78 34.27
N GLU D 372 10.62 6.51 33.91
CA GLU D 372 11.24 6.00 32.70
C GLU D 372 10.64 6.70 31.49
N PRO D 373 11.40 6.85 30.39
CA PRO D 373 12.75 6.33 30.19
C PRO D 373 13.85 7.25 30.73
N TYR D 374 13.46 8.41 31.26
CA TYR D 374 14.44 9.41 31.68
C TYR D 374 15.28 8.94 32.86
N ALA D 375 14.76 8.02 33.67
CA ALA D 375 15.51 7.54 34.82
C ALA D 375 16.76 6.76 34.43
N SER D 376 16.76 6.12 33.26
CA SER D 376 17.90 5.33 32.82
C SER D 376 18.86 6.14 31.94
N LEU D 377 18.45 7.31 31.49
CA LEU D 377 19.28 8.16 30.66
C LEU D 377 20.31 8.91 31.52
N MET E 24 4.98 -20.07 -13.31
CA MET E 24 4.33 -21.08 -12.47
C MET E 24 2.80 -20.98 -12.39
N ASP E 25 2.12 -22.10 -12.66
CA ASP E 25 0.66 -22.20 -12.57
C ASP E 25 0.33 -23.21 -11.48
N VAL E 26 -0.35 -22.75 -10.43
CA VAL E 26 -0.69 -23.60 -9.30
C VAL E 26 -2.18 -23.95 -9.39
N PHE E 27 -2.47 -25.24 -9.59
CA PHE E 27 -3.82 -25.74 -9.69
C PHE E 27 -4.27 -26.37 -8.38
N TRP E 28 -5.58 -26.47 -8.20
CA TRP E 28 -6.14 -27.29 -7.13
C TRP E 28 -6.92 -28.45 -7.73
N PHE E 29 -7.77 -29.10 -6.93
CA PHE E 29 -8.38 -30.36 -7.33
C PHE E 29 -9.82 -30.38 -6.87
N LEU E 30 -10.72 -30.81 -7.76
CA LEU E 30 -12.12 -30.99 -7.42
C LEU E 30 -12.35 -32.45 -7.09
N PRO E 31 -12.77 -32.79 -5.88
CA PRO E 31 -12.93 -34.21 -5.51
C PRO E 31 -14.26 -34.79 -5.99
N THR E 32 -14.40 -34.92 -7.31
CA THR E 32 -15.66 -35.40 -7.87
C THR E 32 -15.89 -36.89 -7.65
N HIS E 33 -14.96 -37.59 -7.00
CA HIS E 33 -15.14 -38.98 -6.62
C HIS E 33 -15.46 -39.15 -5.14
N GLY E 34 -15.62 -38.05 -4.40
CA GLY E 34 -15.85 -38.13 -2.98
C GLY E 34 -14.76 -37.44 -2.19
N ASP E 35 -15.07 -36.99 -0.98
CA ASP E 35 -14.11 -36.30 -0.13
C ASP E 35 -14.20 -36.85 1.28
N GLY E 36 -13.26 -36.42 2.12
CA GLY E 36 -13.23 -36.82 3.51
C GLY E 36 -11.93 -36.42 4.15
N HIS E 37 -11.76 -36.88 5.39
CA HIS E 37 -10.55 -36.61 6.15
C HIS E 37 -9.55 -37.75 6.11
N TYR E 38 -10.02 -38.99 5.95
CA TYR E 38 -9.19 -40.17 5.99
C TYR E 38 -9.56 -41.10 4.83
N LEU E 39 -8.59 -41.88 4.37
CA LEU E 39 -8.81 -42.83 3.29
C LEU E 39 -9.17 -44.20 3.84
N GLY E 40 -10.00 -44.91 3.07
CA GLY E 40 -10.41 -46.25 3.45
C GLY E 40 -11.49 -46.35 4.50
N THR E 41 -12.27 -45.30 4.71
CA THR E 41 -13.32 -45.31 5.73
C THR E 41 -14.41 -44.33 5.33
N THR E 42 -15.62 -44.61 5.79
CA THR E 42 -16.74 -43.70 5.64
C THR E 42 -16.83 -42.70 6.79
N GLN E 43 -15.96 -42.82 7.79
CA GLN E 43 -15.97 -41.88 8.90
C GLN E 43 -15.49 -40.51 8.43
N GLY E 44 -16.29 -39.49 8.69
CA GLY E 44 -15.94 -38.16 8.27
C GLY E 44 -15.98 -37.93 6.77
N ALA E 45 -16.75 -38.73 6.04
CA ALA E 45 -16.81 -38.61 4.60
C ALA E 45 -17.79 -37.52 4.18
N ARG E 46 -17.45 -36.84 3.08
CA ARG E 46 -18.29 -35.80 2.52
C ARG E 46 -18.75 -36.21 1.12
N PRO E 47 -20.03 -36.50 0.91
CA PRO E 47 -20.48 -36.92 -0.42
C PRO E 47 -20.44 -35.74 -1.39
N VAL E 48 -20.31 -36.08 -2.67
CA VAL E 48 -20.24 -35.08 -3.74
C VAL E 48 -21.62 -34.48 -3.94
N THR E 49 -21.79 -33.21 -3.60
CA THR E 49 -23.03 -32.49 -3.85
C THR E 49 -22.72 -31.21 -4.61
N LEU E 50 -23.74 -30.67 -5.27
CA LEU E 50 -23.56 -29.39 -5.95
C LEU E 50 -23.07 -28.32 -4.99
N ASN E 51 -23.65 -28.27 -3.79
CA ASN E 51 -23.26 -27.25 -2.81
C ASN E 51 -21.79 -27.38 -2.43
N TYR E 52 -21.34 -28.60 -2.14
CA TYR E 52 -19.95 -28.77 -1.72
C TYR E 52 -18.98 -28.57 -2.87
N LEU E 53 -19.39 -28.90 -4.11
CA LEU E 53 -18.53 -28.62 -5.25
C LEU E 53 -18.39 -27.12 -5.45
N LYS E 54 -19.47 -26.36 -5.23
CA LYS E 54 -19.38 -24.90 -5.26
C LYS E 54 -18.41 -24.38 -4.21
N GLN E 55 -18.44 -24.97 -3.01
CA GLN E 55 -17.55 -24.54 -1.93
C GLN E 55 -16.09 -24.66 -2.36
N VAL E 56 -15.70 -25.81 -2.89
CA VAL E 56 -14.30 -26.03 -3.27
C VAL E 56 -13.92 -25.15 -4.44
N ALA E 57 -14.77 -25.07 -5.46
CA ALA E 57 -14.44 -24.28 -6.65
C ALA E 57 -14.34 -22.80 -6.32
N GLN E 58 -15.32 -22.27 -5.59
CA GLN E 58 -15.28 -20.85 -5.24
C GLN E 58 -14.15 -20.55 -4.26
N ALA E 59 -13.74 -21.53 -3.45
CA ALA E 59 -12.56 -21.33 -2.62
C ALA E 59 -11.33 -21.16 -3.49
N ALA E 60 -11.09 -22.08 -4.41
CA ALA E 60 -9.94 -21.97 -5.30
C ALA E 60 -10.00 -20.72 -6.14
N ASP E 61 -11.21 -20.30 -6.53
CA ASP E 61 -11.38 -19.08 -7.31
C ASP E 61 -10.89 -17.87 -6.54
N SER E 62 -11.40 -17.68 -5.31
CA SER E 62 -11.08 -16.48 -4.55
C SER E 62 -9.69 -16.53 -3.93
N LEU E 63 -9.16 -17.72 -3.67
CA LEU E 63 -7.84 -17.81 -3.07
C LEU E 63 -6.71 -17.49 -4.05
N GLY E 64 -7.01 -17.49 -5.34
CA GLY E 64 -6.05 -17.12 -6.36
C GLY E 64 -5.37 -18.27 -7.08
N TYR E 65 -5.88 -19.49 -6.92
CA TYR E 65 -5.35 -20.61 -7.69
C TYR E 65 -5.59 -20.38 -9.18
N HIS E 66 -4.64 -20.83 -10.00
CA HIS E 66 -4.77 -20.65 -11.43
C HIS E 66 -5.95 -21.43 -11.98
N GLY E 67 -6.13 -22.68 -11.53
CA GLY E 67 -7.24 -23.48 -11.99
C GLY E 67 -7.48 -24.65 -11.07
N VAL E 68 -8.33 -25.56 -11.53
CA VAL E 68 -8.69 -26.75 -10.79
C VAL E 68 -8.79 -27.91 -11.76
N LEU E 69 -8.27 -29.07 -11.36
CA LEU E 69 -8.32 -30.27 -12.18
C LEU E 69 -9.53 -31.10 -11.78
N ILE E 70 -10.27 -31.58 -12.78
CA ILE E 70 -11.45 -32.40 -12.57
C ILE E 70 -11.13 -33.80 -13.06
N PRO E 71 -11.09 -34.81 -12.19
CA PRO E 71 -10.79 -36.16 -12.62
C PRO E 71 -11.94 -36.76 -13.41
N THR E 72 -11.65 -37.90 -14.04
CA THR E 72 -12.61 -38.64 -14.83
C THR E 72 -12.53 -40.10 -14.44
N GLY E 73 -13.51 -40.87 -14.92
CA GLY E 73 -13.55 -42.30 -14.69
C GLY E 73 -14.91 -42.76 -14.19
N ARG E 74 -15.04 -44.08 -14.09
CA ARG E 74 -16.30 -44.68 -13.69
C ARG E 74 -16.69 -44.32 -12.26
N SER E 75 -15.71 -44.03 -11.40
CA SER E 75 -15.97 -43.73 -10.00
C SER E 75 -16.27 -42.26 -9.75
N CYS E 76 -16.36 -41.46 -10.82
CA CYS E 76 -16.62 -40.03 -10.71
C CYS E 76 -17.97 -39.69 -11.32
N GLU E 77 -18.53 -38.58 -10.86
CA GLU E 77 -19.59 -37.91 -11.59
C GLU E 77 -19.00 -37.28 -12.86
N ASP E 78 -19.87 -37.03 -13.85
CA ASP E 78 -19.36 -36.62 -15.15
C ASP E 78 -18.67 -35.26 -15.06
N SER E 79 -17.45 -35.20 -15.62
CA SER E 79 -16.65 -33.99 -15.50
C SER E 79 -17.29 -32.82 -16.23
N TRP E 80 -17.87 -33.07 -17.42
CA TRP E 80 -18.36 -31.98 -18.23
C TRP E 80 -19.60 -31.33 -17.62
N VAL E 81 -20.48 -32.14 -17.03
CA VAL E 81 -21.64 -31.60 -16.33
C VAL E 81 -21.20 -30.75 -15.14
N ILE E 82 -20.22 -31.25 -14.37
CA ILE E 82 -19.78 -30.55 -13.17
C ILE E 82 -19.03 -29.28 -13.53
N ALA E 83 -18.12 -29.36 -14.49
CA ALA E 83 -17.37 -28.16 -14.90
C ALA E 83 -18.30 -27.09 -15.43
N SER E 84 -19.30 -27.47 -16.23
CA SER E 84 -20.25 -26.51 -16.79
C SER E 84 -21.13 -25.89 -15.72
N ALA E 85 -21.48 -26.64 -14.68
CA ALA E 85 -22.33 -26.10 -13.62
C ALA E 85 -21.58 -25.05 -12.81
N LEU E 86 -20.26 -25.19 -12.68
CA LEU E 86 -19.45 -24.29 -11.87
C LEU E 86 -18.91 -23.09 -12.64
N VAL E 87 -18.87 -23.16 -13.98
CA VAL E 87 -18.34 -22.05 -14.76
C VAL E 87 -19.04 -20.72 -14.48
N PRO E 88 -20.38 -20.63 -14.53
CA PRO E 88 -21.02 -19.33 -14.24
C PRO E 88 -20.97 -18.93 -12.77
N LEU E 89 -20.44 -19.76 -11.88
CA LEU E 89 -20.36 -19.43 -10.46
C LEU E 89 -18.96 -19.01 -10.02
N THR E 90 -18.00 -18.89 -10.95
CA THR E 90 -16.62 -18.52 -10.65
C THR E 90 -16.17 -17.48 -11.67
N GLU E 91 -15.14 -16.69 -11.29
CA GLU E 91 -14.71 -15.55 -12.09
C GLU E 91 -13.47 -15.85 -12.93
N ARG E 92 -12.37 -16.21 -12.29
CA ARG E 92 -11.11 -16.42 -12.98
C ARG E 92 -10.63 -17.86 -13.03
N LEU E 93 -11.19 -18.73 -12.18
CA LEU E 93 -10.69 -20.09 -12.07
C LEU E 93 -10.84 -20.83 -13.40
N ARG E 94 -9.78 -21.51 -13.82
CA ARG E 94 -9.83 -22.35 -15.00
C ARG E 94 -10.12 -23.80 -14.64
N TYR E 95 -10.64 -24.55 -15.61
CA TYR E 95 -11.08 -25.92 -15.39
C TYR E 95 -10.36 -26.85 -16.35
N LEU E 96 -9.62 -27.81 -15.78
CA LEU E 96 -8.91 -28.83 -16.55
C LEU E 96 -9.82 -30.05 -16.63
N VAL E 97 -10.51 -30.20 -17.77
CA VAL E 97 -11.54 -31.21 -17.94
C VAL E 97 -10.99 -32.33 -18.80
N ALA E 98 -11.34 -33.56 -18.47
CA ALA E 98 -10.83 -34.72 -19.19
C ALA E 98 -11.73 -35.09 -20.36
N ILE E 99 -11.12 -35.42 -21.49
CA ILE E 99 -11.79 -36.05 -22.61
C ILE E 99 -11.25 -37.45 -22.76
N ARG E 100 -12.13 -38.40 -23.08
CA ARG E 100 -11.76 -39.80 -23.25
C ARG E 100 -12.03 -40.22 -24.69
N PRO E 101 -11.03 -40.21 -25.57
CA PRO E 101 -11.23 -40.71 -26.94
C PRO E 101 -11.62 -42.18 -26.94
N GLY E 102 -12.45 -42.53 -27.91
CA GLY E 102 -12.96 -43.88 -28.06
C GLY E 102 -14.35 -44.08 -27.51
N ILE E 103 -14.84 -43.14 -26.71
CA ILE E 103 -16.20 -43.18 -26.17
C ILE E 103 -17.03 -41.97 -26.56
N ILE E 104 -16.47 -41.06 -27.36
CA ILE E 104 -17.18 -39.88 -27.84
C ILE E 104 -16.65 -39.53 -29.22
N SER E 105 -17.54 -39.01 -30.06
CA SER E 105 -17.14 -38.57 -31.39
C SER E 105 -16.19 -37.39 -31.27
N PRO E 106 -15.13 -37.33 -32.08
CA PRO E 106 -14.23 -36.17 -32.01
C PRO E 106 -14.91 -34.86 -32.35
N THR E 107 -15.79 -34.86 -33.36
CA THR E 107 -16.49 -33.64 -33.73
C THR E 107 -17.40 -33.16 -32.59
N VAL E 108 -18.16 -34.09 -32.00
CA VAL E 108 -19.05 -33.75 -30.91
C VAL E 108 -18.26 -33.26 -29.70
N SER E 109 -17.14 -33.93 -29.39
CA SER E 109 -16.29 -33.47 -28.29
C SER E 109 -15.78 -32.06 -28.54
N ALA E 110 -15.47 -31.75 -29.81
CA ALA E 110 -15.03 -30.40 -30.13
C ALA E 110 -16.14 -29.38 -29.91
N ARG E 111 -17.38 -29.75 -30.24
CA ARG E 111 -18.49 -28.82 -30.01
C ARG E 111 -18.70 -28.59 -28.52
N MET E 112 -18.54 -29.62 -27.70
CA MET E 112 -18.63 -29.44 -26.26
C MET E 112 -17.52 -28.50 -25.77
N ALA E 113 -16.30 -28.69 -26.25
CA ALA E 113 -15.19 -27.85 -25.85
C ALA E 113 -15.43 -26.40 -26.25
N ALA E 114 -15.91 -26.18 -27.47
CA ALA E 114 -16.15 -24.81 -27.94
C ALA E 114 -17.22 -24.12 -27.09
N THR E 115 -18.30 -24.82 -26.78
CA THR E 115 -19.39 -24.23 -26.01
C THR E 115 -18.95 -23.81 -24.61
N LEU E 116 -18.29 -24.72 -23.89
CA LEU E 116 -17.85 -24.39 -22.54
C LEU E 116 -16.79 -23.31 -22.53
N ASP E 117 -15.89 -23.34 -23.52
CA ASP E 117 -14.86 -22.30 -23.59
C ASP E 117 -15.46 -20.93 -23.90
N ARG E 118 -16.55 -20.89 -24.66
CA ARG E 118 -17.20 -19.61 -24.96
C ARG E 118 -17.95 -19.08 -23.75
N LEU E 119 -18.71 -19.93 -23.05
CA LEU E 119 -19.42 -19.48 -21.86
C LEU E 119 -18.46 -19.02 -20.77
N SER E 120 -17.29 -19.65 -20.68
CA SER E 120 -16.31 -19.32 -19.65
C SER E 120 -15.38 -18.18 -20.05
N ASN E 121 -15.50 -17.67 -21.26
CA ASN E 121 -14.62 -16.61 -21.77
C ASN E 121 -13.15 -17.05 -21.76
N GLY E 122 -12.91 -18.27 -22.23
CA GLY E 122 -11.56 -18.76 -22.40
C GLY E 122 -10.91 -19.36 -21.17
N ARG E 123 -11.70 -20.06 -20.34
CA ARG E 123 -11.18 -20.65 -19.10
C ARG E 123 -11.17 -22.17 -19.13
N LEU E 124 -11.29 -22.78 -20.31
CA LEU E 124 -11.33 -24.23 -20.42
C LEU E 124 -9.95 -24.79 -20.73
N LEU E 125 -9.57 -25.85 -20.01
CA LEU E 125 -8.36 -26.60 -20.27
C LEU E 125 -8.73 -28.08 -20.41
N ILE E 126 -8.11 -28.75 -21.39
CA ILE E 126 -8.48 -30.11 -21.77
C ILE E 126 -7.39 -31.07 -21.30
N ASN E 127 -7.81 -32.15 -20.64
CA ASN E 127 -6.90 -33.21 -20.20
C ASN E 127 -7.21 -34.48 -21.00
N VAL E 128 -6.24 -34.95 -21.78
CA VAL E 128 -6.43 -36.13 -22.62
C VAL E 128 -6.20 -37.38 -21.78
N VAL E 129 -7.25 -38.17 -21.57
CA VAL E 129 -7.19 -39.38 -20.76
C VAL E 129 -7.49 -40.57 -21.65
N THR E 130 -6.53 -41.49 -21.76
CA THR E 130 -6.70 -42.63 -22.66
C THR E 130 -7.47 -43.77 -22.02
N GLY E 131 -7.42 -43.90 -20.70
CA GLY E 131 -8.18 -44.95 -20.04
C GLY E 131 -7.36 -46.22 -19.93
N GLY E 132 -6.86 -46.52 -18.73
CA GLY E 132 -5.99 -47.65 -18.55
C GLY E 132 -6.72 -48.93 -18.18
N ASP E 133 -7.73 -48.80 -17.32
CA ASP E 133 -8.43 -49.96 -16.79
C ASP E 133 -9.23 -50.66 -17.88
N PRO E 134 -8.90 -51.91 -18.24
CA PRO E 134 -9.66 -52.59 -19.29
C PRO E 134 -11.10 -52.88 -18.89
N ASP E 135 -11.36 -53.15 -17.61
CA ASP E 135 -12.73 -53.36 -17.15
C ASP E 135 -13.56 -52.11 -17.36
N GLU E 136 -12.99 -50.94 -17.06
CA GLU E 136 -13.73 -49.70 -17.29
C GLU E 136 -13.92 -49.45 -18.78
N ASN E 137 -12.90 -49.77 -19.59
CA ASN E 137 -13.03 -49.60 -21.03
C ASN E 137 -14.07 -50.55 -21.61
N ARG E 138 -14.06 -51.81 -21.15
CA ARG E 138 -15.09 -52.75 -21.60
C ARG E 138 -16.47 -52.36 -21.08
N GLY E 139 -16.54 -51.78 -19.88
CA GLY E 139 -17.82 -51.30 -19.39
C GLY E 139 -18.38 -50.16 -20.21
N ASP E 140 -17.52 -49.41 -20.88
CA ASP E 140 -17.92 -48.30 -21.74
C ASP E 140 -18.10 -48.72 -23.20
N GLY E 141 -17.82 -49.98 -23.53
CA GLY E 141 -17.97 -50.46 -24.89
C GLY E 141 -16.70 -50.48 -25.71
N SER E 142 -15.54 -50.30 -25.09
CA SER E 142 -14.27 -50.25 -25.80
C SER E 142 -13.53 -51.56 -25.56
N PHE E 143 -13.23 -52.28 -26.64
CA PHE E 143 -12.49 -53.54 -26.61
C PHE E 143 -11.26 -53.36 -27.48
N LEU E 144 -10.24 -52.74 -26.92
CA LEU E 144 -9.03 -52.38 -27.65
C LEU E 144 -7.83 -52.80 -26.81
N SER E 145 -6.78 -53.24 -27.48
CA SER E 145 -5.54 -53.57 -26.80
C SER E 145 -4.84 -52.29 -26.35
N HIS E 146 -3.73 -52.47 -25.63
CA HIS E 146 -2.97 -51.32 -25.15
C HIS E 146 -2.48 -50.46 -26.32
N SER E 147 -1.99 -51.10 -27.38
CA SER E 147 -1.52 -50.36 -28.55
C SER E 147 -2.68 -49.69 -29.28
N GLU E 148 -3.84 -50.35 -29.35
CA GLU E 148 -4.97 -49.78 -30.08
C GLU E 148 -5.54 -48.55 -29.38
N ARG E 149 -5.46 -48.48 -28.06
CA ARG E 149 -6.01 -47.33 -27.35
C ARG E 149 -5.29 -46.02 -27.73
N TYR E 150 -3.97 -46.07 -27.85
CA TYR E 150 -3.23 -44.87 -28.24
C TYR E 150 -3.33 -44.57 -29.73
N GLU E 151 -3.57 -45.59 -30.57
CA GLU E 151 -3.82 -45.34 -31.98
C GLU E 151 -5.10 -44.54 -32.18
N VAL E 152 -6.14 -44.84 -31.40
CA VAL E 152 -7.40 -44.11 -31.50
C VAL E 152 -7.22 -42.65 -31.07
N THR E 153 -6.45 -42.43 -30.00
CA THR E 153 -6.25 -41.06 -29.51
C THR E 153 -5.55 -40.20 -30.55
N ASP E 154 -4.59 -40.76 -31.29
CA ASP E 154 -3.90 -40.00 -32.33
C ASP E 154 -4.87 -39.52 -33.40
N GLU E 155 -5.74 -40.42 -33.87
CA GLU E 155 -6.73 -40.03 -34.88
C GLU E 155 -7.79 -39.10 -34.28
N PHE E 156 -8.14 -39.30 -33.01
CA PHE E 156 -9.10 -38.42 -32.35
C PHE E 156 -8.58 -37.00 -32.28
N LEU E 157 -7.35 -36.83 -31.77
CA LEU E 157 -6.79 -35.51 -31.59
C LEU E 157 -6.58 -34.79 -32.92
N LYS E 158 -6.25 -35.53 -33.98
CA LYS E 158 -6.04 -34.90 -35.28
C LYS E 158 -7.34 -34.27 -35.78
N ILE E 159 -8.45 -35.01 -35.67
CA ILE E 159 -9.76 -34.47 -36.04
C ILE E 159 -10.16 -33.35 -35.10
N TRP E 160 -9.96 -33.56 -33.79
CA TRP E 160 -10.37 -32.59 -32.78
C TRP E 160 -9.69 -31.25 -33.01
N ARG E 161 -8.36 -31.25 -33.19
CA ARG E 161 -7.62 -30.02 -33.37
C ARG E 161 -8.00 -29.29 -34.66
N ARG E 162 -8.13 -30.04 -35.76
CA ARG E 162 -8.43 -29.40 -37.03
C ARG E 162 -9.85 -28.87 -37.08
N VAL E 163 -10.79 -29.59 -36.46
CA VAL E 163 -12.19 -29.16 -36.46
C VAL E 163 -12.35 -27.83 -35.75
N LEU E 164 -11.64 -27.64 -34.63
CA LEU E 164 -11.75 -26.42 -33.83
C LEU E 164 -11.14 -25.19 -34.49
N GLN E 165 -10.39 -25.35 -35.58
CA GLN E 165 -9.79 -24.21 -36.25
C GLN E 165 -10.60 -23.72 -37.45
N GLY E 166 -11.84 -24.16 -37.60
CA GLY E 166 -12.69 -23.71 -38.67
C GLY E 166 -12.62 -24.53 -39.95
N GLU E 167 -11.91 -25.65 -39.93
CA GLU E 167 -11.75 -26.49 -41.11
C GLU E 167 -12.87 -27.51 -41.17
N ALA E 168 -13.42 -27.69 -42.37
CA ALA E 168 -14.31 -28.82 -42.65
C ALA E 168 -13.42 -30.02 -42.88
N VAL E 169 -13.34 -30.91 -41.89
CA VAL E 169 -12.33 -31.95 -41.86
C VAL E 169 -12.85 -33.19 -42.56
N ASP E 170 -12.06 -33.69 -43.51
CA ASP E 170 -12.26 -34.99 -44.12
C ASP E 170 -11.14 -35.91 -43.63
N PHE E 171 -11.51 -36.96 -42.90
CA PHE E 171 -10.53 -37.85 -42.30
C PHE E 171 -11.03 -39.28 -42.40
N GLU E 172 -10.17 -40.18 -42.87
CA GLU E 172 -10.49 -41.61 -42.96
C GLU E 172 -9.28 -42.37 -42.43
N GLY E 173 -9.34 -42.78 -41.16
CA GLY E 173 -8.26 -43.50 -40.53
C GLY E 173 -8.57 -44.96 -40.28
N LYS E 174 -7.72 -45.58 -39.44
CA LYS E 174 -7.90 -46.98 -39.10
C LYS E 174 -9.10 -47.19 -38.19
N HIS E 175 -9.36 -46.26 -37.29
CA HIS E 175 -10.43 -46.39 -36.29
C HIS E 175 -11.55 -45.38 -36.47
N LEU E 176 -11.25 -44.16 -36.89
CA LEU E 176 -12.23 -43.09 -36.99
C LEU E 176 -12.35 -42.65 -38.45
N LYS E 177 -13.55 -42.23 -38.83
CA LYS E 177 -13.82 -41.79 -40.20
C LYS E 177 -14.86 -40.69 -40.15
N VAL E 178 -14.52 -39.51 -40.67
CA VAL E 178 -15.44 -38.38 -40.74
C VAL E 178 -15.39 -37.77 -42.13
N GLN E 179 -16.53 -37.20 -42.55
CA GLN E 179 -16.65 -36.54 -43.84
C GLN E 179 -17.35 -35.20 -43.63
N ASN E 180 -16.62 -34.11 -43.90
CA ASN E 180 -17.15 -32.75 -43.78
C ASN E 180 -17.52 -32.41 -42.33
N ALA E 181 -16.60 -32.72 -41.41
CA ALA E 181 -16.79 -32.41 -40.00
C ALA E 181 -16.46 -30.94 -39.74
N LYS E 182 -17.41 -30.22 -39.15
CA LYS E 182 -17.26 -28.79 -38.92
C LYS E 182 -17.78 -28.43 -37.53
N ALA E 183 -17.09 -27.49 -36.88
CA ALA E 183 -17.58 -26.87 -35.64
C ALA E 183 -17.86 -25.41 -35.93
N LEU E 184 -19.16 -25.06 -35.95
CA LEU E 184 -19.59 -23.75 -36.42
C LEU E 184 -19.28 -22.62 -35.42
N TYR E 185 -19.07 -22.95 -34.14
CA TYR E 185 -18.82 -21.92 -33.13
C TYR E 185 -17.35 -21.91 -32.76
N PRO E 186 -16.63 -20.82 -33.01
CA PRO E 186 -15.18 -20.83 -32.78
C PRO E 186 -14.87 -20.76 -31.29
N PRO E 187 -13.77 -21.35 -30.85
CA PRO E 187 -13.36 -21.24 -29.45
C PRO E 187 -12.78 -19.87 -29.15
N VAL E 188 -12.67 -19.58 -27.86
CA VAL E 188 -12.10 -18.30 -27.44
C VAL E 188 -10.57 -18.35 -27.48
N GLN E 189 -9.98 -19.38 -26.87
CA GLN E 189 -8.53 -19.54 -26.89
C GLN E 189 -8.09 -20.06 -28.24
N LYS E 190 -7.04 -19.44 -28.80
CA LYS E 190 -6.57 -19.82 -30.12
C LYS E 190 -5.24 -20.57 -29.99
N PRO E 191 -5.00 -21.61 -30.80
CA PRO E 191 -5.88 -22.18 -31.83
C PRO E 191 -6.99 -23.03 -31.24
N TYR E 192 -6.77 -23.49 -30.02
CA TYR E 192 -7.74 -24.32 -29.30
C TYR E 192 -7.34 -24.33 -27.83
N PRO E 193 -8.25 -24.76 -26.95
CA PRO E 193 -7.89 -24.86 -25.52
C PRO E 193 -6.66 -25.73 -25.33
N PRO E 194 -5.72 -25.29 -24.49
CA PRO E 194 -4.45 -26.02 -24.34
C PRO E 194 -4.67 -27.49 -23.97
N LEU E 195 -3.84 -28.35 -24.54
CA LEU E 195 -3.97 -29.80 -24.38
C LEU E 195 -2.98 -30.29 -23.33
N TYR E 196 -3.50 -30.89 -22.25
CA TYR E 196 -2.71 -31.51 -21.21
C TYR E 196 -2.80 -33.03 -21.35
N PHE E 197 -1.69 -33.71 -21.08
CA PHE E 197 -1.63 -35.16 -21.29
C PHE E 197 -0.60 -35.81 -20.37
N GLY E 198 -0.99 -36.93 -19.78
CA GLY E 198 -0.11 -37.73 -18.95
C GLY E 198 0.01 -39.14 -19.46
N GLY E 199 1.02 -39.87 -18.99
CA GLY E 199 1.25 -41.23 -19.44
C GLY E 199 2.71 -41.55 -19.60
N SER E 200 3.12 -42.70 -19.10
CA SER E 200 4.53 -43.08 -19.07
C SER E 200 4.91 -44.09 -20.15
N SER E 201 3.94 -44.52 -20.97
CA SER E 201 4.23 -45.48 -22.03
C SER E 201 5.11 -44.85 -23.11
N ASP E 202 5.74 -45.71 -23.90
CA ASP E 202 6.52 -45.24 -25.04
C ASP E 202 5.61 -44.55 -26.06
N ALA E 203 4.45 -45.15 -26.33
CA ALA E 203 3.49 -44.53 -27.25
C ALA E 203 2.92 -43.23 -26.68
N ALA E 204 2.79 -43.13 -25.36
CA ALA E 204 2.27 -41.91 -24.76
C ALA E 204 3.24 -40.75 -24.96
N HIS E 205 4.54 -40.98 -24.77
CA HIS E 205 5.53 -39.93 -24.95
C HIS E 205 5.64 -39.51 -26.42
N ASP E 206 5.51 -40.47 -27.34
CA ASP E 206 5.51 -40.13 -28.75
C ASP E 206 4.29 -39.31 -29.13
N LEU E 207 3.13 -39.65 -28.57
CA LEU E 207 1.91 -38.91 -28.85
C LEU E 207 1.96 -37.50 -28.25
N ALA E 208 2.48 -37.38 -27.04
CA ALA E 208 2.58 -36.07 -26.39
C ALA E 208 3.49 -35.14 -27.18
N ALA E 209 4.63 -35.64 -27.65
CA ALA E 209 5.61 -34.81 -28.34
C ALA E 209 5.08 -34.24 -29.66
N GLU E 210 4.02 -34.83 -30.21
CA GLU E 210 3.52 -34.42 -31.53
C GLU E 210 2.29 -33.52 -31.48
N GLN E 211 1.40 -33.72 -30.50
CA GLN E 211 0.10 -33.04 -30.53
C GLN E 211 -0.23 -32.23 -29.29
N VAL E 212 0.23 -32.63 -28.10
CA VAL E 212 -0.22 -31.97 -26.88
C VAL E 212 0.66 -30.77 -26.58
N ASP E 213 0.20 -29.92 -25.66
CA ASP E 213 0.91 -28.70 -25.28
C ASP E 213 1.62 -28.80 -23.95
N VAL E 214 1.07 -29.56 -22.99
CA VAL E 214 1.63 -29.71 -21.66
C VAL E 214 1.72 -31.20 -21.34
N TYR E 215 2.91 -31.65 -20.94
CA TYR E 215 3.12 -33.03 -20.52
C TYR E 215 3.06 -33.11 -19.01
N LEU E 216 2.29 -34.05 -18.50
CA LEU E 216 2.07 -34.22 -17.07
C LEU E 216 2.76 -35.49 -16.58
N THR E 217 3.21 -35.44 -15.34
CA THR E 217 3.83 -36.61 -14.71
C THR E 217 3.44 -36.62 -13.23
N TRP E 218 3.44 -37.82 -12.65
CA TRP E 218 3.15 -37.95 -11.24
C TRP E 218 4.36 -37.53 -10.42
N GLY E 219 4.18 -37.44 -9.11
CA GLY E 219 5.25 -36.99 -8.25
C GLY E 219 6.33 -38.03 -7.98
N GLU E 220 7.41 -37.97 -8.74
CA GLU E 220 8.56 -38.84 -8.59
C GLU E 220 9.77 -38.05 -8.12
N PRO E 221 10.83 -38.74 -7.67
CA PRO E 221 12.04 -38.02 -7.30
C PRO E 221 12.57 -37.21 -8.47
N PRO E 222 13.21 -36.07 -8.18
CA PRO E 222 13.63 -35.17 -9.27
C PRO E 222 14.44 -35.84 -10.36
N ALA E 223 15.30 -36.80 -10.00
CA ALA E 223 16.08 -37.51 -11.01
C ALA E 223 15.16 -38.31 -11.93
N ALA E 224 14.14 -38.95 -11.36
CA ALA E 224 13.21 -39.74 -12.17
C ALA E 224 12.36 -38.85 -13.07
N VAL E 225 11.97 -37.67 -12.58
CA VAL E 225 11.20 -36.76 -13.42
C VAL E 225 12.07 -36.20 -14.55
N ALA E 226 13.32 -35.84 -14.24
CA ALA E 226 14.19 -35.25 -15.25
C ALA E 226 14.43 -36.21 -16.43
N GLU E 227 14.39 -37.52 -16.18
CA GLU E 227 14.54 -38.48 -17.27
C GLU E 227 13.35 -38.44 -18.22
N LYS E 228 12.12 -38.43 -17.68
CA LYS E 228 10.96 -38.30 -18.56
C LYS E 228 10.91 -36.93 -19.22
N LEU E 229 11.25 -35.87 -18.47
CA LEU E 229 11.23 -34.53 -19.05
C LEU E 229 12.22 -34.43 -20.20
N ALA E 230 13.43 -34.95 -20.01
CA ALA E 230 14.41 -34.93 -21.10
C ALA E 230 13.97 -35.80 -22.27
N ASP E 231 13.28 -36.91 -22.00
CA ASP E 231 12.80 -37.77 -23.08
C ASP E 231 11.76 -37.06 -23.93
N VAL E 232 10.72 -36.51 -23.28
CA VAL E 232 9.68 -35.80 -24.02
C VAL E 232 10.25 -34.61 -24.77
N ARG E 233 11.16 -33.87 -24.13
CA ARG E 233 11.76 -32.71 -24.77
C ARG E 233 12.55 -33.10 -26.01
N GLU E 234 13.20 -34.25 -25.99
CA GLU E 234 13.97 -34.68 -27.16
C GLU E 234 13.07 -35.12 -28.30
N ARG E 235 11.98 -35.85 -28.01
CA ARG E 235 11.07 -36.29 -29.06
C ARG E 235 10.31 -35.12 -29.68
N ALA E 236 9.95 -34.12 -28.87
CA ALA E 236 9.23 -32.97 -29.40
C ALA E 236 10.11 -32.14 -30.33
N ALA E 237 11.42 -32.13 -30.09
CA ALA E 237 12.32 -31.42 -30.99
C ALA E 237 12.37 -32.09 -32.37
N ARG E 238 12.17 -33.40 -32.43
CA ARG E 238 12.12 -34.10 -33.71
C ARG E 238 10.88 -33.73 -34.52
N HIS E 239 9.85 -33.19 -33.87
CA HIS E 239 8.67 -32.68 -34.55
C HIS E 239 8.71 -31.16 -34.70
N GLY E 240 9.83 -30.53 -34.32
CA GLY E 240 9.94 -29.09 -34.39
C GLY E 240 9.03 -28.36 -33.43
N ARG E 241 8.78 -28.94 -32.25
CA ARG E 241 7.89 -28.34 -31.26
C ARG E 241 8.59 -28.32 -29.91
N LYS E 242 8.06 -27.51 -29.01
CA LYS E 242 8.44 -27.50 -27.62
C LYS E 242 7.17 -27.60 -26.78
N VAL E 243 7.19 -28.44 -25.76
CA VAL E 243 6.05 -28.64 -24.88
C VAL E 243 6.38 -28.16 -23.48
N LYS E 244 5.38 -27.60 -22.81
CA LYS E 244 5.53 -27.25 -21.40
C LYS E 244 5.33 -28.50 -20.54
N PHE E 245 5.74 -28.40 -19.28
CA PHE E 245 5.71 -29.56 -18.39
C PHE E 245 4.93 -29.24 -17.11
N GLY E 246 4.22 -30.25 -16.62
CA GLY E 246 3.47 -30.11 -15.39
C GLY E 246 3.59 -31.37 -14.55
N ILE E 247 3.29 -31.21 -13.26
CA ILE E 247 3.42 -32.28 -12.29
C ILE E 247 2.17 -32.36 -11.42
N ARG E 248 1.83 -33.58 -11.01
CA ARG E 248 0.69 -33.85 -10.14
C ARG E 248 1.23 -34.26 -8.78
N LEU E 249 0.81 -33.55 -7.74
CA LEU E 249 1.34 -33.80 -6.40
C LEU E 249 0.25 -33.57 -5.37
N HIS E 250 0.03 -34.58 -4.53
CA HIS E 250 -0.71 -34.37 -3.30
C HIS E 250 0.16 -33.59 -2.33
N VAL E 251 -0.46 -32.96 -1.34
CA VAL E 251 0.30 -32.12 -0.42
C VAL E 251 -0.30 -32.20 0.97
N ILE E 252 0.54 -32.49 1.96
CA ILE E 252 0.17 -32.43 3.37
C ILE E 252 1.17 -31.49 4.03
N VAL E 253 0.80 -30.21 4.13
CA VAL E 253 1.67 -29.18 4.68
C VAL E 253 1.06 -28.63 5.96
N ARG E 254 1.86 -28.58 7.01
CA ARG E 254 1.46 -28.04 8.30
C ARG E 254 2.48 -27.00 8.73
N GLU E 255 2.24 -26.35 9.87
CA GLU E 255 3.13 -25.29 10.32
C GLU E 255 4.52 -25.84 10.68
N THR E 256 4.57 -27.04 11.25
CA THR E 256 5.83 -27.70 11.56
C THR E 256 5.89 -29.04 10.85
N ALA E 257 7.11 -29.56 10.67
CA ALA E 257 7.27 -30.84 10.01
C ALA E 257 6.66 -31.99 10.81
N GLU E 258 6.64 -31.86 12.14
CA GLU E 258 6.07 -32.93 12.97
C GLU E 258 4.56 -33.05 12.77
N GLU E 259 3.86 -31.90 12.73
CA GLU E 259 2.42 -31.94 12.51
C GLU E 259 2.08 -32.48 11.12
N ALA E 260 2.93 -32.21 10.12
CA ALA E 260 2.64 -32.67 8.78
C ALA E 260 2.75 -34.19 8.67
N TRP E 261 3.79 -34.78 9.26
CA TRP E 261 3.94 -36.23 9.21
C TRP E 261 2.90 -36.94 10.07
N LYS E 262 2.50 -36.32 11.19
CA LYS E 262 1.44 -36.91 12.00
C LYS E 262 0.12 -36.94 11.25
N ALA E 263 -0.16 -35.90 10.45
CA ALA E 263 -1.36 -35.89 9.62
C ALA E 263 -1.29 -36.91 8.50
N ALA E 264 -0.09 -37.15 7.96
CA ALA E 264 0.06 -38.20 6.95
C ALA E 264 -0.15 -39.57 7.57
N ASP E 265 0.33 -39.76 8.80
CA ASP E 265 0.10 -41.01 9.51
C ASP E 265 -1.38 -41.24 9.79
N LYS E 266 -2.09 -40.19 10.21
CA LYS E 266 -3.51 -40.31 10.51
C LYS E 266 -4.36 -40.56 9.26
N LEU E 267 -3.87 -40.18 8.08
CA LEU E 267 -4.64 -40.36 6.85
C LEU E 267 -4.84 -41.82 6.50
N ILE E 268 -3.87 -42.68 6.82
CA ILE E 268 -3.93 -44.09 6.46
C ILE E 268 -4.10 -44.99 7.69
N GLU E 269 -4.63 -44.46 8.80
CA GLU E 269 -4.80 -45.26 10.00
C GLU E 269 -5.75 -46.43 9.77
N HIS E 270 -6.88 -46.18 9.11
CA HIS E 270 -7.91 -47.19 8.93
C HIS E 270 -7.72 -47.97 7.63
N ILE E 271 -6.52 -48.48 7.40
CA ILE E 271 -6.26 -49.31 6.22
C ILE E 271 -5.74 -50.68 6.61
N GLU E 306 8.09 -43.05 2.51
CA GLU E 306 8.83 -41.87 2.10
C GLU E 306 9.94 -42.21 1.11
N ILE E 307 9.62 -42.14 -0.19
CA ILE E 307 10.55 -42.53 -1.25
C ILE E 307 11.61 -41.49 -1.55
N ALA E 308 11.47 -40.28 -1.03
CA ALA E 308 12.41 -39.20 -1.31
C ALA E 308 12.21 -38.12 -0.25
N PRO E 309 13.21 -37.21 -0.06
CA PRO E 309 13.05 -36.13 0.92
C PRO E 309 11.73 -35.39 0.81
N ASN E 310 10.85 -35.59 1.80
CA ASN E 310 9.54 -34.97 1.88
C ASN E 310 8.59 -35.41 0.77
N LEU E 311 8.87 -36.54 0.13
CA LEU E 311 8.03 -37.12 -0.91
C LEU E 311 7.48 -38.45 -0.40
N TRP E 312 6.21 -38.45 -0.04
CA TRP E 312 5.56 -39.58 0.63
C TRP E 312 4.59 -40.25 -0.33
N ALA E 313 4.70 -41.57 -0.47
CA ALA E 313 3.92 -42.35 -1.43
C ALA E 313 2.74 -43.08 -0.78
N GLY E 314 2.21 -42.56 0.32
CA GLY E 314 1.12 -43.26 1.01
C GLY E 314 -0.22 -43.17 0.29
N VAL E 315 -0.46 -42.07 -0.43
CA VAL E 315 -1.73 -41.91 -1.13
C VAL E 315 -1.92 -42.90 -2.27
N GLY E 316 -0.83 -43.51 -2.75
CA GLY E 316 -0.90 -44.46 -3.85
C GLY E 316 -1.49 -45.82 -3.52
N LEU E 317 -2.04 -45.97 -2.31
CA LEU E 317 -2.66 -47.23 -1.91
C LEU E 317 -4.09 -47.29 -2.43
N GLY E 323 -0.98 -40.67 -6.34
CA GLY E 323 0.40 -41.11 -6.47
C GLY E 323 1.24 -40.87 -5.23
N THR E 324 1.85 -39.69 -5.15
CA THR E 324 2.68 -39.30 -4.02
C THR E 324 2.23 -37.94 -3.49
N ALA E 325 2.82 -37.54 -2.37
CA ALA E 325 2.45 -36.31 -1.67
C ALA E 325 3.70 -35.62 -1.13
N LEU E 326 3.62 -34.30 -1.01
CA LEU E 326 4.66 -33.52 -0.35
C LEU E 326 4.25 -33.33 1.11
N VAL E 327 5.11 -33.78 2.03
CA VAL E 327 4.83 -33.73 3.46
C VAL E 327 5.96 -32.98 4.16
N GLY E 328 5.61 -31.98 4.94
CA GLY E 328 6.60 -31.24 5.69
C GLY E 328 6.08 -29.86 6.06
N ASP E 329 7.00 -29.05 6.58
CA ASP E 329 6.68 -27.67 6.94
C ASP E 329 6.68 -26.80 5.68
N PRO E 330 6.21 -25.54 5.78
CA PRO E 330 6.10 -24.74 4.54
C PRO E 330 7.41 -24.56 3.80
N GLN E 331 8.53 -24.38 4.52
CA GLN E 331 9.81 -24.22 3.84
C GLN E 331 10.23 -25.51 3.17
N GLN E 332 9.98 -26.66 3.80
CA GLN E 332 10.31 -27.94 3.18
C GLN E 332 9.47 -28.18 1.93
N VAL E 333 8.17 -27.90 2.01
CA VAL E 333 7.29 -28.11 0.86
C VAL E 333 7.63 -27.13 -0.26
N ALA E 334 7.90 -25.87 0.08
CA ALA E 334 8.26 -24.89 -0.94
C ALA E 334 9.58 -25.23 -1.61
N ALA E 335 10.50 -25.85 -0.87
CA ALA E 335 11.79 -26.22 -1.45
C ALA E 335 11.64 -27.31 -2.49
N ARG E 336 10.77 -28.29 -2.24
CA ARG E 336 10.52 -29.35 -3.22
C ARG E 336 9.87 -28.80 -4.48
N ILE E 337 9.04 -27.77 -4.35
CA ILE E 337 8.45 -27.12 -5.52
C ILE E 337 9.53 -26.42 -6.34
N LYS E 338 10.51 -25.82 -5.67
CA LYS E 338 11.62 -25.17 -6.37
C LYS E 338 12.42 -26.16 -7.22
N GLU E 339 12.71 -27.34 -6.67
CA GLU E 339 13.47 -28.35 -7.42
C GLU E 339 12.72 -28.75 -8.69
N TYR E 340 11.40 -28.95 -8.58
CA TYR E 340 10.61 -29.36 -9.74
C TYR E 340 10.54 -28.24 -10.77
N ALA E 341 10.41 -26.99 -10.32
CA ALA E 341 10.37 -25.87 -11.25
C ALA E 341 11.71 -25.70 -11.98
N ASP E 342 12.83 -25.96 -11.29
CA ASP E 342 14.14 -25.87 -11.94
C ASP E 342 14.34 -26.93 -13.01
N LEU E 343 13.55 -28.01 -12.99
CA LEU E 343 13.63 -29.03 -14.02
C LEU E 343 12.84 -28.66 -15.27
N GLY E 344 12.03 -27.61 -15.21
CA GLY E 344 11.19 -27.21 -16.32
C GLY E 344 9.70 -27.38 -16.08
N ILE E 345 9.28 -27.66 -14.85
CA ILE E 345 7.87 -27.86 -14.53
C ILE E 345 7.25 -26.49 -14.24
N GLU E 346 6.18 -26.17 -14.95
CA GLU E 346 5.48 -24.90 -14.80
C GLU E 346 4.05 -25.02 -14.30
N SER E 347 3.43 -26.19 -14.41
CA SER E 347 2.10 -26.42 -13.87
C SER E 347 2.20 -27.37 -12.69
N PHE E 348 1.51 -27.04 -11.61
CA PHE E 348 1.48 -27.85 -10.41
C PHE E 348 0.02 -28.07 -10.02
N ILE E 349 -0.39 -29.34 -9.95
CA ILE E 349 -1.76 -29.69 -9.60
C ILE E 349 -1.72 -30.33 -8.22
N PHE E 350 -2.17 -29.59 -7.21
CA PHE E 350 -2.10 -30.05 -5.84
C PHE E 350 -3.47 -30.53 -5.35
N SER E 351 -3.43 -31.31 -4.27
CA SER E 351 -4.65 -31.82 -3.65
C SER E 351 -4.41 -32.07 -2.16
N GLY E 352 -5.51 -32.15 -1.42
CA GLY E 352 -5.43 -32.40 0.01
C GLY E 352 -6.78 -32.81 0.54
N TYR E 353 -6.76 -33.50 1.68
CA TYR E 353 -7.97 -33.99 2.31
C TYR E 353 -8.21 -33.26 3.63
N PRO E 354 -9.36 -32.60 3.81
CA PRO E 354 -10.40 -32.39 2.79
C PRO E 354 -10.00 -31.30 1.82
N HIS E 355 -10.59 -31.28 0.63
CA HIS E 355 -10.14 -30.39 -0.43
C HIS E 355 -10.53 -28.94 -0.18
N LEU E 356 -11.54 -28.67 0.66
CA LEU E 356 -11.89 -27.30 1.01
C LEU E 356 -10.89 -26.71 2.01
N GLU E 357 -10.72 -27.37 3.15
CA GLU E 357 -9.84 -26.84 4.19
C GLU E 357 -8.40 -26.77 3.70
N GLU E 358 -7.92 -27.81 3.02
CA GLU E 358 -6.53 -27.82 2.58
C GLU E 358 -6.25 -26.81 1.47
N ALA E 359 -7.26 -26.41 0.70
CA ALA E 359 -7.05 -25.33 -0.26
C ALA E 359 -6.71 -24.03 0.44
N TYR E 360 -7.35 -23.77 1.59
CA TYR E 360 -6.98 -22.61 2.40
C TYR E 360 -5.64 -22.83 3.10
N ARG E 361 -5.39 -24.05 3.58
CA ARG E 361 -4.14 -24.34 4.27
C ARG E 361 -2.94 -24.13 3.35
N PHE E 362 -3.01 -24.69 2.14
CA PHE E 362 -1.91 -24.55 1.20
C PHE E 362 -1.72 -23.10 0.77
N ALA E 363 -2.82 -22.37 0.58
CA ALA E 363 -2.72 -20.99 0.13
C ALA E 363 -2.13 -20.09 1.22
N GLU E 364 -2.47 -20.36 2.47
CA GLU E 364 -1.98 -19.51 3.56
C GLU E 364 -0.55 -19.84 3.98
N LEU E 365 -0.09 -21.07 3.75
CA LEU E 365 1.24 -21.48 4.16
C LEU E 365 2.28 -21.48 3.04
N VAL E 366 1.89 -21.79 1.81
CA VAL E 366 2.85 -22.02 0.73
C VAL E 366 2.85 -20.88 -0.29
N PHE E 367 1.69 -20.29 -0.57
CA PHE E 367 1.63 -19.14 -1.48
C PHE E 367 2.66 -18.04 -1.17
N PRO E 368 2.87 -17.62 0.07
CA PRO E 368 3.87 -16.56 0.33
C PRO E 368 5.29 -16.93 -0.08
N LEU E 369 5.61 -18.21 -0.19
CA LEU E 369 6.95 -18.67 -0.53
C LEU E 369 7.13 -18.97 -2.00
N LEU E 370 6.08 -18.83 -2.80
CA LEU E 370 6.10 -19.07 -4.22
C LEU E 370 6.30 -17.76 -4.98
N PRO E 371 6.63 -17.82 -6.26
CA PRO E 371 6.79 -16.57 -7.03
C PRO E 371 5.47 -15.83 -7.17
N GLU E 372 5.58 -14.60 -7.68
CA GLU E 372 4.39 -13.81 -7.97
C GLU E 372 3.59 -14.50 -9.07
N PRO E 373 2.26 -14.33 -9.08
CA PRO E 373 1.46 -13.46 -8.21
C PRO E 373 1.08 -14.11 -6.88
N TYR E 374 1.47 -15.37 -6.68
CA TYR E 374 1.03 -16.11 -5.50
C TYR E 374 1.62 -15.54 -4.22
N ALA E 375 2.76 -14.87 -4.31
CA ALA E 375 3.37 -14.26 -3.13
C ALA E 375 2.53 -13.12 -2.59
N SER E 376 1.77 -12.44 -3.45
CA SER E 376 1.00 -11.27 -3.07
C SER E 376 -0.45 -11.60 -2.70
N LEU E 377 -0.92 -12.80 -2.98
CA LEU E 377 -2.29 -13.19 -2.68
C LEU E 377 -2.49 -13.54 -1.20
N SER F 23 -54.36 -32.09 -16.02
CA SER F 23 -53.00 -32.60 -16.15
C SER F 23 -52.33 -32.09 -17.42
N MET F 24 -51.43 -31.12 -17.27
CA MET F 24 -50.83 -30.49 -18.44
C MET F 24 -49.48 -29.89 -18.06
N ASP F 25 -48.46 -30.18 -18.85
CA ASP F 25 -47.11 -29.65 -18.66
C ASP F 25 -46.79 -28.74 -19.83
N VAL F 26 -46.58 -27.45 -19.54
CA VAL F 26 -46.32 -26.44 -20.56
C VAL F 26 -44.84 -26.10 -20.54
N PHE F 27 -44.15 -26.38 -21.64
CA PHE F 27 -42.73 -26.10 -21.80
C PHE F 27 -42.53 -24.84 -22.64
N TRP F 28 -41.34 -24.25 -22.48
CA TRP F 28 -40.84 -23.20 -23.37
C TRP F 28 -39.60 -23.73 -24.11
N PHE F 29 -38.81 -22.83 -24.67
CA PHE F 29 -37.76 -23.21 -25.60
C PHE F 29 -36.52 -22.36 -25.36
N LEU F 30 -35.35 -23.00 -25.32
CA LEU F 30 -34.08 -22.28 -25.21
C LEU F 30 -33.47 -22.13 -26.60
N PRO F 31 -33.29 -20.92 -27.11
CA PRO F 31 -32.76 -20.73 -28.48
C PRO F 31 -31.25 -20.88 -28.57
N THR F 32 -30.76 -22.10 -28.34
CA THR F 32 -29.31 -22.31 -28.39
C THR F 32 -28.74 -22.27 -29.80
N HIS F 33 -29.57 -22.09 -30.83
CA HIS F 33 -29.08 -21.90 -32.18
C HIS F 33 -29.15 -20.44 -32.63
N GLY F 34 -29.54 -19.53 -31.74
CA GLY F 34 -29.70 -18.14 -32.10
C GLY F 34 -31.12 -17.67 -31.91
N ASP F 35 -31.30 -16.37 -31.70
CA ASP F 35 -32.61 -15.78 -31.50
C ASP F 35 -32.69 -14.51 -32.32
N GLY F 36 -33.88 -13.92 -32.38
CA GLY F 36 -34.08 -12.68 -33.10
C GLY F 36 -35.56 -12.35 -33.19
N HIS F 37 -35.84 -11.31 -33.98
CA HIS F 37 -37.21 -10.85 -34.19
C HIS F 37 -37.84 -11.37 -35.47
N TYR F 38 -37.04 -11.60 -36.52
CA TYR F 38 -37.59 -11.99 -37.81
C TYR F 38 -36.78 -13.16 -38.40
N LEU F 39 -37.45 -13.95 -39.22
CA LEU F 39 -36.82 -15.07 -39.89
C LEU F 39 -36.31 -14.64 -41.26
N GLY F 40 -35.22 -15.26 -41.69
CA GLY F 40 -34.65 -14.98 -42.99
C GLY F 40 -33.84 -13.70 -43.07
N THR F 41 -33.42 -13.15 -41.93
CA THR F 41 -32.64 -11.91 -41.92
C THR F 41 -31.83 -11.87 -40.63
N THR F 42 -30.71 -11.18 -40.68
CA THR F 42 -29.88 -10.94 -39.51
C THR F 42 -30.26 -9.67 -38.75
N GLN F 43 -31.23 -8.90 -39.26
CA GLN F 43 -31.65 -7.69 -38.59
C GLN F 43 -32.35 -8.02 -37.28
N GLY F 44 -31.92 -7.39 -36.19
CA GLY F 44 -32.50 -7.67 -34.89
C GLY F 44 -32.16 -9.03 -34.31
N ALA F 45 -31.03 -9.60 -34.70
CA ALA F 45 -30.65 -10.93 -34.24
C ALA F 45 -29.98 -10.86 -32.88
N ARG F 46 -30.21 -11.90 -32.08
CA ARG F 46 -29.61 -12.02 -30.74
C ARG F 46 -28.68 -13.22 -30.69
N PRO F 47 -27.37 -13.02 -30.54
CA PRO F 47 -26.45 -14.16 -30.49
C PRO F 47 -26.58 -14.93 -29.18
N VAL F 48 -26.22 -16.21 -29.23
CA VAL F 48 -26.29 -17.07 -28.06
C VAL F 48 -25.15 -16.69 -27.12
N THR F 49 -25.50 -16.10 -25.97
CA THR F 49 -24.54 -15.81 -24.94
C THR F 49 -25.03 -16.41 -23.63
N LEU F 50 -24.09 -16.63 -22.70
CA LEU F 50 -24.46 -17.08 -21.37
C LEU F 50 -25.46 -16.15 -20.72
N ASN F 51 -25.26 -14.83 -20.86
CA ASN F 51 -26.17 -13.86 -20.24
C ASN F 51 -27.58 -14.00 -20.78
N TYR F 52 -27.71 -14.10 -22.10
CA TYR F 52 -29.04 -14.19 -22.69
C TYR F 52 -29.70 -15.53 -22.41
N LEU F 53 -28.90 -16.60 -22.33
CA LEU F 53 -29.46 -17.89 -21.97
C LEU F 53 -29.94 -17.88 -20.52
N LYS F 54 -29.18 -17.23 -19.64
CA LYS F 54 -29.63 -17.07 -18.26
C LYS F 54 -30.96 -16.30 -18.21
N GLN F 55 -31.09 -15.26 -19.04
CA GLN F 55 -32.30 -14.47 -19.08
C GLN F 55 -33.52 -15.31 -19.45
N VAL F 56 -33.43 -16.06 -20.56
CA VAL F 56 -34.57 -16.85 -21.01
C VAL F 56 -34.85 -17.99 -20.03
N ALA F 57 -33.80 -18.67 -19.55
CA ALA F 57 -34.01 -19.78 -18.63
C ALA F 57 -34.62 -19.28 -17.33
N GLN F 58 -34.06 -18.21 -16.75
CA GLN F 58 -34.62 -17.67 -15.51
C GLN F 58 -36.00 -17.07 -15.73
N ALA F 59 -36.28 -16.58 -16.94
CA ALA F 59 -37.64 -16.12 -17.24
C ALA F 59 -38.63 -17.28 -17.16
N ALA F 60 -38.33 -18.37 -17.87
CA ALA F 60 -39.22 -19.53 -17.85
C ALA F 60 -39.37 -20.11 -16.45
N ASP F 61 -38.29 -20.06 -15.65
CA ASP F 61 -38.35 -20.54 -14.27
C ASP F 61 -39.33 -19.70 -13.45
N SER F 62 -39.18 -18.38 -13.46
CA SER F 62 -39.98 -17.54 -12.59
C SER F 62 -41.42 -17.40 -13.06
N LEU F 63 -41.66 -17.57 -14.36
CA LEU F 63 -43.02 -17.46 -14.87
C LEU F 63 -43.86 -18.70 -14.56
N GLY F 64 -43.22 -19.82 -14.22
CA GLY F 64 -43.93 -21.03 -13.85
C GLY F 64 -44.02 -22.09 -14.92
N TYR F 65 -43.25 -21.97 -16.01
CA TYR F 65 -43.22 -23.02 -17.02
C TYR F 65 -42.70 -24.33 -16.42
N HIS F 66 -43.26 -25.45 -16.89
CA HIS F 66 -42.85 -26.75 -16.38
C HIS F 66 -41.40 -27.05 -16.72
N GLY F 67 -40.99 -26.73 -17.94
CA GLY F 67 -39.63 -26.95 -18.33
C GLY F 67 -39.24 -26.16 -19.55
N VAL F 68 -38.09 -26.49 -20.10
CA VAL F 68 -37.59 -25.84 -21.30
C VAL F 68 -36.93 -26.92 -22.15
N LEU F 69 -37.17 -26.86 -23.46
CA LEU F 69 -36.58 -27.80 -24.41
C LEU F 69 -35.33 -27.15 -25.00
N ILE F 70 -34.26 -27.92 -25.08
CA ILE F 70 -32.99 -27.45 -25.62
C ILE F 70 -32.73 -28.22 -26.91
N PRO F 71 -32.69 -27.56 -28.06
CA PRO F 71 -32.46 -28.28 -29.32
C PRO F 71 -31.03 -28.78 -29.41
N THR F 72 -30.81 -29.68 -30.35
CA THR F 72 -29.49 -30.25 -30.60
C THR F 72 -29.20 -30.20 -32.09
N GLY F 73 -27.95 -30.45 -32.44
CA GLY F 73 -27.53 -30.47 -33.82
C GLY F 73 -26.29 -29.63 -34.04
N ARG F 74 -25.79 -29.71 -35.29
CA ARG F 74 -24.57 -28.99 -35.65
C ARG F 74 -24.76 -27.49 -35.53
N SER F 75 -25.98 -27.01 -35.69
CA SER F 75 -26.27 -25.58 -35.69
C SER F 75 -26.52 -25.03 -34.29
N CYS F 76 -26.40 -25.85 -33.26
CA CYS F 76 -26.65 -25.43 -31.89
C CYS F 76 -25.37 -25.52 -31.09
N GLU F 77 -25.31 -24.74 -30.01
CA GLU F 77 -24.33 -25.00 -28.96
C GLU F 77 -24.72 -26.29 -28.23
N ASP F 78 -23.75 -26.90 -27.57
CA ASP F 78 -23.96 -28.22 -26.98
C ASP F 78 -25.01 -28.15 -25.86
N SER F 79 -25.99 -29.07 -25.92
CA SER F 79 -27.10 -29.04 -24.98
C SER F 79 -26.66 -29.32 -23.55
N TRP F 80 -25.72 -30.26 -23.39
CA TRP F 80 -25.33 -30.70 -22.05
C TRP F 80 -24.56 -29.63 -21.30
N VAL F 81 -23.68 -28.90 -21.99
CA VAL F 81 -22.96 -27.81 -21.36
C VAL F 81 -23.93 -26.72 -20.91
N ILE F 82 -24.90 -26.37 -21.77
CA ILE F 82 -25.80 -25.27 -21.48
C ILE F 82 -26.76 -25.65 -20.35
N ALA F 83 -27.35 -26.85 -20.43
CA ALA F 83 -28.26 -27.30 -19.39
C ALA F 83 -27.55 -27.37 -18.04
N SER F 84 -26.31 -27.85 -18.03
CA SER F 84 -25.55 -27.91 -16.79
C SER F 84 -25.20 -26.52 -16.28
N ALA F 85 -24.98 -25.56 -17.19
CA ALA F 85 -24.65 -24.21 -16.76
C ALA F 85 -25.84 -23.50 -16.14
N LEU F 86 -27.05 -23.79 -16.60
CA LEU F 86 -28.24 -23.10 -16.13
C LEU F 86 -28.90 -23.79 -14.93
N VAL F 87 -28.60 -25.07 -14.70
CA VAL F 87 -29.23 -25.78 -13.57
C VAL F 87 -28.98 -25.09 -12.23
N PRO F 88 -27.75 -24.74 -11.85
CA PRO F 88 -27.55 -24.03 -10.57
C PRO F 88 -28.08 -22.61 -10.56
N LEU F 89 -28.58 -22.08 -11.68
CA LEU F 89 -29.15 -20.75 -11.75
C LEU F 89 -30.67 -20.75 -11.75
N THR F 90 -31.30 -21.91 -11.59
CA THR F 90 -32.75 -22.03 -11.61
C THR F 90 -33.21 -22.89 -10.45
N GLU F 91 -34.48 -22.72 -10.08
CA GLU F 91 -35.06 -23.37 -8.91
C GLU F 91 -35.92 -24.57 -9.29
N ARG F 92 -36.97 -24.35 -10.09
CA ARG F 92 -37.91 -25.41 -10.43
C ARG F 92 -37.87 -25.85 -11.88
N LEU F 93 -37.32 -25.03 -12.79
CA LEU F 93 -37.42 -25.32 -14.21
C LEU F 93 -36.75 -26.63 -14.57
N ARG F 94 -37.44 -27.45 -15.35
CA ARG F 94 -36.89 -28.70 -15.85
C ARG F 94 -36.28 -28.50 -17.24
N TYR F 95 -35.36 -29.38 -17.60
CA TYR F 95 -34.60 -29.25 -18.84
C TYR F 95 -34.76 -30.53 -19.66
N LEU F 96 -35.29 -30.38 -20.87
CA LEU F 96 -35.44 -31.50 -21.80
C LEU F 96 -34.20 -31.51 -22.69
N VAL F 97 -33.24 -32.36 -22.34
CA VAL F 97 -31.93 -32.37 -23.00
C VAL F 97 -31.83 -33.58 -23.92
N ALA F 98 -31.21 -33.38 -25.07
CA ALA F 98 -31.12 -34.41 -26.10
C ALA F 98 -29.91 -35.30 -25.90
N ILE F 99 -30.11 -36.61 -26.09
CA ILE F 99 -29.03 -37.58 -26.23
C ILE F 99 -29.05 -38.09 -27.66
N ARG F 100 -27.87 -38.31 -28.23
CA ARG F 100 -27.75 -38.79 -29.61
C ARG F 100 -27.09 -40.16 -29.62
N PRO F 101 -27.86 -41.25 -29.67
CA PRO F 101 -27.24 -42.56 -29.80
C PRO F 101 -26.47 -42.66 -31.11
N GLY F 102 -25.35 -43.38 -31.06
CA GLY F 102 -24.50 -43.55 -32.22
C GLY F 102 -23.28 -42.64 -32.26
N ILE F 103 -23.26 -41.59 -31.44
CA ILE F 103 -22.12 -40.68 -31.38
C ILE F 103 -21.49 -40.62 -29.99
N ILE F 104 -22.00 -41.39 -29.03
CA ILE F 104 -21.46 -41.44 -27.68
C ILE F 104 -21.73 -42.82 -27.10
N SER F 105 -20.82 -43.27 -26.24
CA SER F 105 -21.00 -44.54 -25.56
C SER F 105 -22.25 -44.50 -24.67
N PRO F 106 -23.06 -45.56 -24.64
CA PRO F 106 -24.25 -45.54 -23.77
C PRO F 106 -23.92 -45.43 -22.30
N THR F 107 -22.86 -46.09 -21.84
CA THR F 107 -22.50 -46.04 -20.44
C THR F 107 -22.13 -44.62 -20.01
N VAL F 108 -21.32 -43.93 -20.81
CA VAL F 108 -20.91 -42.57 -20.48
C VAL F 108 -22.12 -41.63 -20.48
N SER F 109 -23.01 -41.77 -21.47
CA SER F 109 -24.21 -40.95 -21.50
C SER F 109 -25.07 -41.14 -20.26
N ALA F 110 -25.16 -42.36 -19.76
CA ALA F 110 -25.94 -42.62 -18.56
C ALA F 110 -25.35 -41.91 -17.35
N ARG F 111 -24.01 -41.90 -17.22
CA ARG F 111 -23.38 -41.21 -16.11
C ARG F 111 -23.59 -39.71 -16.21
N MET F 112 -23.57 -39.16 -17.43
CA MET F 112 -23.88 -37.75 -17.63
C MET F 112 -25.31 -37.45 -17.18
N ALA F 113 -26.25 -38.30 -17.59
CA ALA F 113 -27.64 -38.11 -17.17
C ALA F 113 -27.75 -38.21 -15.66
N ALA F 114 -27.08 -39.20 -15.06
CA ALA F 114 -27.15 -39.36 -13.62
C ALA F 114 -26.56 -38.14 -12.89
N THR F 115 -25.41 -37.65 -13.37
CA THR F 115 -24.77 -36.52 -12.70
C THR F 115 -25.64 -35.27 -12.75
N LEU F 116 -26.17 -34.94 -13.93
CA LEU F 116 -26.98 -33.74 -14.06
C LEU F 116 -28.30 -33.86 -13.30
N ASP F 117 -28.89 -35.06 -13.29
CA ASP F 117 -30.12 -35.27 -12.54
C ASP F 117 -29.89 -35.15 -11.04
N ARG F 118 -28.70 -35.52 -10.57
CA ARG F 118 -28.39 -35.38 -9.15
C ARG F 118 -28.13 -33.92 -8.79
N LEU F 119 -27.33 -33.21 -9.59
CA LEU F 119 -27.06 -31.80 -9.32
C LEU F 119 -28.34 -30.97 -9.39
N SER F 120 -29.25 -31.32 -10.29
CA SER F 120 -30.48 -30.57 -10.48
C SER F 120 -31.59 -30.98 -9.53
N ASN F 121 -31.38 -32.01 -8.71
CA ASN F 121 -32.41 -32.53 -7.81
C ASN F 121 -33.65 -33.04 -8.56
N GLY F 122 -33.41 -33.78 -9.64
CA GLY F 122 -34.48 -34.44 -10.34
C GLY F 122 -35.21 -33.59 -11.35
N ARG F 123 -34.50 -32.70 -12.04
CA ARG F 123 -35.11 -31.80 -13.02
C ARG F 123 -34.67 -32.11 -14.45
N LEU F 124 -34.11 -33.30 -14.69
CA LEU F 124 -33.61 -33.67 -16.00
C LEU F 124 -34.67 -34.48 -16.75
N LEU F 125 -34.90 -34.12 -18.00
CA LEU F 125 -35.73 -34.89 -18.91
C LEU F 125 -34.91 -35.17 -20.16
N ILE F 126 -35.03 -36.38 -20.70
CA ILE F 126 -34.18 -36.84 -21.78
C ILE F 126 -34.98 -36.85 -23.06
N ASN F 127 -34.43 -36.26 -24.12
CA ASN F 127 -35.03 -36.29 -25.45
C ASN F 127 -34.16 -37.17 -26.33
N VAL F 128 -34.71 -38.31 -26.77
CA VAL F 128 -33.94 -39.27 -27.56
C VAL F 128 -34.01 -38.83 -29.03
N VAL F 129 -32.87 -38.43 -29.57
CA VAL F 129 -32.76 -37.91 -30.93
C VAL F 129 -31.89 -38.85 -31.73
N THR F 130 -32.47 -39.41 -32.80
CA THR F 130 -31.75 -40.40 -33.60
C THR F 130 -30.81 -39.75 -34.61
N GLY F 131 -31.11 -38.53 -35.05
CA GLY F 131 -30.25 -37.82 -35.98
C GLY F 131 -30.62 -38.07 -37.43
N GLY F 132 -31.25 -37.08 -38.06
CA GLY F 132 -31.75 -37.25 -39.41
C GLY F 132 -30.83 -36.84 -40.54
N ASP F 133 -30.14 -35.71 -40.36
CA ASP F 133 -29.33 -35.13 -41.44
C ASP F 133 -28.15 -36.04 -41.76
N PRO F 134 -28.08 -36.61 -42.96
CA PRO F 134 -26.97 -37.54 -43.25
C PRO F 134 -25.60 -36.89 -43.34
N ASP F 135 -25.52 -35.65 -43.85
CA ASP F 135 -24.22 -34.98 -43.89
C ASP F 135 -23.71 -34.71 -42.48
N GLU F 136 -24.61 -34.32 -41.57
CA GLU F 136 -24.20 -34.09 -40.19
C GLU F 136 -23.81 -35.39 -39.51
N ASN F 137 -24.53 -36.48 -39.81
CA ASN F 137 -24.19 -37.77 -39.21
C ASN F 137 -22.83 -38.25 -39.68
N ARG F 138 -22.53 -38.08 -40.98
CA ARG F 138 -21.22 -38.45 -41.49
C ARG F 138 -20.13 -37.57 -40.88
N GLY F 139 -20.45 -36.31 -40.59
CA GLY F 139 -19.52 -35.43 -39.89
C GLY F 139 -19.20 -35.88 -38.49
N ASP F 140 -20.09 -36.64 -37.86
CA ASP F 140 -19.87 -37.16 -36.52
C ASP F 140 -19.21 -38.53 -36.51
N GLY F 141 -18.99 -39.13 -37.68
CA GLY F 141 -18.38 -40.44 -37.77
C GLY F 141 -19.35 -41.59 -37.89
N SER F 142 -20.64 -41.31 -38.09
CA SER F 142 -21.68 -42.32 -38.18
C SER F 142 -22.12 -42.46 -39.64
N PHE F 143 -21.96 -43.67 -40.18
CA PHE F 143 -22.34 -43.99 -41.56
C PHE F 143 -23.34 -45.15 -41.49
N LEU F 144 -24.60 -44.80 -41.26
CA LEU F 144 -25.64 -45.80 -41.05
C LEU F 144 -26.85 -45.44 -41.91
N SER F 145 -27.53 -46.48 -42.40
CA SER F 145 -28.75 -46.29 -43.16
C SER F 145 -29.89 -45.90 -42.22
N HIS F 146 -31.05 -45.62 -42.81
CA HIS F 146 -32.22 -45.24 -42.01
C HIS F 146 -32.57 -46.35 -41.03
N SER F 147 -32.57 -47.60 -41.49
CA SER F 147 -32.87 -48.73 -40.61
C SER F 147 -31.78 -48.93 -39.57
N GLU F 148 -30.51 -48.74 -39.95
CA GLU F 148 -29.41 -48.95 -39.01
C GLU F 148 -29.39 -47.91 -37.91
N ARG F 149 -29.84 -46.68 -38.20
CA ARG F 149 -29.84 -45.63 -37.19
C ARG F 149 -30.79 -45.97 -36.04
N TYR F 150 -31.96 -46.51 -36.34
CA TYR F 150 -32.89 -46.90 -35.28
C TYR F 150 -32.47 -48.20 -34.60
N GLU F 151 -31.74 -49.07 -35.30
CA GLU F 151 -31.20 -50.25 -34.65
C GLU F 151 -30.21 -49.87 -33.55
N VAL F 152 -29.39 -48.85 -33.80
CA VAL F 152 -28.45 -48.38 -32.79
C VAL F 152 -29.18 -47.76 -31.60
N THR F 153 -30.20 -46.94 -31.88
CA THR F 153 -30.92 -46.26 -30.81
C THR F 153 -31.61 -47.26 -29.89
N ASP F 154 -32.20 -48.31 -30.46
CA ASP F 154 -32.88 -49.33 -29.66
C ASP F 154 -31.91 -50.02 -28.70
N GLU F 155 -30.74 -50.41 -29.20
CA GLU F 155 -29.75 -51.04 -28.34
C GLU F 155 -29.15 -50.05 -27.36
N PHE F 156 -29.01 -48.79 -27.76
CA PHE F 156 -28.50 -47.76 -26.86
C PHE F 156 -29.42 -47.61 -25.64
N LEU F 157 -30.72 -47.44 -25.88
CA LEU F 157 -31.67 -47.23 -24.79
C LEU F 157 -31.74 -48.43 -23.86
N LYS F 158 -31.62 -49.65 -24.40
CA LYS F 158 -31.69 -50.84 -23.55
C LYS F 158 -30.56 -50.87 -22.53
N ILE F 159 -29.33 -50.57 -22.97
CA ILE F 159 -28.22 -50.47 -22.04
C ILE F 159 -28.38 -49.28 -21.11
N TRP F 160 -28.77 -48.13 -21.68
CA TRP F 160 -28.90 -46.90 -20.92
C TRP F 160 -29.89 -47.06 -19.78
N ARG F 161 -31.07 -47.61 -20.07
CA ARG F 161 -32.08 -47.76 -19.04
C ARG F 161 -31.65 -48.76 -17.97
N ARG F 162 -31.08 -49.89 -18.37
CA ARG F 162 -30.70 -50.89 -17.38
C ARG F 162 -29.52 -50.43 -16.54
N VAL F 163 -28.59 -49.69 -17.13
CA VAL F 163 -27.45 -49.18 -16.39
C VAL F 163 -27.91 -48.23 -15.28
N LEU F 164 -28.88 -47.36 -15.59
CA LEU F 164 -29.38 -46.41 -14.60
C LEU F 164 -30.20 -47.05 -13.49
N GLN F 165 -30.58 -48.31 -13.59
CA GLN F 165 -31.35 -48.96 -12.54
C GLN F 165 -30.48 -49.78 -11.60
N GLY F 166 -29.16 -49.65 -11.69
CA GLY F 166 -28.25 -50.33 -10.78
C GLY F 166 -27.77 -51.69 -11.23
N GLU F 167 -28.07 -52.10 -12.46
CA GLU F 167 -27.67 -53.42 -12.94
C GLU F 167 -26.29 -53.34 -13.59
N ALA F 168 -25.43 -54.32 -13.30
CA ALA F 168 -24.18 -54.49 -14.01
C ALA F 168 -24.48 -55.18 -15.34
N VAL F 169 -24.48 -54.40 -16.42
CA VAL F 169 -25.03 -54.85 -17.69
C VAL F 169 -23.94 -55.49 -18.54
N ASP F 170 -24.21 -56.72 -19.02
CA ASP F 170 -23.46 -57.34 -20.09
C ASP F 170 -24.37 -57.43 -21.30
N PHE F 171 -24.01 -56.77 -22.39
CA PHE F 171 -24.86 -56.68 -23.56
C PHE F 171 -24.02 -56.81 -24.83
N GLU F 172 -24.47 -57.65 -25.76
CA GLU F 172 -23.81 -57.85 -27.04
C GLU F 172 -24.88 -57.88 -28.13
N GLY F 173 -25.04 -56.76 -28.83
CA GLY F 173 -26.00 -56.64 -29.89
C GLY F 173 -25.37 -56.58 -31.27
N LYS F 174 -26.18 -56.15 -32.24
CA LYS F 174 -25.71 -56.03 -33.62
C LYS F 174 -24.73 -54.88 -33.78
N HIS F 175 -24.91 -53.78 -33.04
CA HIS F 175 -24.09 -52.59 -33.15
C HIS F 175 -23.29 -52.27 -31.90
N LEU F 176 -23.84 -52.52 -30.71
CA LEU F 176 -23.22 -52.14 -29.46
C LEU F 176 -22.88 -53.35 -28.61
N LYS F 177 -21.80 -53.22 -27.83
CA LYS F 177 -21.31 -54.30 -26.99
C LYS F 177 -20.69 -53.70 -25.74
N VAL F 178 -21.19 -54.11 -24.57
CA VAL F 178 -20.63 -53.67 -23.28
C VAL F 178 -20.46 -54.87 -22.37
N GLN F 179 -19.46 -54.79 -21.49
CA GLN F 179 -19.16 -55.85 -20.52
C GLN F 179 -18.93 -55.23 -19.16
N ASN F 180 -19.78 -55.57 -18.19
CA ASN F 180 -19.68 -55.07 -16.81
C ASN F 180 -19.86 -53.55 -16.78
N ALA F 181 -20.89 -53.08 -17.48
CA ALA F 181 -21.22 -51.66 -17.52
C ALA F 181 -21.94 -51.25 -16.24
N LYS F 182 -21.43 -50.22 -15.57
CA LYS F 182 -21.98 -49.77 -14.31
C LYS F 182 -22.06 -48.25 -14.27
N ALA F 183 -23.14 -47.74 -13.67
CA ALA F 183 -23.26 -46.34 -13.31
C ALA F 183 -23.34 -46.30 -11.78
N LEU F 184 -22.26 -45.86 -11.14
CA LEU F 184 -22.18 -45.98 -9.69
C LEU F 184 -23.06 -44.99 -8.95
N TYR F 185 -23.45 -43.89 -9.57
CA TYR F 185 -24.25 -42.87 -8.90
C TYR F 185 -25.70 -42.95 -9.36
N PRO F 186 -26.64 -43.24 -8.47
CA PRO F 186 -28.02 -43.45 -8.91
C PRO F 186 -28.68 -42.12 -9.25
N PRO F 187 -29.64 -42.11 -10.16
CA PRO F 187 -30.37 -40.86 -10.46
C PRO F 187 -31.36 -40.55 -9.36
N VAL F 188 -31.85 -39.31 -9.38
CA VAL F 188 -32.87 -38.90 -8.41
C VAL F 188 -34.24 -39.41 -8.82
N GLN F 189 -34.60 -39.22 -10.10
CA GLN F 189 -35.86 -39.71 -10.62
C GLN F 189 -35.76 -41.21 -10.87
N LYS F 190 -36.77 -41.96 -10.42
CA LYS F 190 -36.77 -43.41 -10.58
C LYS F 190 -37.80 -43.80 -11.63
N PRO F 191 -37.52 -44.79 -12.48
CA PRO F 191 -36.30 -45.60 -12.58
C PRO F 191 -35.13 -44.87 -13.25
N TYR F 192 -35.44 -43.83 -14.02
CA TYR F 192 -34.46 -43.01 -14.71
C TYR F 192 -35.15 -41.74 -15.17
N PRO F 193 -34.42 -40.70 -15.58
CA PRO F 193 -35.07 -39.49 -16.10
C PRO F 193 -35.98 -39.83 -17.26
N PRO F 194 -37.18 -39.25 -17.30
CA PRO F 194 -38.16 -39.64 -18.32
C PRO F 194 -37.66 -39.47 -19.75
N LEU F 195 -38.04 -40.40 -20.61
CA LEU F 195 -37.58 -40.45 -22.00
C LEU F 195 -38.67 -39.90 -22.92
N TYR F 196 -38.34 -38.82 -23.63
CA TYR F 196 -39.20 -38.24 -24.65
C TYR F 196 -38.63 -38.62 -26.01
N PHE F 197 -39.49 -38.86 -26.99
CA PHE F 197 -39.04 -39.38 -28.27
C PHE F 197 -40.00 -38.90 -29.35
N GLY F 198 -39.44 -38.45 -30.47
CA GLY F 198 -40.25 -38.07 -31.61
C GLY F 198 -39.85 -38.80 -32.88
N GLY F 199 -40.75 -38.84 -33.85
CA GLY F 199 -40.50 -39.53 -35.10
C GLY F 199 -41.73 -40.27 -35.59
N SER F 200 -42.05 -40.15 -36.86
CA SER F 200 -43.27 -40.72 -37.41
C SER F 200 -43.04 -41.99 -38.22
N SER F 201 -41.80 -42.43 -38.35
CA SER F 201 -41.49 -43.65 -39.10
C SER F 201 -42.05 -44.88 -38.39
N ASP F 202 -42.18 -45.97 -39.14
CA ASP F 202 -42.62 -47.23 -38.55
C ASP F 202 -41.63 -47.73 -37.50
N ALA F 203 -40.33 -47.68 -37.79
CA ALA F 203 -39.34 -48.11 -36.82
C ALA F 203 -39.34 -47.22 -35.59
N ALA F 204 -39.60 -45.91 -35.77
CA ALA F 204 -39.65 -45.02 -34.62
C ALA F 204 -40.84 -45.32 -33.73
N HIS F 205 -42.00 -45.60 -34.33
CA HIS F 205 -43.20 -45.89 -33.54
C HIS F 205 -43.05 -47.19 -32.77
N ASP F 206 -42.39 -48.18 -33.36
CA ASP F 206 -42.11 -49.42 -32.61
C ASP F 206 -41.17 -49.16 -31.45
N LEU F 207 -40.15 -48.32 -31.68
CA LEU F 207 -39.20 -48.00 -30.61
C LEU F 207 -39.87 -47.20 -29.50
N ALA F 208 -40.69 -46.21 -29.87
CA ALA F 208 -41.39 -45.42 -28.87
C ALA F 208 -42.34 -46.28 -28.06
N ALA F 209 -43.07 -47.17 -28.73
CA ALA F 209 -44.07 -48.00 -28.05
C ALA F 209 -43.47 -48.96 -27.05
N GLU F 210 -42.18 -49.27 -27.16
CA GLU F 210 -41.56 -50.26 -26.28
C GLU F 210 -40.73 -49.67 -25.15
N GLN F 211 -40.07 -48.53 -25.36
CA GLN F 211 -39.08 -48.04 -24.41
C GLN F 211 -39.34 -46.65 -23.86
N VAL F 212 -39.94 -45.74 -24.62
CA VAL F 212 -39.98 -44.34 -24.20
C VAL F 212 -41.19 -44.07 -23.32
N ASP F 213 -41.18 -42.91 -22.65
CA ASP F 213 -42.27 -42.52 -21.75
C ASP F 213 -43.21 -41.51 -22.37
N VAL F 214 -42.71 -40.61 -23.21
CA VAL F 214 -43.51 -39.58 -23.85
C VAL F 214 -43.18 -39.58 -25.34
N TYR F 215 -44.21 -39.69 -26.18
CA TYR F 215 -44.07 -39.61 -27.62
C TYR F 215 -44.41 -38.21 -28.08
N LEU F 216 -43.53 -37.60 -28.89
CA LEU F 216 -43.68 -36.24 -29.37
C LEU F 216 -44.02 -36.24 -30.86
N THR F 217 -44.78 -35.22 -31.26
CA THR F 217 -45.15 -35.03 -32.66
C THR F 217 -45.14 -33.54 -32.98
N TRP F 218 -44.95 -33.24 -34.26
CA TRP F 218 -44.97 -31.85 -34.69
C TRP F 218 -46.42 -31.33 -34.72
N GLY F 219 -46.56 -30.02 -34.88
CA GLY F 219 -47.87 -29.40 -34.89
C GLY F 219 -48.62 -29.57 -36.19
N GLU F 220 -49.47 -30.59 -36.27
CA GLU F 220 -50.31 -30.86 -37.41
C GLU F 220 -51.77 -30.65 -37.04
N PRO F 221 -52.67 -30.63 -38.03
CA PRO F 221 -54.09 -30.53 -37.70
C PRO F 221 -54.51 -31.68 -36.80
N PRO F 222 -55.51 -31.46 -35.94
CA PRO F 222 -55.87 -32.49 -34.95
C PRO F 222 -56.16 -33.87 -35.53
N ALA F 223 -56.76 -33.95 -36.72
CA ALA F 223 -57.04 -35.25 -37.32
C ALA F 223 -55.77 -36.02 -37.61
N ALA F 224 -54.73 -35.32 -38.11
CA ALA F 224 -53.47 -35.99 -38.39
C ALA F 224 -52.74 -36.39 -37.12
N VAL F 225 -52.86 -35.59 -36.06
CA VAL F 225 -52.24 -35.94 -34.79
C VAL F 225 -52.93 -37.15 -34.17
N ALA F 226 -54.27 -37.18 -34.22
CA ALA F 226 -55.00 -38.28 -33.61
C ALA F 226 -54.64 -39.62 -34.26
N GLU F 227 -54.31 -39.61 -35.55
CA GLU F 227 -53.91 -40.85 -36.22
C GLU F 227 -52.57 -41.36 -35.71
N LYS F 228 -51.60 -40.46 -35.54
CA LYS F 228 -50.31 -40.88 -35.00
C LYS F 228 -50.45 -41.38 -33.57
N LEU F 229 -51.26 -40.68 -32.76
CA LEU F 229 -51.42 -41.07 -31.37
C LEU F 229 -52.09 -42.43 -31.27
N ALA F 230 -53.12 -42.67 -32.09
CA ALA F 230 -53.80 -43.97 -32.07
C ALA F 230 -52.88 -45.09 -32.51
N ASP F 231 -51.96 -44.83 -33.45
CA ASP F 231 -51.02 -45.85 -33.88
C ASP F 231 -50.06 -46.22 -32.75
N VAL F 232 -49.41 -45.22 -32.16
CA VAL F 232 -48.47 -45.47 -31.06
C VAL F 232 -49.20 -46.09 -29.87
N ARG F 233 -50.42 -45.60 -29.58
CA ARG F 233 -51.17 -46.16 -28.47
C ARG F 233 -51.50 -47.63 -28.68
N GLU F 234 -51.79 -48.03 -29.92
CA GLU F 234 -52.09 -49.42 -30.19
C GLU F 234 -50.83 -50.28 -30.11
N ARG F 235 -49.71 -49.76 -30.62
CA ARG F 235 -48.46 -50.51 -30.56
C ARG F 235 -47.98 -50.65 -29.13
N ALA F 236 -48.18 -49.61 -28.32
CA ALA F 236 -47.80 -49.69 -26.91
C ALA F 236 -48.67 -50.69 -26.17
N ALA F 237 -49.92 -50.84 -26.59
CA ALA F 237 -50.78 -51.84 -25.97
C ALA F 237 -50.30 -53.26 -26.27
N ARG F 238 -49.64 -53.45 -27.41
CA ARG F 238 -49.07 -54.76 -27.71
C ARG F 238 -47.90 -55.10 -26.80
N HIS F 239 -47.29 -54.09 -26.17
CA HIS F 239 -46.28 -54.30 -25.14
C HIS F 239 -46.83 -54.13 -23.73
N GLY F 240 -48.14 -53.95 -23.58
CA GLY F 240 -48.75 -53.74 -22.27
C GLY F 240 -48.38 -52.44 -21.60
N ARG F 241 -48.21 -51.36 -22.38
CA ARG F 241 -47.77 -50.07 -21.86
C ARG F 241 -48.70 -48.97 -22.33
N LYS F 242 -48.63 -47.83 -21.65
CA LYS F 242 -49.28 -46.61 -22.08
C LYS F 242 -48.23 -45.49 -22.06
N VAL F 243 -48.23 -44.66 -23.08
CA VAL F 243 -47.30 -43.55 -23.18
C VAL F 243 -48.07 -42.24 -23.14
N LYS F 244 -47.45 -41.22 -22.56
CA LYS F 244 -48.00 -39.88 -22.62
C LYS F 244 -47.65 -39.23 -23.95
N PHE F 245 -48.36 -38.15 -24.29
CA PHE F 245 -48.18 -37.53 -25.59
C PHE F 245 -47.91 -36.03 -25.45
N GLY F 246 -47.03 -35.53 -26.31
CA GLY F 246 -46.71 -34.11 -26.33
C GLY F 246 -46.61 -33.61 -27.76
N ILE F 247 -46.73 -32.30 -27.91
CA ILE F 247 -46.74 -31.66 -29.22
C ILE F 247 -45.82 -30.44 -29.19
N ARG F 248 -45.18 -30.19 -30.33
CA ARG F 248 -44.27 -29.06 -30.49
C ARG F 248 -44.96 -28.02 -31.36
N LEU F 249 -45.08 -26.80 -30.84
CA LEU F 249 -45.82 -25.73 -31.50
C LEU F 249 -45.17 -24.39 -31.23
N HIS F 250 -44.91 -23.64 -32.30
CA HIS F 250 -44.64 -22.22 -32.15
C HIS F 250 -45.95 -21.50 -31.84
N VAL F 251 -45.85 -20.30 -31.27
CA VAL F 251 -47.06 -19.57 -30.88
C VAL F 251 -46.86 -18.07 -31.08
N ILE F 252 -47.80 -17.46 -31.79
CA ILE F 252 -47.85 -16.01 -31.99
C ILE F 252 -49.21 -15.56 -31.48
N VAL F 253 -49.26 -15.14 -30.21
CA VAL F 253 -50.50 -14.76 -29.55
C VAL F 253 -50.42 -13.27 -29.21
N ARG F 254 -51.48 -12.53 -29.56
CA ARG F 254 -51.59 -11.11 -29.24
C ARG F 254 -52.94 -10.87 -28.57
N GLU F 255 -53.19 -9.63 -28.16
CA GLU F 255 -54.46 -9.32 -27.51
C GLU F 255 -55.64 -9.52 -28.45
N THR F 256 -55.45 -9.21 -29.73
CA THR F 256 -56.47 -9.43 -30.74
C THR F 256 -55.91 -10.31 -31.85
N ALA F 257 -56.82 -10.91 -32.61
CA ALA F 257 -56.39 -11.76 -33.72
C ALA F 257 -55.69 -10.93 -34.80
N GLU F 258 -56.04 -9.66 -34.93
CA GLU F 258 -55.43 -8.82 -35.96
C GLU F 258 -53.95 -8.58 -35.69
N GLU F 259 -53.59 -8.27 -34.44
CA GLU F 259 -52.19 -8.03 -34.10
C GLU F 259 -51.36 -9.29 -34.29
N ALA F 260 -51.96 -10.46 -34.05
CA ALA F 260 -51.21 -11.71 -34.17
C ALA F 260 -50.88 -12.00 -35.62
N TRP F 261 -51.84 -11.82 -36.53
CA TRP F 261 -51.58 -12.06 -37.95
C TRP F 261 -50.65 -11.02 -38.55
N LYS F 262 -50.73 -9.77 -38.08
CA LYS F 262 -49.78 -8.76 -38.55
C LYS F 262 -48.37 -9.08 -38.09
N ALA F 263 -48.23 -9.61 -36.86
CA ALA F 263 -46.93 -10.04 -36.37
C ALA F 263 -46.45 -11.29 -37.08
N ALA F 264 -47.36 -12.19 -37.45
CA ALA F 264 -46.98 -13.38 -38.19
C ALA F 264 -46.46 -13.02 -39.58
N ASP F 265 -47.09 -12.05 -40.24
CA ASP F 265 -46.60 -11.60 -41.54
C ASP F 265 -45.22 -10.99 -41.41
N LYS F 266 -45.01 -10.18 -40.37
CA LYS F 266 -43.71 -9.52 -40.18
C LYS F 266 -42.60 -10.52 -39.88
N LEU F 267 -42.93 -11.70 -39.35
CA LEU F 267 -41.91 -12.70 -39.05
C LEU F 267 -41.27 -13.24 -40.32
N ILE F 268 -42.04 -13.37 -41.40
CA ILE F 268 -41.55 -13.96 -42.64
C ILE F 268 -41.49 -12.88 -43.73
N GLU F 269 -41.34 -11.63 -43.32
CA GLU F 269 -41.30 -10.53 -44.27
C GLU F 269 -40.15 -10.69 -45.26
N HIS F 270 -38.97 -11.05 -44.76
CA HIS F 270 -37.78 -11.17 -45.61
C HIS F 270 -37.59 -12.58 -46.18
N ILE F 271 -38.67 -13.19 -46.68
CA ILE F 271 -38.64 -14.54 -47.23
C ILE F 271 -39.13 -14.47 -48.67
N SER F 272 -38.40 -15.13 -49.58
CA SER F 272 -38.72 -15.09 -51.00
C SER F 272 -39.88 -16.02 -51.33
N ASP F 273 -40.66 -15.63 -52.33
CA ASP F 273 -41.86 -16.36 -52.73
C ASP F 273 -41.51 -17.64 -53.49
N LEU F 305 -51.64 -20.46 -46.50
CA LEU F 305 -50.55 -20.92 -45.62
C LEU F 305 -51.06 -21.23 -44.21
N GLU F 306 -52.34 -20.94 -43.97
CA GLU F 306 -53.03 -21.35 -42.75
C GLU F 306 -53.68 -22.69 -43.03
N ILE F 307 -52.98 -23.77 -42.67
CA ILE F 307 -53.43 -25.12 -43.02
C ILE F 307 -54.60 -25.59 -42.17
N ALA F 308 -54.95 -24.86 -41.11
CA ALA F 308 -56.06 -25.20 -40.25
C ALA F 308 -56.42 -23.97 -39.43
N PRO F 309 -57.64 -23.91 -38.87
CA PRO F 309 -58.02 -22.75 -38.04
C PRO F 309 -56.98 -22.37 -37.00
N ASN F 310 -56.33 -21.24 -37.21
CA ASN F 310 -55.30 -20.68 -36.33
C ASN F 310 -54.03 -21.53 -36.28
N LEU F 311 -53.83 -22.40 -37.27
CA LEU F 311 -52.63 -23.23 -37.37
C LEU F 311 -51.87 -22.78 -38.61
N TRP F 312 -50.78 -22.05 -38.41
CA TRP F 312 -50.06 -21.37 -39.47
C TRP F 312 -48.72 -22.05 -39.71
N ALA F 313 -48.43 -22.35 -40.97
CA ALA F 313 -47.23 -23.09 -41.35
C ALA F 313 -46.11 -22.18 -41.84
N GLY F 314 -46.12 -20.92 -41.42
CA GLY F 314 -45.09 -19.99 -41.87
C GLY F 314 -43.75 -20.18 -41.20
N VAL F 315 -43.74 -20.63 -39.96
CA VAL F 315 -42.48 -20.81 -39.23
C VAL F 315 -41.64 -21.93 -39.82
N GLY F 316 -42.26 -22.86 -40.56
CA GLY F 316 -41.54 -23.95 -41.17
C GLY F 316 -40.71 -23.60 -42.39
N LEU F 317 -40.61 -22.32 -42.74
CA LEU F 317 -39.80 -21.89 -43.87
C LEU F 317 -38.32 -21.76 -43.54
N VAL F 318 -37.93 -22.06 -42.30
CA VAL F 318 -36.53 -22.04 -41.87
C VAL F 318 -36.14 -23.42 -41.37
N ARG F 319 -36.82 -23.89 -40.33
CA ARG F 319 -36.54 -25.21 -39.76
C ARG F 319 -37.78 -26.11 -39.84
N GLY F 323 -41.81 -25.92 -37.18
CA GLY F 323 -42.88 -26.60 -37.91
C GLY F 323 -44.06 -25.69 -38.24
N THR F 324 -45.01 -25.62 -37.32
CA THR F 324 -46.18 -24.76 -37.46
C THR F 324 -46.33 -23.92 -36.20
N ALA F 325 -47.28 -22.99 -36.25
CA ALA F 325 -47.50 -22.03 -35.16
C ALA F 325 -48.98 -21.81 -34.95
N LEU F 326 -49.35 -21.47 -33.71
CA LEU F 326 -50.69 -21.04 -33.36
C LEU F 326 -50.75 -19.51 -33.38
N VAL F 327 -51.64 -18.96 -34.19
CA VAL F 327 -51.77 -17.51 -34.36
C VAL F 327 -53.21 -17.10 -34.06
N GLY F 328 -53.37 -16.10 -33.20
CA GLY F 328 -54.69 -15.59 -32.88
C GLY F 328 -54.68 -14.89 -31.53
N ASP F 329 -55.88 -14.55 -31.08
CA ASP F 329 -56.06 -13.93 -29.77
C ASP F 329 -56.02 -15.03 -28.70
N PRO F 330 -55.99 -14.66 -27.41
CA PRO F 330 -55.87 -15.69 -26.38
C PRO F 330 -56.95 -16.75 -26.41
N GLN F 331 -58.19 -16.38 -26.72
CA GLN F 331 -59.27 -17.37 -26.75
C GLN F 331 -59.10 -18.37 -27.90
N GLN F 332 -58.67 -17.89 -29.07
CA GLN F 332 -58.41 -18.80 -30.19
C GLN F 332 -57.25 -19.73 -29.87
N VAL F 333 -56.17 -19.20 -29.31
CA VAL F 333 -55.00 -20.00 -29.00
C VAL F 333 -55.32 -21.04 -27.94
N ALA F 334 -56.07 -20.64 -26.89
CA ALA F 334 -56.44 -21.60 -25.85
C ALA F 334 -57.38 -22.67 -26.38
N ALA F 335 -58.23 -22.33 -27.34
CA ALA F 335 -59.16 -23.31 -27.88
C ALA F 335 -58.44 -24.40 -28.68
N ARG F 336 -57.43 -24.01 -29.47
CA ARG F 336 -56.67 -25.02 -30.18
C ARG F 336 -55.88 -25.92 -29.24
N ILE F 337 -55.41 -25.38 -28.11
CA ILE F 337 -54.75 -26.19 -27.10
C ILE F 337 -55.75 -27.18 -26.49
N LYS F 338 -56.98 -26.74 -26.24
CA LYS F 338 -58.00 -27.63 -25.72
C LYS F 338 -58.27 -28.77 -26.68
N GLU F 339 -58.22 -28.49 -27.99
CA GLU F 339 -58.45 -29.54 -28.98
C GLU F 339 -57.37 -30.61 -28.91
N TYR F 340 -56.11 -30.20 -28.78
CA TYR F 340 -55.02 -31.16 -28.67
C TYR F 340 -55.12 -31.95 -27.37
N ALA F 341 -55.49 -31.28 -26.28
CA ALA F 341 -55.63 -31.96 -25.00
C ALA F 341 -56.77 -32.98 -25.04
N ASP F 342 -57.85 -32.69 -25.76
CA ASP F 342 -58.94 -33.63 -25.90
C ASP F 342 -58.53 -34.87 -26.67
N LEU F 343 -57.44 -34.79 -27.45
CA LEU F 343 -56.92 -35.95 -28.15
C LEU F 343 -56.03 -36.81 -27.28
N GLY F 344 -55.65 -36.34 -26.10
CA GLY F 344 -54.76 -37.06 -25.21
C GLY F 344 -53.39 -36.47 -25.04
N ILE F 345 -53.16 -35.26 -25.55
CA ILE F 345 -51.86 -34.61 -25.43
C ILE F 345 -51.80 -33.87 -24.10
N GLU F 346 -50.78 -34.16 -23.31
CA GLU F 346 -50.60 -33.52 -22.01
C GLU F 346 -49.37 -32.64 -21.91
N SER F 347 -48.40 -32.78 -22.81
CA SER F 347 -47.21 -31.95 -22.83
C SER F 347 -47.27 -31.00 -24.02
N PHE F 348 -46.96 -29.73 -23.79
CA PHE F 348 -46.95 -28.71 -24.84
C PHE F 348 -45.63 -27.96 -24.79
N ILE F 349 -44.91 -27.97 -25.90
CA ILE F 349 -43.61 -27.30 -25.99
C ILE F 349 -43.76 -26.10 -26.92
N PHE F 350 -43.79 -24.90 -26.33
CA PHE F 350 -44.01 -23.68 -27.09
C PHE F 350 -42.73 -22.90 -27.29
N SER F 351 -42.76 -22.00 -28.27
CA SER F 351 -41.65 -21.11 -28.57
C SER F 351 -42.20 -19.85 -29.24
N GLY F 352 -41.39 -18.80 -29.22
CA GLY F 352 -41.76 -17.54 -29.84
C GLY F 352 -40.53 -16.69 -30.04
N TYR F 353 -40.64 -15.75 -30.99
CA TYR F 353 -39.53 -14.87 -31.31
C TYR F 353 -39.87 -13.45 -30.90
N PRO F 354 -39.07 -12.80 -30.03
CA PRO F 354 -37.92 -13.39 -29.33
C PRO F 354 -38.36 -14.27 -28.16
N HIS F 355 -37.49 -15.19 -27.72
CA HIS F 355 -37.88 -16.17 -26.71
C HIS F 355 -38.00 -15.57 -25.31
N LEU F 356 -37.34 -14.44 -25.05
CA LEU F 356 -37.51 -13.79 -23.75
C LEU F 356 -38.86 -13.08 -23.67
N GLU F 357 -39.12 -12.17 -24.63
CA GLU F 357 -40.35 -11.40 -24.60
C GLU F 357 -41.59 -12.28 -24.75
N GLU F 358 -41.56 -13.23 -25.69
CA GLU F 358 -42.73 -14.06 -25.95
C GLU F 358 -43.02 -15.04 -24.81
N ALA F 359 -42.01 -15.39 -24.00
CA ALA F 359 -42.27 -16.20 -22.83
C ALA F 359 -43.17 -15.48 -21.84
N TYR F 360 -42.97 -14.17 -21.69
CA TYR F 360 -43.89 -13.37 -20.87
C TYR F 360 -45.22 -13.20 -21.59
N ARG F 361 -45.19 -13.00 -22.90
CA ARG F 361 -46.42 -12.75 -23.65
C ARG F 361 -47.36 -13.95 -23.55
N PHE F 362 -46.84 -15.15 -23.79
CA PHE F 362 -47.69 -16.33 -23.72
C PHE F 362 -48.20 -16.57 -22.31
N ALA F 363 -47.34 -16.33 -21.31
CA ALA F 363 -47.72 -16.57 -19.93
C ALA F 363 -48.78 -15.60 -19.44
N GLU F 364 -48.73 -14.34 -19.87
CA GLU F 364 -49.68 -13.36 -19.38
C GLU F 364 -51.02 -13.42 -20.09
N LEU F 365 -51.06 -13.92 -21.32
CA LEU F 365 -52.28 -13.96 -22.11
C LEU F 365 -52.96 -15.32 -22.13
N VAL F 366 -52.21 -16.42 -22.08
CA VAL F 366 -52.74 -17.75 -22.31
C VAL F 366 -52.79 -18.58 -21.03
N PHE F 367 -51.80 -18.44 -20.14
CA PHE F 367 -51.86 -19.14 -18.87
C PHE F 367 -53.19 -18.97 -18.13
N PRO F 368 -53.79 -17.78 -18.06
CA PRO F 368 -55.09 -17.67 -17.35
C PRO F 368 -56.19 -18.51 -17.96
N LEU F 369 -56.06 -18.92 -19.21
CA LEU F 369 -57.08 -19.72 -19.87
C LEU F 369 -56.79 -21.22 -19.83
N LEU F 370 -55.68 -21.62 -19.26
CA LEU F 370 -55.25 -23.01 -19.15
C LEU F 370 -55.64 -23.58 -17.79
N PRO F 371 -55.59 -24.91 -17.63
CA PRO F 371 -55.92 -25.49 -16.33
C PRO F 371 -54.89 -25.12 -15.27
N GLU F 372 -55.23 -25.45 -14.03
CA GLU F 372 -54.31 -25.25 -12.93
C GLU F 372 -53.08 -26.13 -13.12
N PRO F 373 -51.90 -25.69 -12.66
CA PRO F 373 -51.67 -24.46 -11.88
C PRO F 373 -51.49 -23.20 -12.73
N TYR F 374 -51.51 -23.34 -14.05
CA TYR F 374 -51.23 -22.21 -14.93
C TYR F 374 -52.29 -21.12 -14.83
N ALA F 375 -53.51 -21.48 -14.43
CA ALA F 375 -54.56 -20.47 -14.26
C ALA F 375 -54.24 -19.55 -13.09
N SER F 376 -53.51 -20.04 -12.10
CA SER F 376 -53.20 -19.26 -10.90
C SER F 376 -51.86 -18.51 -11.00
N LEU F 377 -51.04 -18.82 -11.99
CA LEU F 377 -49.75 -18.15 -12.14
C LEU F 377 -49.87 -16.76 -12.74
N SER G 23 -19.09 11.39 -24.39
CA SER G 23 -19.22 11.42 -22.94
C SER G 23 -20.68 11.34 -22.50
N MET G 24 -21.23 10.13 -22.52
CA MET G 24 -22.66 9.91 -22.26
C MET G 24 -22.86 8.62 -21.47
N ASP G 25 -23.62 8.73 -20.38
CA ASP G 25 -23.96 7.60 -19.53
C ASP G 25 -25.47 7.42 -19.59
N VAL G 26 -25.91 6.26 -20.09
CA VAL G 26 -27.32 5.96 -20.26
C VAL G 26 -27.73 4.99 -19.16
N PHE G 27 -28.63 5.43 -18.29
CA PHE G 27 -29.14 4.63 -17.19
C PHE G 27 -30.48 3.99 -17.55
N TRP G 28 -30.84 2.95 -16.81
CA TRP G 28 -32.20 2.42 -16.85
C TRP G 28 -32.86 2.60 -15.48
N PHE G 29 -33.96 1.91 -15.23
CA PHE G 29 -34.79 2.14 -14.05
C PHE G 29 -35.26 0.81 -13.49
N LEU G 30 -35.16 0.66 -12.17
CA LEU G 30 -35.66 -0.52 -11.49
C LEU G 30 -37.06 -0.22 -10.96
N PRO G 31 -38.09 -0.93 -11.42
CA PRO G 31 -39.48 -0.58 -11.01
C PRO G 31 -39.84 -1.14 -9.64
N THR G 32 -39.16 -0.64 -8.61
CA THR G 32 -39.37 -1.09 -7.23
C THR G 32 -40.68 -0.60 -6.62
N HIS G 33 -41.47 0.16 -7.36
CA HIS G 33 -42.80 0.54 -6.92
C HIS G 33 -43.88 -0.27 -7.61
N GLY G 34 -43.49 -1.23 -8.45
CA GLY G 34 -44.42 -2.03 -9.22
C GLY G 34 -44.18 -1.84 -10.71
N ASP G 35 -44.57 -2.81 -11.52
CA ASP G 35 -44.41 -2.69 -12.96
C ASP G 35 -45.69 -3.16 -13.64
N GLY G 36 -45.76 -2.93 -14.94
CA GLY G 36 -46.92 -3.37 -15.68
C GLY G 36 -46.89 -2.82 -17.10
N HIS G 37 -48.01 -3.03 -17.79
CA HIS G 37 -48.18 -2.56 -19.16
C HIS G 37 -48.94 -1.24 -19.24
N TYR G 38 -49.83 -0.96 -18.28
CA TYR G 38 -50.68 0.22 -18.31
C TYR G 38 -50.68 0.90 -16.95
N LEU G 39 -50.90 2.21 -16.97
CA LEU G 39 -51.00 3.00 -15.75
C LEU G 39 -52.46 3.12 -15.33
N GLY G 40 -52.69 3.23 -14.02
CA GLY G 40 -54.02 3.42 -13.52
C GLY G 40 -54.89 2.18 -13.51
N THR G 41 -54.29 1.00 -13.58
CA THR G 41 -55.02 -0.25 -13.59
C THR G 41 -54.13 -1.36 -13.07
N THR G 42 -54.76 -2.39 -12.51
CA THR G 42 -54.04 -3.59 -12.10
C THR G 42 -53.97 -4.62 -13.22
N GLN G 43 -54.59 -4.36 -14.36
CA GLN G 43 -54.53 -5.28 -15.48
C GLN G 43 -53.11 -5.29 -16.04
N GLY G 44 -52.55 -6.49 -16.19
CA GLY G 44 -51.20 -6.62 -16.68
C GLY G 44 -50.13 -6.16 -15.72
N ALA G 45 -50.41 -6.17 -14.43
CA ALA G 45 -49.44 -5.70 -13.44
C ALA G 45 -48.47 -6.82 -13.08
N ARG G 46 -47.23 -6.41 -12.80
CA ARG G 46 -46.17 -7.32 -12.37
C ARG G 46 -45.71 -6.94 -10.97
N PRO G 47 -45.95 -7.77 -9.96
CA PRO G 47 -45.52 -7.39 -8.60
C PRO G 47 -44.01 -7.44 -8.48
N VAL G 48 -43.49 -6.64 -7.55
CA VAL G 48 -42.05 -6.55 -7.34
C VAL G 48 -41.61 -7.82 -6.65
N THR G 49 -40.86 -8.68 -7.36
CA THR G 49 -40.31 -9.88 -6.78
C THR G 49 -38.81 -9.93 -7.03
N LEU G 50 -38.12 -10.72 -6.20
CA LEU G 50 -36.69 -10.92 -6.39
C LEU G 50 -36.38 -11.43 -7.79
N ASN G 51 -37.19 -12.38 -8.28
CA ASN G 51 -36.94 -12.95 -9.61
C ASN G 51 -37.07 -11.89 -10.70
N TYR G 52 -38.12 -11.07 -10.64
CA TYR G 52 -38.32 -10.05 -11.67
C TYR G 52 -37.29 -8.93 -11.55
N LEU G 53 -36.84 -8.62 -10.34
CA LEU G 53 -35.80 -7.61 -10.18
C LEU G 53 -34.48 -8.09 -10.78
N LYS G 54 -34.14 -9.37 -10.62
CA LYS G 54 -32.97 -9.94 -11.28
C LYS G 54 -33.11 -9.86 -12.80
N GLN G 55 -34.32 -10.11 -13.31
CA GLN G 55 -34.54 -10.07 -14.76
C GLN G 55 -34.21 -8.70 -15.33
N VAL G 56 -34.75 -7.64 -14.70
CA VAL G 56 -34.52 -6.29 -15.20
C VAL G 56 -33.07 -5.88 -15.02
N ALA G 57 -32.50 -6.16 -13.85
CA ALA G 57 -31.12 -5.76 -13.57
C ALA G 57 -30.13 -6.47 -14.48
N GLN G 58 -30.27 -7.80 -14.62
CA GLN G 58 -29.37 -8.56 -15.48
C GLN G 58 -29.61 -8.22 -16.95
N ALA G 59 -30.82 -7.80 -17.31
CA ALA G 59 -31.03 -7.29 -18.66
C ALA G 59 -30.20 -6.04 -18.88
N ALA G 60 -30.32 -5.06 -17.98
CA ALA G 60 -29.55 -3.83 -18.11
C ALA G 60 -28.05 -4.09 -18.03
N ASP G 61 -27.63 -5.06 -17.23
CA ASP G 61 -26.21 -5.38 -17.15
C ASP G 61 -25.69 -5.89 -18.49
N SER G 62 -26.36 -6.89 -19.07
CA SER G 62 -25.85 -7.50 -20.29
C SER G 62 -26.08 -6.62 -21.51
N LEU G 63 -27.09 -5.76 -21.49
CA LEU G 63 -27.37 -4.90 -22.63
C LEU G 63 -26.40 -3.74 -22.74
N GLY G 64 -25.67 -3.43 -21.67
CA GLY G 64 -24.65 -2.39 -21.70
C GLY G 64 -25.06 -1.05 -21.13
N TYR G 65 -26.17 -0.97 -20.41
CA TYR G 65 -26.52 0.28 -19.75
C TYR G 65 -25.47 0.62 -18.71
N HIS G 66 -25.22 1.93 -18.54
CA HIS G 66 -24.21 2.36 -17.57
C HIS G 66 -24.61 1.99 -16.15
N GLY G 67 -25.88 2.16 -15.82
CA GLY G 67 -26.37 1.81 -14.51
C GLY G 67 -27.88 1.73 -14.49
N VAL G 68 -28.44 1.66 -13.29
CA VAL G 68 -29.87 1.61 -13.10
C VAL G 68 -30.22 2.47 -11.89
N LEU G 69 -31.32 3.23 -11.99
CA LEU G 69 -31.79 4.07 -10.90
C LEU G 69 -32.84 3.32 -10.09
N ILE G 70 -32.72 3.38 -8.77
CA ILE G 70 -33.65 2.74 -7.86
C ILE G 70 -34.41 3.83 -7.10
N PRO G 71 -35.72 3.96 -7.28
CA PRO G 71 -36.47 5.00 -6.58
C PRO G 71 -36.59 4.69 -5.09
N THR G 72 -37.04 5.72 -4.37
CA THR G 72 -37.26 5.64 -2.93
C THR G 72 -38.62 6.24 -2.61
N GLY G 73 -39.06 6.03 -1.38
CA GLY G 73 -40.32 6.57 -0.90
C GLY G 73 -41.17 5.50 -0.27
N ARG G 74 -42.28 5.96 0.30
CA ARG G 74 -43.20 5.06 1.00
C ARG G 74 -43.83 4.03 0.06
N SER G 75 -43.94 4.34 -1.23
CA SER G 75 -44.56 3.45 -2.20
C SER G 75 -43.58 2.43 -2.79
N CYS G 76 -42.33 2.40 -2.34
CA CYS G 76 -41.33 1.49 -2.86
C CYS G 76 -40.88 0.52 -1.79
N GLU G 77 -40.34 -0.61 -2.24
CA GLU G 77 -39.50 -1.45 -1.39
C GLU G 77 -38.18 -0.72 -1.13
N ASP G 78 -37.49 -1.12 -0.06
CA ASP G 78 -36.30 -0.37 0.35
C ASP G 78 -35.19 -0.49 -0.69
N SER G 79 -34.60 0.67 -1.04
CA SER G 79 -33.58 0.70 -2.07
C SER G 79 -32.31 -0.03 -1.64
N TRP G 80 -31.90 0.12 -0.38
CA TRP G 80 -30.62 -0.43 0.04
C TRP G 80 -30.65 -1.95 0.08
N VAL G 81 -31.77 -2.52 0.50
CA VAL G 81 -31.93 -3.97 0.47
C VAL G 81 -31.89 -4.48 -0.97
N ILE G 82 -32.58 -3.78 -1.87
CA ILE G 82 -32.67 -4.23 -3.25
C ILE G 82 -31.34 -4.06 -3.97
N ALA G 83 -30.72 -2.88 -3.83
CA ALA G 83 -29.42 -2.67 -4.48
C ALA G 83 -28.39 -3.68 -3.98
N SER G 84 -28.40 -3.98 -2.68
CA SER G 84 -27.46 -4.95 -2.13
C SER G 84 -27.73 -6.36 -2.63
N ALA G 85 -28.99 -6.71 -2.86
CA ALA G 85 -29.32 -8.05 -3.33
C ALA G 85 -28.89 -8.28 -4.78
N LEU G 86 -28.87 -7.22 -5.59
CA LEU G 86 -28.55 -7.36 -7.00
C LEU G 86 -27.08 -7.18 -7.33
N VAL G 87 -26.30 -6.54 -6.45
CA VAL G 87 -24.88 -6.33 -6.74
C VAL G 87 -24.12 -7.62 -7.01
N PRO G 88 -24.19 -8.66 -6.16
CA PRO G 88 -23.45 -9.89 -6.47
C PRO G 88 -24.00 -10.67 -7.65
N LEU G 89 -25.13 -10.27 -8.23
CA LEU G 89 -25.70 -10.94 -9.39
C LEU G 89 -25.43 -10.19 -10.70
N THR G 90 -24.68 -9.10 -10.66
CA THR G 90 -24.39 -8.30 -11.84
C THR G 90 -22.91 -7.97 -11.86
N GLU G 91 -22.39 -7.71 -13.07
CA GLU G 91 -20.96 -7.57 -13.29
C GLU G 91 -20.53 -6.11 -13.41
N ARG G 92 -21.06 -5.38 -14.38
CA ARG G 92 -20.64 -4.02 -14.63
C ARG G 92 -21.68 -2.98 -14.24
N LEU G 93 -22.94 -3.38 -14.10
CA LEU G 93 -24.02 -2.43 -13.90
C LEU G 93 -23.83 -1.65 -12.59
N ARG G 94 -23.98 -0.34 -12.68
CA ARG G 94 -23.91 0.51 -11.49
C ARG G 94 -25.31 0.76 -10.94
N TYR G 95 -25.36 1.13 -9.66
CA TYR G 95 -26.63 1.31 -8.95
C TYR G 95 -26.70 2.70 -8.36
N LEU G 96 -27.70 3.47 -8.78
CA LEU G 96 -27.95 4.81 -8.27
C LEU G 96 -28.96 4.70 -7.13
N VAL G 97 -28.47 4.68 -5.89
CA VAL G 97 -29.30 4.40 -4.72
C VAL G 97 -29.58 5.70 -3.97
N ALA G 98 -30.81 5.83 -3.49
CA ALA G 98 -31.24 7.05 -2.82
C ALA G 98 -30.91 6.99 -1.33
N ILE G 99 -30.42 8.11 -0.81
CA ILE G 99 -30.31 8.32 0.63
C ILE G 99 -31.29 9.42 1.02
N ARG G 100 -31.91 9.26 2.20
CA ARG G 100 -32.89 10.24 2.68
C ARG G 100 -32.36 10.86 3.97
N PRO G 101 -31.72 12.03 3.90
CA PRO G 101 -31.31 12.71 5.14
C PRO G 101 -32.53 13.07 5.96
N GLY G 102 -32.38 13.02 7.28
CA GLY G 102 -33.44 13.32 8.20
C GLY G 102 -34.14 12.11 8.78
N ILE G 103 -33.93 10.93 8.21
CA ILE G 103 -34.51 9.69 8.71
C ILE G 103 -33.48 8.65 9.09
N ILE G 104 -32.19 8.96 8.94
CA ILE G 104 -31.11 8.05 9.30
C ILE G 104 -29.90 8.88 9.70
N SER G 105 -29.10 8.33 10.62
CA SER G 105 -27.89 8.99 11.04
C SER G 105 -26.93 9.14 9.86
N PRO G 106 -26.26 10.28 9.71
CA PRO G 106 -25.32 10.44 8.60
C PRO G 106 -24.16 9.46 8.67
N THR G 107 -23.68 9.18 9.88
CA THR G 107 -22.57 8.26 10.06
C THR G 107 -22.96 6.86 9.61
N VAL G 108 -24.15 6.40 10.02
CA VAL G 108 -24.60 5.06 9.65
C VAL G 108 -24.81 4.97 8.14
N SER G 109 -25.41 6.00 7.54
CA SER G 109 -25.60 6.03 6.09
C SER G 109 -24.26 5.94 5.35
N ALA G 110 -23.24 6.61 5.88
CA ALA G 110 -21.92 6.54 5.26
C ALA G 110 -21.33 5.13 5.34
N ARG G 111 -21.55 4.43 6.46
CA ARG G 111 -21.06 3.06 6.56
C ARG G 111 -21.79 2.14 5.58
N MET G 112 -23.10 2.37 5.39
CA MET G 112 -23.85 1.59 4.42
C MET G 112 -23.30 1.78 3.01
N ALA G 113 -23.02 3.04 2.64
CA ALA G 113 -22.47 3.32 1.32
C ALA G 113 -21.10 2.65 1.15
N ALA G 114 -20.25 2.74 2.17
CA ALA G 114 -18.92 2.16 2.06
C ALA G 114 -18.98 0.66 1.84
N THR G 115 -19.84 -0.04 2.61
CA THR G 115 -19.94 -1.49 2.48
C THR G 115 -20.44 -1.89 1.09
N LEU G 116 -21.51 -1.23 0.61
CA LEU G 116 -22.04 -1.58 -0.71
C LEU G 116 -21.06 -1.22 -1.82
N ASP G 117 -20.36 -0.08 -1.68
CA ASP G 117 -19.36 0.30 -2.67
C ASP G 117 -18.18 -0.68 -2.67
N ARG G 118 -17.85 -1.25 -1.52
CA ARG G 118 -16.78 -2.23 -1.46
C ARG G 118 -17.21 -3.57 -2.03
N LEU G 119 -18.41 -4.03 -1.67
CA LEU G 119 -18.92 -5.29 -2.23
C LEU G 119 -19.10 -5.20 -3.74
N SER G 120 -19.48 -4.03 -4.25
CA SER G 120 -19.70 -3.86 -5.68
C SER G 120 -18.43 -3.54 -6.44
N ASN G 121 -17.30 -3.36 -5.73
CA ASN G 121 -16.04 -2.96 -6.35
C ASN G 121 -16.17 -1.62 -7.07
N GLY G 122 -16.78 -0.66 -6.39
CA GLY G 122 -16.87 0.70 -6.89
C GLY G 122 -18.00 0.97 -7.86
N ARG G 123 -19.15 0.34 -7.66
CA ARG G 123 -20.29 0.51 -8.57
C ARG G 123 -21.45 1.25 -7.92
N LEU G 124 -21.22 1.94 -6.81
CA LEU G 124 -22.30 2.63 -6.10
C LEU G 124 -22.36 4.10 -6.49
N LEU G 125 -23.57 4.58 -6.79
CA LEU G 125 -23.83 5.98 -7.04
C LEU G 125 -24.95 6.44 -6.11
N ILE G 126 -24.82 7.63 -5.54
CA ILE G 126 -25.73 8.10 -4.50
C ILE G 126 -26.66 9.16 -5.07
N ASN G 127 -27.95 9.00 -4.82
CA ASN G 127 -28.97 9.97 -5.20
C ASN G 127 -29.50 10.64 -3.94
N VAL G 128 -29.28 11.93 -3.80
CA VAL G 128 -29.68 12.67 -2.60
C VAL G 128 -31.15 13.09 -2.77
N VAL G 129 -32.03 12.52 -1.95
CA VAL G 129 -33.45 12.80 -2.02
C VAL G 129 -33.88 13.44 -0.70
N THR G 130 -34.36 14.68 -0.77
CA THR G 130 -34.74 15.41 0.44
C THR G 130 -36.15 15.08 0.90
N GLY G 131 -37.03 14.67 0.00
CA GLY G 131 -38.37 14.30 0.40
C GLY G 131 -39.36 15.44 0.30
N GLY G 132 -40.22 15.40 -0.71
CA GLY G 132 -41.14 16.48 -0.99
C GLY G 132 -42.44 16.33 -0.26
N ASP G 133 -42.94 15.11 -0.17
CA ASP G 133 -44.26 14.84 0.42
C ASP G 133 -44.25 15.09 1.92
N PRO G 134 -44.98 16.10 2.43
CA PRO G 134 -44.98 16.33 3.87
C PRO G 134 -45.67 15.23 4.67
N ASP G 135 -46.71 14.61 4.10
CA ASP G 135 -47.37 13.49 4.78
C ASP G 135 -46.43 12.30 4.91
N GLU G 136 -45.62 12.02 3.88
CA GLU G 136 -44.68 10.92 3.97
C GLU G 136 -43.59 11.23 4.99
N ASN G 137 -43.15 12.48 5.07
CA ASN G 137 -42.11 12.85 6.02
C ASN G 137 -42.61 12.72 7.45
N ARG G 138 -43.84 13.14 7.71
CA ARG G 138 -44.43 12.97 9.04
C ARG G 138 -44.65 11.50 9.37
N GLY G 139 -44.91 10.68 8.36
CA GLY G 139 -44.99 9.25 8.58
C GLY G 139 -43.66 8.65 9.03
N ASP G 140 -42.56 9.29 8.66
CA ASP G 140 -41.24 8.84 9.08
C ASP G 140 -40.78 9.52 10.36
N GLY G 141 -41.54 10.46 10.90
CA GLY G 141 -41.17 11.16 12.11
C GLY G 141 -40.50 12.50 11.89
N SER G 142 -40.53 13.03 10.67
CA SER G 142 -39.86 14.28 10.32
C SER G 142 -40.90 15.37 10.19
N PHE G 143 -40.77 16.43 10.98
CA PHE G 143 -41.69 17.56 10.98
C PHE G 143 -40.88 18.83 10.70
N LEU G 144 -40.58 19.06 9.42
CA LEU G 144 -39.72 20.17 9.02
C LEU G 144 -40.33 20.91 7.85
N SER G 145 -40.13 22.23 7.84
CA SER G 145 -40.54 23.04 6.71
C SER G 145 -39.61 22.84 5.52
N HIS G 146 -39.97 23.45 4.38
CA HIS G 146 -39.18 23.31 3.17
C HIS G 146 -37.75 23.81 3.37
N SER G 147 -37.59 24.97 4.00
CA SER G 147 -36.25 25.51 4.25
C SER G 147 -35.50 24.64 5.24
N GLU G 148 -36.20 24.13 6.26
CA GLU G 148 -35.56 23.27 7.24
C GLU G 148 -35.12 21.94 6.63
N ARG G 149 -35.87 21.44 5.64
CA ARG G 149 -35.49 20.18 5.01
C ARG G 149 -34.14 20.30 4.29
N TYR G 150 -33.91 21.43 3.61
CA TYR G 150 -32.63 21.59 2.91
C TYR G 150 -31.49 21.93 3.86
N GLU G 151 -31.79 22.56 5.00
CA GLU G 151 -30.76 22.76 6.02
C GLU G 151 -30.29 21.42 6.56
N VAL G 152 -31.21 20.47 6.76
CA VAL G 152 -30.82 19.15 7.24
C VAL G 152 -29.97 18.43 6.21
N THR G 153 -30.34 18.53 4.92
CA THR G 153 -29.55 17.90 3.88
C THR G 153 -28.15 18.48 3.81
N ASP G 154 -28.03 19.80 3.96
CA ASP G 154 -26.72 20.45 3.92
C ASP G 154 -25.81 19.90 5.01
N GLU G 155 -26.32 19.85 6.25
CA GLU G 155 -25.51 19.33 7.35
C GLU G 155 -25.27 17.82 7.21
N PHE G 156 -26.24 17.09 6.66
CA PHE G 156 -26.09 15.65 6.46
C PHE G 156 -24.95 15.35 5.50
N LEU G 157 -24.96 16.00 4.33
CA LEU G 157 -23.94 15.71 3.31
C LEU G 157 -22.55 16.11 3.78
N LYS G 158 -22.45 17.21 4.55
CA LYS G 158 -21.14 17.63 5.02
C LYS G 158 -20.52 16.59 5.94
N ILE G 159 -21.31 16.04 6.86
CA ILE G 159 -20.82 14.99 7.74
C ILE G 159 -20.53 13.72 6.95
N TRP G 160 -21.45 13.35 6.05
CA TRP G 160 -21.34 12.11 5.28
C TRP G 160 -20.07 12.11 4.42
N ARG G 161 -19.82 13.21 3.70
CA ARG G 161 -18.66 13.28 2.81
C ARG G 161 -17.36 13.23 3.59
N ARG G 162 -17.29 13.96 4.71
CA ARG G 162 -16.04 14.00 5.46
C ARG G 162 -15.79 12.68 6.17
N VAL G 163 -16.84 12.01 6.64
CA VAL G 163 -16.68 10.71 7.30
C VAL G 163 -16.11 9.68 6.33
N LEU G 164 -16.60 9.65 5.10
CA LEU G 164 -16.14 8.68 4.12
C LEU G 164 -14.71 8.92 3.66
N GLN G 165 -14.11 10.05 4.01
CA GLN G 165 -12.73 10.32 3.64
C GLN G 165 -11.76 10.01 4.77
N GLY G 166 -12.20 9.29 5.79
CA GLY G 166 -11.33 8.87 6.87
C GLY G 166 -11.23 9.82 8.03
N GLU G 167 -12.02 10.89 8.03
CA GLU G 167 -11.96 11.87 9.10
C GLU G 167 -12.85 11.48 10.26
N ALA G 168 -12.32 11.61 11.47
CA ALA G 168 -13.13 11.54 12.68
C ALA G 168 -13.80 12.89 12.80
N VAL G 169 -15.07 12.96 12.41
CA VAL G 169 -15.73 14.25 12.21
C VAL G 169 -16.36 14.72 13.51
N ASP G 170 -16.08 15.98 13.88
CA ASP G 170 -16.79 16.69 14.92
C ASP G 170 -17.62 17.78 14.26
N PHE G 171 -18.93 17.68 14.38
CA PHE G 171 -19.85 18.61 13.73
C PHE G 171 -20.99 18.90 14.70
N GLU G 172 -21.30 20.17 14.90
CA GLU G 172 -22.44 20.58 15.72
C GLU G 172 -23.14 21.70 14.96
N GLY G 173 -24.20 21.35 14.25
CA GLY G 173 -24.96 22.29 13.47
C GLY G 173 -26.31 22.59 14.08
N LYS G 174 -27.17 23.20 13.27
CA LYS G 174 -28.50 23.56 13.72
C LYS G 174 -29.37 22.32 13.93
N HIS G 175 -29.21 21.31 13.07
CA HIS G 175 -30.06 20.13 13.08
C HIS G 175 -29.33 18.85 13.45
N LEU G 176 -28.08 18.69 13.04
CA LEU G 176 -27.35 17.45 13.28
C LEU G 176 -26.15 17.75 14.16
N LYS G 177 -25.79 16.76 14.98
CA LYS G 177 -24.66 16.90 15.89
C LYS G 177 -24.03 15.53 16.04
N VAL G 178 -22.74 15.43 15.70
CA VAL G 178 -21.96 14.21 15.86
C VAL G 178 -20.64 14.58 16.51
N GLN G 179 -20.10 13.63 17.27
CA GLN G 179 -18.80 13.80 17.93
C GLN G 179 -17.99 12.54 17.67
N ASN G 180 -16.86 12.70 16.97
CA ASN G 180 -15.96 11.59 16.66
C ASN G 180 -16.64 10.54 15.78
N ALA G 181 -17.30 11.01 14.72
CA ALA G 181 -17.95 10.13 13.77
C ALA G 181 -16.91 9.51 12.84
N LYS G 182 -16.88 8.19 12.77
CA LYS G 182 -15.85 7.49 12.02
C LYS G 182 -16.47 6.34 11.22
N ALA G 183 -15.99 6.18 9.99
CA ALA G 183 -16.28 5.02 9.15
C ALA G 183 -14.97 4.31 8.88
N LEU G 184 -14.77 3.15 9.50
CA LEU G 184 -13.46 2.50 9.49
C LEU G 184 -13.11 1.87 8.15
N TYR G 185 -14.09 1.60 7.29
CA TYR G 185 -13.83 0.93 6.03
C TYR G 185 -13.89 1.94 4.90
N PRO G 186 -12.79 2.16 4.17
CA PRO G 186 -12.80 3.20 3.14
C PRO G 186 -13.59 2.75 1.94
N PRO G 187 -14.20 3.68 1.21
CA PRO G 187 -14.88 3.31 -0.04
C PRO G 187 -13.87 3.02 -1.15
N VAL G 188 -14.39 2.42 -2.21
CA VAL G 188 -13.57 2.15 -3.39
C VAL G 188 -13.40 3.40 -4.21
N GLN G 189 -14.50 4.10 -4.49
CA GLN G 189 -14.43 5.37 -5.23
C GLN G 189 -13.98 6.49 -4.31
N LYS G 190 -13.00 7.27 -4.75
CA LYS G 190 -12.49 8.40 -3.99
C LYS G 190 -12.93 9.72 -4.61
N PRO G 191 -13.27 10.73 -3.81
CA PRO G 191 -13.27 10.72 -2.33
C PRO G 191 -14.47 9.97 -1.74
N TYR G 192 -15.52 9.79 -2.53
CA TYR G 192 -16.72 9.08 -2.11
C TYR G 192 -17.53 8.72 -3.34
N PRO G 193 -18.49 7.82 -3.23
CA PRO G 193 -19.36 7.52 -4.36
C PRO G 193 -20.04 8.78 -4.86
N PRO G 194 -20.08 9.01 -6.17
CA PRO G 194 -20.60 10.27 -6.70
C PRO G 194 -22.02 10.59 -6.22
N LEU G 195 -22.25 11.88 -5.97
CA LEU G 195 -23.53 12.36 -5.44
C LEU G 195 -24.36 12.95 -6.57
N TYR G 196 -25.54 12.40 -6.79
CA TYR G 196 -26.52 12.92 -7.73
C TYR G 196 -27.63 13.60 -6.95
N PHE G 197 -28.17 14.69 -7.48
CA PHE G 197 -29.13 15.49 -6.74
C PHE G 197 -30.07 16.24 -7.66
N GLY G 198 -31.35 16.23 -7.32
CA GLY G 198 -32.36 16.97 -8.05
C GLY G 198 -33.14 17.94 -7.18
N GLY G 199 -33.82 18.89 -7.82
CA GLY G 199 -34.59 19.89 -7.11
C GLY G 199 -34.46 21.23 -7.77
N SER G 200 -35.58 21.94 -7.97
CA SER G 200 -35.58 23.18 -8.72
C SER G 200 -35.70 24.44 -7.87
N SER G 201 -35.87 24.31 -6.55
CA SER G 201 -35.97 25.47 -5.68
C SER G 201 -34.63 26.19 -5.56
N ASP G 202 -34.69 27.43 -5.06
CA ASP G 202 -33.46 28.19 -4.84
C ASP G 202 -32.56 27.49 -3.82
N ALA G 203 -33.13 26.99 -2.73
CA ALA G 203 -32.32 26.29 -1.75
C ALA G 203 -31.72 25.02 -2.33
N ALA G 204 -32.45 24.36 -3.23
CA ALA G 204 -31.92 23.15 -3.86
C ALA G 204 -30.76 23.49 -4.78
N HIS G 205 -30.86 24.56 -5.56
CA HIS G 205 -29.79 24.93 -6.47
C HIS G 205 -28.54 25.36 -5.71
N ASP G 206 -28.70 26.06 -4.58
CA ASP G 206 -27.54 26.44 -3.79
C ASP G 206 -26.83 25.21 -3.22
N LEU G 207 -27.61 24.24 -2.72
CA LEU G 207 -26.99 23.05 -2.15
C LEU G 207 -26.33 22.20 -3.23
N ALA G 208 -26.98 22.09 -4.39
CA ALA G 208 -26.38 21.33 -5.49
C ALA G 208 -25.07 21.95 -5.93
N ALA G 209 -25.03 23.28 -6.06
CA ALA G 209 -23.85 23.96 -6.55
C ALA G 209 -22.69 23.87 -5.57
N GLU G 210 -22.95 23.53 -4.32
CA GLU G 210 -21.94 23.56 -3.28
C GLU G 210 -21.38 22.19 -2.93
N GLN G 211 -22.18 21.12 -3.01
CA GLN G 211 -21.78 19.83 -2.48
C GLN G 211 -21.83 18.66 -3.48
N VAL G 212 -22.76 18.69 -4.43
CA VAL G 212 -23.02 17.50 -5.25
C VAL G 212 -22.12 17.41 -6.49
N ASP G 213 -22.14 16.24 -7.13
CA ASP G 213 -21.31 16.00 -8.31
C ASP G 213 -22.10 16.10 -9.61
N VAL G 214 -23.36 15.67 -9.61
CA VAL G 214 -24.22 15.70 -10.78
C VAL G 214 -25.56 16.31 -10.39
N TYR G 215 -26.00 17.31 -11.13
CA TYR G 215 -27.32 17.90 -10.94
C TYR G 215 -28.30 17.27 -11.92
N LEU G 216 -29.44 16.84 -11.40
CA LEU G 216 -30.46 16.15 -12.17
C LEU G 216 -31.68 17.04 -12.37
N THR G 217 -32.38 16.82 -13.48
CA THR G 217 -33.62 17.53 -13.76
C THR G 217 -34.58 16.58 -14.46
N TRP G 218 -35.87 16.84 -14.30
CA TRP G 218 -36.85 16.08 -15.06
C TRP G 218 -36.86 16.55 -16.51
N GLY G 219 -37.58 15.80 -17.34
CA GLY G 219 -37.64 16.12 -18.75
C GLY G 219 -38.55 17.30 -19.06
N GLU G 220 -37.96 18.48 -19.18
CA GLU G 220 -38.66 19.70 -19.54
C GLU G 220 -38.23 20.11 -20.93
N PRO G 221 -38.93 21.05 -21.56
CA PRO G 221 -38.50 21.51 -22.88
C PRO G 221 -37.07 22.01 -22.82
N PRO G 222 -36.31 21.87 -23.91
CA PRO G 222 -34.87 22.20 -23.87
C PRO G 222 -34.56 23.59 -23.35
N ALA G 223 -35.36 24.59 -23.69
CA ALA G 223 -35.11 25.95 -23.22
C ALA G 223 -35.25 26.03 -21.70
N ALA G 224 -36.24 25.35 -21.13
CA ALA G 224 -36.42 25.40 -19.68
C ALA G 224 -35.29 24.68 -18.97
N VAL G 225 -34.80 23.59 -19.55
CA VAL G 225 -33.67 22.88 -18.96
C VAL G 225 -32.41 23.73 -19.02
N ALA G 226 -32.18 24.42 -20.14
CA ALA G 226 -30.97 25.23 -20.28
C ALA G 226 -30.92 26.36 -19.25
N GLU G 227 -32.08 26.91 -18.87
CA GLU G 227 -32.08 27.94 -17.84
C GLU G 227 -31.71 27.37 -16.48
N LYS G 228 -32.23 26.18 -16.16
CA LYS G 228 -31.88 25.54 -14.89
C LYS G 228 -30.40 25.19 -14.86
N LEU G 229 -29.88 24.64 -15.96
CA LEU G 229 -28.47 24.23 -16.00
C LEU G 229 -27.56 25.44 -15.88
N ALA G 230 -27.87 26.52 -16.60
CA ALA G 230 -27.06 27.72 -16.50
C ALA G 230 -27.12 28.33 -15.11
N ASP G 231 -28.26 28.19 -14.42
CA ASP G 231 -28.37 28.70 -13.06
C ASP G 231 -27.43 27.95 -12.13
N VAL G 232 -27.49 26.62 -12.14
CA VAL G 232 -26.62 25.81 -11.30
C VAL G 232 -25.16 26.07 -11.66
N ARG G 233 -24.88 26.23 -12.95
CA ARG G 233 -23.51 26.51 -13.40
C ARG G 233 -23.00 27.80 -12.80
N GLU G 234 -23.83 28.83 -12.71
CA GLU G 234 -23.37 30.12 -12.19
C GLU G 234 -23.18 30.08 -10.68
N ARG G 235 -24.07 29.39 -9.97
CA ARG G 235 -23.93 29.29 -8.52
C ARG G 235 -22.71 28.46 -8.15
N ALA G 236 -22.44 27.40 -8.92
CA ALA G 236 -21.27 26.56 -8.65
C ALA G 236 -19.97 27.29 -8.97
N ALA G 237 -19.97 28.18 -9.96
CA ALA G 237 -18.78 28.95 -10.24
C ALA G 237 -18.45 29.93 -9.11
N ARG G 238 -19.48 30.39 -8.39
CA ARG G 238 -19.24 31.23 -7.22
C ARG G 238 -18.60 30.45 -6.08
N HIS G 239 -18.71 29.12 -6.08
CA HIS G 239 -18.03 28.28 -5.11
C HIS G 239 -16.76 27.66 -5.67
N GLY G 240 -16.34 28.07 -6.86
CA GLY G 240 -15.15 27.49 -7.47
C GLY G 240 -15.31 26.04 -7.86
N ARG G 241 -16.50 25.63 -8.30
CA ARG G 241 -16.79 24.25 -8.66
C ARG G 241 -17.47 24.18 -10.02
N LYS G 242 -17.45 22.98 -10.59
CA LYS G 242 -18.22 22.61 -11.76
C LYS G 242 -18.97 21.32 -11.45
N VAL G 243 -20.23 21.26 -11.86
CA VAL G 243 -21.04 20.05 -11.69
C VAL G 243 -21.42 19.51 -13.06
N LYS G 244 -21.52 18.19 -13.14
CA LYS G 244 -22.09 17.56 -14.33
C LYS G 244 -23.61 17.60 -14.23
N PHE G 245 -24.29 17.33 -15.35
CA PHE G 245 -25.74 17.43 -15.40
C PHE G 245 -26.36 16.16 -15.96
N GLY G 246 -27.52 15.79 -15.42
CA GLY G 246 -28.25 14.64 -15.89
C GLY G 246 -29.74 14.92 -15.97
N ILE G 247 -30.43 14.09 -16.74
CA ILE G 247 -31.86 14.27 -16.99
C ILE G 247 -32.59 12.94 -16.82
N ARG G 248 -33.82 13.02 -16.34
CA ARG G 248 -34.70 11.87 -16.13
C ARG G 248 -35.82 11.93 -17.17
N LEU G 249 -35.97 10.84 -17.92
CA LEU G 249 -36.93 10.81 -19.02
C LEU G 249 -37.53 9.41 -19.14
N HIS G 250 -38.85 9.34 -19.18
CA HIS G 250 -39.51 8.15 -19.66
C HIS G 250 -39.37 8.08 -21.18
N VAL G 251 -39.51 6.89 -21.75
CA VAL G 251 -39.30 6.74 -23.19
C VAL G 251 -40.24 5.69 -23.76
N ILE G 252 -40.95 6.05 -24.83
CA ILE G 252 -41.80 5.13 -25.58
C ILE G 252 -41.36 5.21 -27.04
N VAL G 253 -40.46 4.32 -27.46
CA VAL G 253 -39.89 4.33 -28.80
C VAL G 253 -40.32 3.06 -29.53
N ARG G 254 -40.79 3.23 -30.77
CA ARG G 254 -41.19 2.10 -31.61
C ARG G 254 -40.50 2.24 -32.96
N GLU G 255 -40.73 1.27 -33.85
CA GLU G 255 -40.06 1.29 -35.15
C GLU G 255 -40.50 2.49 -35.97
N THR G 256 -41.77 2.87 -35.86
CA THR G 256 -42.29 4.06 -36.53
C THR G 256 -42.91 4.99 -35.50
N ALA G 257 -43.04 6.26 -35.86
CA ALA G 257 -43.64 7.22 -34.95
C ALA G 257 -45.10 6.91 -34.68
N GLU G 258 -45.79 6.29 -35.65
CA GLU G 258 -47.19 5.98 -35.46
C GLU G 258 -47.41 4.94 -34.38
N GLU G 259 -46.58 3.88 -34.38
CA GLU G 259 -46.71 2.85 -33.35
C GLU G 259 -46.40 3.40 -31.97
N ALA G 260 -45.46 4.34 -31.88
CA ALA G 260 -45.08 4.89 -30.58
C ALA G 260 -46.19 5.73 -29.98
N TRP G 261 -46.84 6.58 -30.78
CA TRP G 261 -47.93 7.38 -30.26
C TRP G 261 -49.15 6.54 -29.90
N LYS G 262 -49.41 5.46 -30.66
CA LYS G 262 -50.50 4.57 -30.29
C LYS G 262 -50.18 3.85 -28.98
N ALA G 263 -48.90 3.51 -28.77
CA ALA G 263 -48.52 2.88 -27.51
C ALA G 263 -48.61 3.84 -26.33
N ALA G 264 -48.35 5.13 -26.56
CA ALA G 264 -48.50 6.12 -25.50
C ALA G 264 -49.96 6.29 -25.09
N ASP G 265 -50.88 6.30 -26.07
CA ASP G 265 -52.30 6.40 -25.73
C ASP G 265 -52.76 5.18 -24.95
N LYS G 266 -52.33 3.98 -25.37
CA LYS G 266 -52.75 2.76 -24.70
C LYS G 266 -52.25 2.68 -23.27
N LEU G 267 -51.16 3.38 -22.97
CA LEU G 267 -50.61 3.36 -21.62
C LEU G 267 -51.54 4.05 -20.61
N ILE G 268 -52.26 5.08 -21.04
CA ILE G 268 -53.10 5.84 -20.13
C ILE G 268 -54.59 5.70 -20.45
N GLU G 269 -54.98 4.61 -21.14
CA GLU G 269 -56.39 4.42 -21.47
C GLU G 269 -57.25 4.25 -20.22
N HIS G 270 -56.78 3.45 -19.26
CA HIS G 270 -57.58 3.10 -18.09
C HIS G 270 -57.44 4.10 -16.95
N ILE G 271 -57.20 5.37 -17.26
CA ILE G 271 -57.09 6.41 -16.24
C ILE G 271 -58.35 7.25 -16.28
N SER G 272 -59.10 7.24 -15.19
CA SER G 272 -60.32 8.04 -15.11
C SER G 272 -59.96 9.51 -14.99
N ASP G 273 -60.87 10.37 -15.47
CA ASP G 273 -60.67 11.81 -15.33
C ASP G 273 -60.72 12.27 -13.88
N GLU G 274 -61.18 11.41 -12.96
CA GLU G 274 -61.21 11.77 -11.54
C GLU G 274 -59.82 11.66 -10.91
N THR G 275 -59.05 10.65 -11.30
CA THR G 275 -57.72 10.47 -10.74
C THR G 275 -56.81 11.66 -11.05
N ILE G 276 -57.02 12.31 -12.19
CA ILE G 276 -56.24 13.50 -12.55
C ILE G 276 -56.53 14.65 -11.60
N LEU G 305 -50.93 17.27 -24.47
CA LEU G 305 -49.97 16.55 -23.65
C LEU G 305 -48.55 16.60 -24.21
N GLU G 306 -48.44 16.72 -25.54
CA GLU G 306 -47.15 16.89 -26.21
C GLU G 306 -46.73 18.35 -26.03
N ILE G 307 -45.95 18.60 -24.97
CA ILE G 307 -45.54 19.96 -24.64
C ILE G 307 -44.39 20.46 -25.50
N ALA G 308 -43.76 19.58 -26.27
CA ALA G 308 -42.64 19.91 -27.14
C ALA G 308 -42.49 18.78 -28.14
N PRO G 309 -41.80 19.03 -29.27
CA PRO G 309 -41.61 17.96 -30.26
C PRO G 309 -41.15 16.63 -29.66
N ASN G 310 -42.05 15.65 -29.66
CA ASN G 310 -41.79 14.30 -29.14
C ASN G 310 -41.57 14.25 -27.63
N LEU G 311 -42.01 15.27 -26.90
CA LEU G 311 -41.93 15.30 -25.44
C LEU G 311 -43.36 15.31 -24.90
N TRP G 312 -43.78 14.16 -24.36
CA TRP G 312 -45.17 13.90 -23.98
C TRP G 312 -45.28 13.87 -22.47
N ALA G 313 -46.23 14.64 -21.93
CA ALA G 313 -46.39 14.77 -20.48
C ALA G 313 -47.51 13.88 -19.95
N GLY G 314 -47.78 12.76 -20.64
CA GLY G 314 -48.87 11.90 -20.22
C GLY G 314 -48.55 11.07 -18.99
N VAL G 315 -47.28 10.69 -18.81
CA VAL G 315 -46.93 9.91 -17.63
C VAL G 315 -47.05 10.75 -16.37
N GLY G 316 -47.04 12.08 -16.50
CA GLY G 316 -47.22 12.95 -15.36
C GLY G 316 -48.63 13.04 -14.86
N LEU G 317 -49.55 12.24 -15.42
CA LEU G 317 -50.94 12.17 -14.97
C LEU G 317 -51.12 11.22 -13.79
N VAL G 318 -50.04 10.59 -13.34
CA VAL G 318 -50.06 9.71 -12.17
C VAL G 318 -48.95 10.10 -11.22
N ARG G 319 -47.71 9.71 -11.55
CA ARG G 319 -46.56 10.01 -10.71
C ARG G 319 -45.87 11.30 -11.12
N GLY G 323 -42.80 11.99 -14.89
CA GLY G 323 -42.83 13.35 -15.41
C GLY G 323 -43.23 13.43 -16.88
N THR G 324 -42.24 13.35 -17.78
CA THR G 324 -42.50 13.37 -19.21
C THR G 324 -41.79 12.21 -19.89
N ALA G 325 -42.09 12.04 -21.18
CA ALA G 325 -41.56 10.91 -21.93
C ALA G 325 -41.19 11.37 -23.34
N LEU G 326 -40.21 10.69 -23.92
CA LEU G 326 -39.85 10.88 -25.31
C LEU G 326 -40.59 9.83 -26.13
N VAL G 327 -41.39 10.27 -27.10
CA VAL G 327 -42.23 9.39 -27.91
C VAL G 327 -41.93 9.63 -29.37
N GLY G 328 -41.63 8.55 -30.10
CA GLY G 328 -41.38 8.65 -31.52
C GLY G 328 -40.56 7.49 -32.02
N ASP G 329 -40.13 7.59 -33.28
CA ASP G 329 -39.30 6.58 -33.90
C ASP G 329 -37.85 6.74 -33.45
N PRO G 330 -36.97 5.80 -33.77
CA PRO G 330 -35.58 5.92 -33.30
C PRO G 330 -34.87 7.20 -33.71
N GLN G 331 -35.10 7.70 -34.93
CA GLN G 331 -34.41 8.92 -35.34
C GLN G 331 -34.88 10.11 -34.51
N GLN G 332 -36.18 10.19 -34.23
CA GLN G 332 -36.71 11.29 -33.43
C GLN G 332 -36.22 11.23 -31.99
N VAL G 333 -36.22 10.05 -31.37
CA VAL G 333 -35.82 9.94 -29.98
C VAL G 333 -34.34 10.25 -29.82
N ALA G 334 -33.50 9.73 -30.71
CA ALA G 334 -32.07 10.03 -30.63
C ALA G 334 -31.79 11.51 -30.86
N ALA G 335 -32.58 12.17 -31.70
CA ALA G 335 -32.36 13.59 -31.95
C ALA G 335 -32.65 14.42 -30.71
N ARG G 336 -33.72 14.08 -29.98
CA ARG G 336 -34.00 14.78 -28.73
C ARG G 336 -32.91 14.52 -27.70
N ILE G 337 -32.33 13.31 -27.69
CA ILE G 337 -31.22 13.04 -26.79
C ILE G 337 -30.01 13.89 -27.16
N LYS G 338 -29.74 14.02 -28.46
CA LYS G 338 -28.62 14.87 -28.90
C LYS G 338 -28.86 16.34 -28.55
N GLU G 339 -30.11 16.79 -28.54
CA GLU G 339 -30.37 18.19 -28.22
CA GLU G 339 -30.37 18.19 -28.21
C GLU G 339 -30.10 18.47 -26.74
N TYR G 340 -30.51 17.55 -25.86
CA TYR G 340 -30.21 17.71 -24.43
C TYR G 340 -28.71 17.62 -24.18
N ALA G 341 -28.03 16.74 -24.92
CA ALA G 341 -26.58 16.59 -24.76
C ALA G 341 -25.84 17.85 -25.19
N ASP G 342 -26.34 18.56 -26.19
CA ASP G 342 -25.71 19.81 -26.64
C ASP G 342 -25.80 20.91 -25.59
N LEU G 343 -26.73 20.80 -24.64
CA LEU G 343 -26.83 21.75 -23.55
C LEU G 343 -25.85 21.48 -22.43
N GLY G 344 -25.18 20.33 -22.46
CA GLY G 344 -24.26 19.93 -21.42
C GLY G 344 -24.70 18.75 -20.59
N ILE G 345 -25.76 18.05 -20.98
CA ILE G 345 -26.26 16.92 -20.21
C ILE G 345 -25.50 15.66 -20.62
N GLU G 346 -24.93 14.96 -19.63
CA GLU G 346 -24.15 13.77 -19.88
C GLU G 346 -24.75 12.50 -19.31
N SER G 347 -25.67 12.59 -18.36
CA SER G 347 -26.34 11.43 -17.79
C SER G 347 -27.80 11.42 -18.23
N PHE G 348 -28.28 10.27 -18.69
CA PHE G 348 -29.67 10.11 -19.12
C PHE G 348 -30.24 8.89 -18.43
N ILE G 349 -31.32 9.09 -17.67
CA ILE G 349 -31.97 8.03 -16.91
C ILE G 349 -33.33 7.75 -17.53
N PHE G 350 -33.46 6.61 -18.21
CA PHE G 350 -34.67 6.25 -18.94
C PHE G 350 -35.49 5.17 -18.22
N SER G 351 -36.76 5.08 -18.60
CA SER G 351 -37.68 4.08 -18.08
C SER G 351 -38.76 3.80 -19.12
N GLY G 352 -39.43 2.65 -18.96
CA GLY G 352 -40.50 2.26 -19.85
C GLY G 352 -41.31 1.14 -19.23
N TYR G 353 -42.54 1.01 -19.70
CA TYR G 353 -43.46 0.00 -19.18
C TYR G 353 -43.74 -1.05 -20.24
N PRO G 354 -43.48 -2.34 -19.99
CA PRO G 354 -42.84 -2.89 -18.79
C PRO G 354 -41.34 -2.66 -18.84
N HIS G 355 -40.67 -2.71 -17.69
CA HIS G 355 -39.25 -2.34 -17.64
C HIS G 355 -38.32 -3.39 -18.21
N LEU G 356 -38.74 -4.65 -18.27
CA LEU G 356 -37.89 -5.67 -18.88
C LEU G 356 -37.91 -5.55 -20.40
N GLU G 357 -39.10 -5.63 -21.00
CA GLU G 357 -39.20 -5.60 -22.46
C GLU G 357 -38.67 -4.29 -23.04
N GLU G 358 -39.00 -3.15 -22.42
CA GLU G 358 -38.60 -1.87 -22.99
C GLU G 358 -37.10 -1.60 -22.86
N ALA G 359 -36.42 -2.22 -21.89
CA ALA G 359 -34.97 -2.08 -21.84
C ALA G 359 -34.31 -2.66 -23.08
N TYR G 360 -34.82 -3.80 -23.57
CA TYR G 360 -34.32 -4.34 -24.82
C TYR G 360 -34.75 -3.48 -26.00
N ARG G 361 -35.98 -2.96 -25.96
CA ARG G 361 -36.48 -2.16 -27.06
C ARG G 361 -35.65 -0.91 -27.25
N PHE G 362 -35.37 -0.18 -26.16
CA PHE G 362 -34.55 1.01 -26.25
C PHE G 362 -33.12 0.68 -26.67
N ALA G 363 -32.56 -0.42 -26.18
CA ALA G 363 -31.18 -0.77 -26.52
C ALA G 363 -31.07 -1.19 -27.99
N GLU G 364 -32.07 -1.90 -28.52
CA GLU G 364 -31.98 -2.37 -29.89
C GLU G 364 -32.36 -1.30 -30.92
N LEU G 365 -33.14 -0.30 -30.52
CA LEU G 365 -33.58 0.74 -31.43
C LEU G 365 -32.77 2.03 -31.34
N VAL G 366 -32.29 2.41 -30.15
CA VAL G 366 -31.70 3.71 -29.92
C VAL G 366 -30.19 3.66 -29.73
N PHE G 367 -29.67 2.61 -29.07
CA PHE G 367 -28.22 2.47 -28.92
C PHE G 367 -27.45 2.65 -30.22
N PRO G 368 -27.85 2.06 -31.36
CA PRO G 368 -27.09 2.29 -32.61
C PRO G 368 -27.02 3.75 -33.05
N LEU G 369 -27.92 4.60 -32.59
CA LEU G 369 -27.90 6.01 -32.96
C LEU G 369 -27.20 6.89 -31.94
N LEU G 370 -26.75 6.32 -30.83
CA LEU G 370 -26.06 7.05 -29.78
C LEU G 370 -24.56 6.94 -29.96
N PRO G 371 -23.78 7.80 -29.31
CA PRO G 371 -22.32 7.70 -29.43
C PRO G 371 -21.80 6.42 -28.79
N GLU G 372 -20.51 6.18 -29.03
CA GLU G 372 -19.85 5.02 -28.45
C GLU G 372 -19.85 5.16 -26.92
N PRO G 373 -19.88 4.04 -26.19
CA PRO G 373 -19.82 2.66 -26.68
C PRO G 373 -21.17 2.10 -27.11
N TYR G 374 -22.25 2.89 -26.96
CA TYR G 374 -23.58 2.36 -27.22
C TYR G 374 -23.79 2.04 -28.69
N ALA G 375 -23.04 2.69 -29.58
CA ALA G 375 -23.18 2.41 -31.00
C ALA G 375 -22.67 1.01 -31.36
N SER G 376 -21.70 0.49 -30.61
CA SER G 376 -21.11 -0.81 -30.89
C SER G 376 -21.75 -1.96 -30.13
N LEU G 377 -22.58 -1.69 -29.14
CA LEU G 377 -23.23 -2.75 -28.38
C LEU G 377 -24.42 -3.35 -29.14
N SER H 23 -36.75 -29.41 19.75
CA SER H 23 -36.95 -28.03 19.32
C SER H 23 -35.71 -27.18 19.57
N MET H 24 -34.71 -27.33 18.69
CA MET H 24 -33.41 -26.68 18.84
C MET H 24 -33.00 -26.04 17.53
N ASP H 25 -32.58 -24.78 17.61
CA ASP H 25 -32.10 -24.02 16.46
C ASP H 25 -30.61 -23.74 16.68
N VAL H 26 -29.77 -24.27 15.80
CA VAL H 26 -28.33 -24.12 15.90
C VAL H 26 -27.90 -23.10 14.86
N PHE H 27 -27.42 -21.94 15.31
CA PHE H 27 -26.95 -20.86 14.46
C PHE H 27 -25.43 -20.89 14.37
N TRP H 28 -24.91 -20.25 13.33
CA TRP H 28 -23.50 -19.94 13.21
C TRP H 28 -23.31 -18.42 13.26
N PHE H 29 -22.17 -17.94 12.78
CA PHE H 29 -21.78 -16.54 12.94
C PHE H 29 -21.11 -16.05 11.66
N LEU H 30 -21.50 -14.86 11.20
CA LEU H 30 -20.86 -14.22 10.06
C LEU H 30 -19.83 -13.22 10.55
N PRO H 31 -18.54 -13.40 10.26
CA PRO H 31 -17.51 -12.48 10.80
C PRO H 31 -17.37 -11.20 10.00
N THR H 32 -18.39 -10.33 10.08
CA THR H 32 -18.36 -9.08 9.32
C THR H 32 -17.37 -8.06 9.88
N HIS H 33 -16.68 -8.37 10.97
CA HIS H 33 -15.63 -7.51 11.50
C HIS H 33 -14.22 -8.03 11.20
N GLY H 34 -14.10 -9.14 10.47
CA GLY H 34 -12.81 -9.74 10.19
C GLY H 34 -12.72 -11.15 10.74
N ASP H 35 -11.85 -11.97 10.15
CA ASP H 35 -11.67 -13.35 10.58
C ASP H 35 -10.19 -13.64 10.67
N GLY H 36 -9.87 -14.82 11.20
CA GLY H 36 -8.49 -15.22 11.31
C GLY H 36 -8.36 -16.48 12.15
N HIS H 37 -7.12 -16.84 12.43
CA HIS H 37 -6.81 -18.02 13.25
C HIS H 37 -6.52 -17.69 14.70
N TYR H 38 -5.96 -16.51 14.99
CA TYR H 38 -5.54 -16.17 16.34
C TYR H 38 -5.99 -14.77 16.69
N LEU H 39 -6.23 -14.54 17.98
CA LEU H 39 -6.64 -13.23 18.46
C LEU H 39 -5.41 -12.44 18.92
N GLY H 40 -5.49 -11.12 18.76
CA GLY H 40 -4.39 -10.26 19.16
C GLY H 40 -3.24 -10.24 18.19
N THR H 41 -3.47 -10.65 16.94
CA THR H 41 -2.42 -10.71 15.93
C THR H 41 -3.03 -10.57 14.55
N THR H 42 -2.24 -10.04 13.62
CA THR H 42 -2.62 -9.97 12.21
C THR H 42 -2.16 -11.19 11.42
N GLN H 43 -1.43 -12.11 12.05
CA GLN H 43 -0.97 -13.30 11.34
C GLN H 43 -2.15 -14.20 11.03
N GLY H 44 -2.28 -14.59 9.77
CA GLY H 44 -3.38 -15.44 9.36
C GLY H 44 -4.74 -14.77 9.38
N ALA H 45 -4.79 -13.45 9.26
CA ALA H 45 -6.06 -12.74 9.32
C ALA H 45 -6.74 -12.77 7.96
N ARG H 46 -8.07 -12.86 7.97
CA ARG H 46 -8.86 -12.88 6.74
C ARG H 46 -9.77 -11.66 6.69
N PRO H 47 -9.53 -10.73 5.78
CA PRO H 47 -10.38 -9.52 5.72
C PRO H 47 -11.76 -9.86 5.18
N VAL H 48 -12.72 -9.02 5.55
CA VAL H 48 -14.11 -9.21 5.14
C VAL H 48 -14.22 -8.87 3.66
N THR H 49 -14.46 -9.90 2.83
CA THR H 49 -14.70 -9.69 1.41
C THR H 49 -16.00 -10.39 1.03
N LEU H 50 -16.59 -9.94 -0.08
CA LEU H 50 -17.80 -10.58 -0.59
C LEU H 50 -17.57 -12.07 -0.84
N ASN H 51 -16.41 -12.41 -1.41
CA ASN H 51 -16.11 -13.82 -1.71
C ASN H 51 -16.03 -14.65 -0.45
N TYR H 52 -15.34 -14.15 0.59
CA TYR H 52 -15.23 -14.94 1.81
C TYR H 52 -16.55 -15.01 2.58
N LEU H 53 -17.35 -13.95 2.53
CA LEU H 53 -18.66 -13.99 3.18
C LEU H 53 -19.59 -14.97 2.49
N LYS H 54 -19.52 -15.08 1.17
CA LYS H 54 -20.28 -16.11 0.46
C LYS H 54 -19.87 -17.50 0.93
N GLN H 55 -18.57 -17.70 1.14
CA GLN H 55 -18.07 -19.00 1.58
C GLN H 55 -18.69 -19.40 2.91
N VAL H 56 -18.67 -18.50 3.90
CA VAL H 56 -19.19 -18.84 5.22
C VAL H 56 -20.70 -19.02 5.18
N ALA H 57 -21.41 -18.10 4.52
CA ALA H 57 -22.86 -18.18 4.48
C ALA H 57 -23.32 -19.44 3.75
N GLN H 58 -22.75 -19.70 2.57
CA GLN H 58 -23.09 -20.91 1.83
C GLN H 58 -22.63 -22.17 2.55
N ALA H 59 -21.57 -22.07 3.36
CA ALA H 59 -21.21 -23.21 4.20
C ALA H 59 -22.30 -23.50 5.21
N ALA H 60 -22.71 -22.47 5.97
CA ALA H 60 -23.76 -22.65 6.96
C ALA H 60 -25.08 -23.07 6.31
N ASP H 61 -25.36 -22.58 5.11
CA ASP H 61 -26.58 -22.97 4.41
C ASP H 61 -26.56 -24.46 4.09
N SER H 62 -25.49 -24.94 3.45
CA SER H 62 -25.48 -26.32 2.97
C SER H 62 -25.30 -27.32 4.10
N LEU H 63 -24.64 -26.91 5.19
CA LEU H 63 -24.42 -27.81 6.32
C LEU H 63 -25.66 -28.02 7.15
N GLY H 64 -26.68 -27.17 7.01
CA GLY H 64 -27.92 -27.34 7.72
C GLY H 64 -28.12 -26.47 8.94
N TYR H 65 -27.29 -25.45 9.13
CA TYR H 65 -27.52 -24.53 10.23
C TYR H 65 -28.85 -23.80 10.04
N HIS H 66 -29.54 -23.54 11.15
CA HIS H 66 -30.83 -22.86 11.08
C HIS H 66 -30.68 -21.45 10.54
N GLY H 67 -29.68 -20.73 11.01
CA GLY H 67 -29.42 -19.39 10.55
C GLY H 67 -28.02 -18.98 10.91
N VAL H 68 -27.75 -17.69 10.75
CA VAL H 68 -26.44 -17.11 11.06
C VAL H 68 -26.67 -15.74 11.69
N LEU H 69 -25.87 -15.43 12.71
CA LEU H 69 -25.95 -14.14 13.39
C LEU H 69 -24.93 -13.18 12.77
N ILE H 70 -25.37 -11.96 12.50
CA ILE H 70 -24.52 -10.93 11.91
C ILE H 70 -24.31 -9.83 12.94
N PRO H 71 -23.10 -9.60 13.40
CA PRO H 71 -22.88 -8.54 14.40
C PRO H 71 -23.04 -7.16 13.78
N THR H 72 -23.14 -6.17 14.65
CA THR H 72 -23.27 -4.78 14.24
C THR H 72 -22.31 -3.92 15.06
N GLY H 73 -22.14 -2.69 14.62
CA GLY H 73 -21.28 -1.74 15.31
C GLY H 73 -20.31 -1.08 14.35
N ARG H 74 -19.57 -0.13 14.91
CA ARG H 74 -18.61 0.64 14.10
C ARG H 74 -17.49 -0.23 13.56
N SER H 75 -17.17 -1.35 14.22
CA SER H 75 -16.09 -2.21 13.77
C SER H 75 -16.53 -3.24 12.74
N CYS H 76 -17.78 -3.19 12.29
CA CYS H 76 -18.28 -4.15 11.31
C CYS H 76 -18.63 -3.41 10.03
N GLU H 77 -18.65 -4.16 8.93
CA GLU H 77 -19.36 -3.71 7.75
C GLU H 77 -20.87 -3.75 8.02
N ASP H 78 -21.62 -3.03 7.19
CA ASP H 78 -23.05 -2.87 7.46
C ASP H 78 -23.78 -4.21 7.35
N SER H 79 -24.60 -4.51 8.37
CA SER H 79 -25.31 -5.79 8.42
C SER H 79 -26.35 -5.92 7.32
N TRP H 80 -27.08 -4.83 7.04
CA TRP H 80 -28.19 -4.92 6.10
C TRP H 80 -27.69 -5.10 4.66
N VAL H 81 -26.59 -4.43 4.30
CA VAL H 81 -26.01 -4.62 2.98
C VAL H 81 -25.54 -6.06 2.80
N ILE H 82 -24.88 -6.61 3.82
CA ILE H 82 -24.32 -7.95 3.73
C ILE H 82 -25.42 -9.01 3.76
N ALA H 83 -26.39 -8.86 4.67
CA ALA H 83 -27.49 -9.82 4.74
C ALA H 83 -28.30 -9.85 3.44
N SER H 84 -28.55 -8.68 2.85
CA SER H 84 -29.31 -8.63 1.60
C SER H 84 -28.51 -9.21 0.45
N ALA H 85 -27.18 -9.03 0.45
CA ALA H 85 -26.35 -9.56 -0.62
C ALA H 85 -26.27 -11.07 -0.57
N LEU H 86 -26.38 -11.66 0.62
CA LEU H 86 -26.28 -13.10 0.79
C LEU H 86 -27.62 -13.83 0.66
N VAL H 87 -28.75 -13.13 0.81
CA VAL H 87 -30.05 -13.77 0.70
C VAL H 87 -30.26 -14.49 -0.64
N PRO H 88 -30.08 -13.85 -1.80
CA PRO H 88 -30.26 -14.59 -3.05
C PRO H 88 -29.18 -15.61 -3.36
N LEU H 89 -28.13 -15.73 -2.55
CA LEU H 89 -27.09 -16.72 -2.75
C LEU H 89 -27.23 -17.93 -1.84
N THR H 90 -28.29 -18.00 -1.04
CA THR H 90 -28.52 -19.09 -0.11
C THR H 90 -29.98 -19.50 -0.20
N GLU H 91 -30.26 -20.75 0.19
CA GLU H 91 -31.57 -21.35 -0.01
C GLU H 91 -32.42 -21.36 1.26
N ARG H 92 -31.92 -21.98 2.34
CA ARG H 92 -32.69 -22.13 3.57
C ARG H 92 -32.17 -21.29 4.72
N LEU H 93 -30.92 -20.83 4.66
CA LEU H 93 -30.30 -20.17 5.79
C LEU H 93 -31.04 -18.88 6.14
N ARG H 94 -31.29 -18.69 7.43
CA ARG H 94 -31.91 -17.47 7.93
C ARG H 94 -30.83 -16.50 8.41
N TYR H 95 -31.18 -15.22 8.47
CA TYR H 95 -30.23 -14.16 8.81
C TYR H 95 -30.76 -13.35 9.99
N LEU H 96 -30.01 -13.34 11.09
CA LEU H 96 -30.37 -12.57 12.27
C LEU H 96 -29.67 -11.22 12.18
N VAL H 97 -30.41 -10.20 11.74
CA VAL H 97 -29.87 -8.87 11.44
C VAL H 97 -30.26 -7.90 12.54
N ALA H 98 -29.33 -7.02 12.89
CA ALA H 98 -29.52 -6.06 13.97
C ALA H 98 -30.17 -4.78 13.47
N ILE H 99 -31.13 -4.27 14.24
CA ILE H 99 -31.65 -2.91 14.09
C ILE H 99 -31.25 -2.13 15.34
N ARG H 100 -30.89 -0.86 15.14
CA ARG H 100 -30.45 -0.01 16.25
C ARG H 100 -31.41 1.16 16.44
N PRO H 101 -32.36 1.07 17.37
CA PRO H 101 -33.24 2.21 17.63
C PRO H 101 -32.46 3.44 18.06
N GLY H 102 -32.95 4.60 17.66
CA GLY H 102 -32.34 5.86 17.98
C GLY H 102 -31.48 6.44 16.88
N ILE H 103 -31.11 5.64 15.87
CA ILE H 103 -30.30 6.10 14.76
C ILE H 103 -31.00 5.94 13.41
N ILE H 104 -32.23 5.45 13.38
CA ILE H 104 -32.99 5.31 12.15
C ILE H 104 -34.47 5.47 12.48
N SER H 105 -35.21 5.99 11.52
CA SER H 105 -36.65 6.14 11.70
C SER H 105 -37.28 4.75 11.85
N PRO H 106 -38.23 4.58 12.77
CA PRO H 106 -38.88 3.26 12.89
C PRO H 106 -39.62 2.85 11.64
N THR H 107 -40.26 3.81 10.96
CA THR H 107 -40.99 3.48 9.73
C THR H 107 -40.05 3.01 8.64
N VAL H 108 -38.91 3.69 8.46
CA VAL H 108 -37.95 3.28 7.45
C VAL H 108 -37.37 1.90 7.80
N SER H 109 -37.04 1.69 9.08
CA SER H 109 -36.57 0.38 9.51
C SER H 109 -37.60 -0.71 9.24
N ALA H 110 -38.88 -0.39 9.43
CA ALA H 110 -39.93 -1.38 9.16
C ALA H 110 -40.00 -1.72 7.68
N ARG H 111 -39.85 -0.72 6.81
CA ARG H 111 -39.86 -0.98 5.37
C ARG H 111 -38.65 -1.80 4.94
N MET H 112 -37.49 -1.54 5.56
CA MET H 112 -36.30 -2.35 5.26
C MET H 112 -36.52 -3.80 5.65
N ALA H 113 -37.05 -4.02 6.86
CA ALA H 113 -37.31 -5.39 7.31
C ALA H 113 -38.30 -6.09 6.39
N ALA H 114 -39.35 -5.39 5.98
CA ALA H 114 -40.36 -6.00 5.12
C ALA H 114 -39.77 -6.42 3.77
N THR H 115 -38.94 -5.57 3.17
CA THR H 115 -38.38 -5.91 1.86
C THR H 115 -37.49 -7.14 1.93
N LEU H 116 -36.56 -7.17 2.90
CA LEU H 116 -35.65 -8.29 3.00
C LEU H 116 -36.39 -9.58 3.36
N ASP H 117 -37.42 -9.47 4.20
CA ASP H 117 -38.25 -10.63 4.52
C ASP H 117 -39.01 -11.12 3.30
N ARG H 118 -39.42 -10.20 2.41
CA ARG H 118 -40.13 -10.63 1.20
C ARG H 118 -39.17 -11.25 0.19
N LEU H 119 -38.01 -10.64 -0.03
CA LEU H 119 -37.03 -11.20 -0.96
C LEU H 119 -36.53 -12.56 -0.49
N SER H 120 -36.38 -12.74 0.82
CA SER H 120 -35.86 -13.97 1.39
C SER H 120 -36.93 -15.04 1.61
N ASN H 121 -38.19 -14.72 1.35
CA ASN H 121 -39.31 -15.63 1.58
C ASN H 121 -39.39 -16.05 3.05
N GLY H 122 -39.25 -15.07 3.94
CA GLY H 122 -39.43 -15.30 5.36
C GLY H 122 -38.23 -15.84 6.09
N ARG H 123 -37.02 -15.41 5.71
CA ARG H 123 -35.80 -15.89 6.34
C ARG H 123 -35.11 -14.81 7.15
N LEU H 124 -35.80 -13.72 7.45
CA LEU H 124 -35.22 -12.60 8.19
C LEU H 124 -35.56 -12.75 9.67
N LEU H 125 -34.57 -12.57 10.53
CA LEU H 125 -34.75 -12.52 11.97
C LEU H 125 -34.14 -11.22 12.48
N ILE H 126 -34.81 -10.57 13.43
CA ILE H 126 -34.43 -9.24 13.90
C ILE H 126 -33.79 -9.35 15.27
N ASN H 127 -32.63 -8.71 15.42
CA ASN H 127 -31.91 -8.60 16.69
C ASN H 127 -31.96 -7.14 17.15
N VAL H 128 -32.60 -6.89 18.29
CA VAL H 128 -32.75 -5.54 18.83
C VAL H 128 -31.51 -5.18 19.64
N VAL H 129 -30.74 -4.21 19.16
CA VAL H 129 -29.49 -3.76 19.78
C VAL H 129 -29.66 -2.30 20.16
N THR H 130 -29.55 -2.00 21.47
CA THR H 130 -29.79 -0.64 21.94
C THR H 130 -28.58 0.27 21.77
N GLY H 131 -27.38 -0.30 21.76
CA GLY H 131 -26.17 0.48 21.57
C GLY H 131 -25.58 0.90 22.90
N GLY H 132 -24.52 0.21 23.33
CA GLY H 132 -23.95 0.45 24.64
C GLY H 132 -22.80 1.44 24.67
N ASP H 133 -21.92 1.37 23.69
CA ASP H 133 -20.69 2.15 23.70
C ASP H 133 -21.02 3.63 23.55
N PRO H 134 -20.78 4.46 24.57
CA PRO H 134 -21.14 5.88 24.44
C PRO H 134 -20.32 6.63 23.42
N ASP H 135 -19.04 6.28 23.23
CA ASP H 135 -18.24 6.92 22.21
C ASP H 135 -18.81 6.66 20.82
N GLU H 136 -19.25 5.43 20.56
CA GLU H 136 -19.83 5.12 19.27
C GLU H 136 -21.18 5.79 19.10
N ASN H 137 -21.96 5.88 20.18
CA ASN H 137 -23.27 6.50 20.10
C ASN H 137 -23.16 7.99 19.79
N ARG H 138 -22.20 8.68 20.40
CA ARG H 138 -21.98 10.09 20.07
C ARG H 138 -21.51 10.28 18.64
N GLY H 139 -20.73 9.31 18.12
CA GLY H 139 -20.32 9.36 16.73
C GLY H 139 -21.47 9.21 15.74
N ASP H 140 -22.56 8.57 16.17
CA ASP H 140 -23.74 8.41 15.33
C ASP H 140 -24.78 9.51 15.52
N GLY H 141 -24.55 10.43 16.45
CA GLY H 141 -25.48 11.52 16.69
C GLY H 141 -26.48 11.30 17.79
N SER H 142 -26.32 10.26 18.61
CA SER H 142 -27.25 9.92 19.67
C SER H 142 -26.62 10.29 21.01
N PHE H 143 -27.29 11.16 21.77
CA PHE H 143 -26.80 11.61 23.07
C PHE H 143 -27.88 11.29 24.10
N LEU H 144 -27.92 10.04 24.55
CA LEU H 144 -28.97 9.57 25.45
C LEU H 144 -28.36 8.80 26.61
N SER H 145 -28.96 8.96 27.78
CA SER H 145 -28.53 8.21 28.96
C SER H 145 -28.98 6.75 28.85
N HIS H 146 -28.56 5.95 29.83
CA HIS H 146 -28.89 4.53 29.83
C HIS H 146 -30.40 4.31 29.85
N SER H 147 -31.11 5.06 30.70
CA SER H 147 -32.56 4.93 30.76
C SER H 147 -33.21 5.47 29.49
N GLU H 148 -32.68 6.56 28.94
CA GLU H 148 -33.28 7.14 27.74
C GLU H 148 -33.13 6.21 26.54
N ARG H 149 -32.04 5.45 26.47
CA ARG H 149 -31.85 4.53 25.36
C ARG H 149 -32.94 3.45 25.36
N TYR H 150 -33.30 2.95 26.53
CA TYR H 150 -34.36 1.95 26.60
C TYR H 150 -35.73 2.57 26.40
N GLU H 151 -35.90 3.85 26.76
CA GLU H 151 -37.14 4.54 26.42
C GLU H 151 -37.28 4.65 24.91
N VAL H 152 -36.19 4.96 24.21
CA VAL H 152 -36.24 5.06 22.75
C VAL H 152 -36.53 3.72 22.12
N THR H 153 -35.89 2.65 22.61
CA THR H 153 -36.14 1.33 22.06
C THR H 153 -37.59 0.91 22.28
N ASP H 154 -38.14 1.22 23.46
CA ASP H 154 -39.53 0.89 23.75
C ASP H 154 -40.47 1.57 22.76
N GLU H 155 -40.27 2.87 22.51
CA GLU H 155 -41.12 3.57 21.56
C GLU H 155 -40.85 3.12 20.13
N PHE H 156 -39.60 2.80 19.80
CA PHE H 156 -39.27 2.34 18.47
C PHE H 156 -40.00 1.05 18.14
N LEU H 157 -39.90 0.05 19.03
CA LEU H 157 -40.52 -1.24 18.77
C LEU H 157 -42.04 -1.15 18.71
N LYS H 158 -42.64 -0.27 19.50
CA LYS H 158 -44.10 -0.14 19.45
C LYS H 158 -44.57 0.35 18.08
N ILE H 159 -43.89 1.35 17.52
CA ILE H 159 -44.23 1.81 16.18
C ILE H 159 -43.91 0.74 15.15
N TRP H 160 -42.72 0.12 15.27
CA TRP H 160 -42.25 -0.88 14.32
C TRP H 160 -43.21 -2.07 14.25
N ARG H 161 -43.61 -2.61 15.41
CA ARG H 161 -44.48 -3.78 15.40
C ARG H 161 -45.84 -3.45 14.81
N ARG H 162 -46.41 -2.30 15.18
CA ARG H 162 -47.74 -1.95 14.70
C ARG H 162 -47.73 -1.61 13.22
N VAL H 163 -46.67 -0.95 12.74
CA VAL H 163 -46.60 -0.59 11.33
C VAL H 163 -46.54 -1.83 10.45
N LEU H 164 -45.78 -2.84 10.85
CA LEU H 164 -45.64 -4.05 10.05
C LEU H 164 -46.90 -4.90 10.03
N GLN H 165 -47.90 -4.60 10.87
CA GLN H 165 -49.15 -5.35 10.88
C GLN H 165 -50.24 -4.64 10.08
N GLY H 166 -49.87 -3.63 9.28
CA GLY H 166 -50.82 -2.97 8.42
C GLY H 166 -51.50 -1.76 9.01
N GLU H 167 -51.10 -1.32 10.20
CA GLU H 167 -51.76 -0.19 10.86
C GLU H 167 -51.15 1.14 10.43
N ALA H 168 -52.01 2.11 10.16
CA ALA H 168 -51.59 3.50 9.99
C ALA H 168 -51.40 4.09 11.38
N VAL H 169 -50.16 4.20 11.82
CA VAL H 169 -49.85 4.46 13.21
C VAL H 169 -49.74 5.97 13.45
N ASP H 170 -50.46 6.45 14.47
CA ASP H 170 -50.26 7.76 15.05
C ASP H 170 -49.67 7.56 16.44
N PHE H 171 -48.44 8.03 16.64
CA PHE H 171 -47.74 7.82 17.89
C PHE H 171 -47.00 9.10 18.26
N GLU H 172 -47.18 9.54 19.50
CA GLU H 172 -46.51 10.73 20.03
C GLU H 172 -46.01 10.38 21.43
N GLY H 173 -44.73 10.01 21.52
CA GLY H 173 -44.11 9.64 22.76
C GLY H 173 -43.12 10.67 23.27
N LYS H 174 -42.30 10.25 24.22
CA LYS H 174 -41.29 11.15 24.77
C LYS H 174 -40.18 11.41 23.77
N HIS H 175 -39.82 10.42 22.96
CA HIS H 175 -38.69 10.55 22.04
C HIS H 175 -39.08 10.48 20.58
N LEU H 176 -40.07 9.65 20.22
CA LEU H 176 -40.42 9.46 18.83
C LEU H 176 -41.86 9.91 18.60
N LYS H 177 -42.12 10.42 17.40
CA LYS H 177 -43.44 10.91 17.04
C LYS H 177 -43.64 10.67 15.56
N VAL H 178 -44.68 9.94 15.21
CA VAL H 178 -45.03 9.69 13.81
C VAL H 178 -46.52 9.96 13.63
N GLN H 179 -46.87 10.40 12.43
CA GLN H 179 -48.26 10.67 12.08
C GLN H 179 -48.52 10.02 10.73
N ASN H 180 -49.40 9.00 10.72
CA ASN H 180 -49.74 8.27 9.50
C ASN H 180 -48.53 7.50 8.95
N ALA H 181 -47.84 6.79 9.83
CA ALA H 181 -46.72 5.95 9.45
C ALA H 181 -47.25 4.65 8.84
N LYS H 182 -46.83 4.35 7.62
CA LYS H 182 -47.35 3.18 6.93
C LYS H 182 -46.23 2.42 6.23
N ALA H 183 -46.30 1.09 6.26
CA ALA H 183 -45.46 0.24 5.43
C ALA H 183 -46.38 -0.51 4.48
N LEU H 184 -46.36 -0.13 3.20
CA LEU H 184 -47.35 -0.65 2.26
C LEU H 184 -47.11 -2.10 1.87
N TYR H 185 -45.90 -2.63 2.04
CA TYR H 185 -45.61 -3.99 1.62
C TYR H 185 -45.54 -4.89 2.85
N PRO H 186 -46.44 -5.88 2.98
CA PRO H 186 -46.49 -6.67 4.21
C PRO H 186 -45.35 -7.67 4.27
N PRO H 187 -44.91 -8.05 5.47
CA PRO H 187 -43.90 -9.09 5.59
C PRO H 187 -44.47 -10.48 5.32
N VAL H 188 -43.56 -11.42 5.10
CA VAL H 188 -43.95 -12.82 4.90
C VAL H 188 -44.25 -13.50 6.23
N GLN H 189 -43.37 -13.30 7.22
CA GLN H 189 -43.58 -13.85 8.55
C GLN H 189 -44.59 -13.00 9.32
N LYS H 190 -45.57 -13.66 9.92
CA LYS H 190 -46.61 -12.98 10.70
C LYS H 190 -46.43 -13.24 12.18
N PRO H 191 -46.67 -12.22 13.03
CA PRO H 191 -47.13 -10.88 12.68
C PRO H 191 -46.05 -9.98 12.05
N TYR H 192 -44.79 -10.34 12.28
CA TYR H 192 -43.63 -9.63 11.77
C TYR H 192 -42.42 -10.54 11.95
N PRO H 193 -41.27 -10.25 11.34
CA PRO H 193 -40.08 -11.07 11.58
C PRO H 193 -39.78 -11.13 13.07
N PRO H 194 -39.45 -12.31 13.59
CA PRO H 194 -39.29 -12.47 15.04
C PRO H 194 -38.24 -11.53 15.62
N LEU H 195 -38.50 -11.05 16.83
CA LEU H 195 -37.65 -10.10 17.51
C LEU H 195 -36.79 -10.84 18.53
N TYR H 196 -35.47 -10.76 18.36
CA TYR H 196 -34.51 -11.27 19.33
C TYR H 196 -33.90 -10.10 20.08
N PHE H 197 -33.61 -10.30 21.36
CA PHE H 197 -33.15 -9.22 22.22
C PHE H 197 -32.31 -9.77 23.36
N GLY H 198 -31.20 -9.09 23.64
CA GLY H 198 -30.35 -9.44 24.76
C GLY H 198 -30.17 -8.28 25.72
N GLY H 199 -29.73 -8.57 26.94
CA GLY H 199 -29.53 -7.53 27.93
C GLY H 199 -29.96 -7.94 29.32
N SER H 200 -29.11 -7.65 30.31
CA SER H 200 -29.34 -8.07 31.68
C SER H 200 -29.80 -6.92 32.57
N SER H 201 -29.96 -5.73 32.03
CA SER H 201 -30.39 -4.59 32.80
C SER H 201 -31.83 -4.79 33.27
N ASP H 202 -32.20 -4.02 34.29
CA ASP H 202 -33.59 -4.06 34.77
C ASP H 202 -34.55 -3.57 33.69
N ALA H 203 -34.19 -2.47 33.02
CA ALA H 203 -35.01 -1.95 31.93
C ALA H 203 -35.05 -2.90 30.74
N ALA H 204 -33.97 -3.65 30.52
CA ALA H 204 -33.94 -4.59 29.40
C ALA H 204 -34.92 -5.73 29.60
N HIS H 205 -35.00 -6.27 30.82
CA HIS H 205 -35.91 -7.39 31.06
C HIS H 205 -37.37 -6.96 30.96
N ASP H 206 -37.70 -5.73 31.39
CA ASP H 206 -39.05 -5.23 31.19
C ASP H 206 -39.38 -5.08 29.72
N LEU H 207 -38.43 -4.59 28.93
CA LEU H 207 -38.65 -4.43 27.50
C LEU H 207 -38.77 -5.78 26.80
N ALA H 208 -37.93 -6.74 27.18
CA ALA H 208 -37.99 -8.07 26.57
C ALA H 208 -39.30 -8.77 26.90
N ALA H 209 -39.73 -8.69 28.16
CA ALA H 209 -40.93 -9.41 28.60
C ALA H 209 -42.20 -8.90 27.94
N GLU H 210 -42.17 -7.70 27.36
CA GLU H 210 -43.37 -7.09 26.78
C GLU H 210 -43.44 -7.20 25.27
N GLN H 211 -42.30 -7.16 24.57
CA GLN H 211 -42.33 -7.00 23.13
C GLN H 211 -41.59 -8.06 22.33
N VAL H 212 -40.50 -8.62 22.85
CA VAL H 212 -39.65 -9.48 22.03
C VAL H 212 -40.10 -10.93 22.05
N ASP H 213 -39.56 -11.73 21.14
CA ASP H 213 -39.93 -13.13 21.02
C ASP H 213 -38.91 -14.08 21.61
N VAL H 214 -37.62 -13.76 21.50
CA VAL H 214 -36.54 -14.58 22.03
C VAL H 214 -35.61 -13.69 22.83
N TYR H 215 -35.35 -14.09 24.08
CA TYR H 215 -34.40 -13.40 24.94
C TYR H 215 -33.06 -14.14 24.84
N LEU H 216 -31.99 -13.38 24.62
CA LEU H 216 -30.66 -13.93 24.45
C LEU H 216 -29.79 -13.57 25.65
N THR H 217 -28.86 -14.46 25.98
CA THR H 217 -27.91 -14.23 27.05
C THR H 217 -26.56 -14.83 26.66
N TRP H 218 -25.50 -14.30 27.24
CA TRP H 218 -24.17 -14.87 27.01
C TRP H 218 -24.01 -16.18 27.76
N GLY H 219 -22.90 -16.86 27.45
CA GLY H 219 -22.59 -18.15 28.02
C GLY H 219 -22.07 -18.08 29.44
N GLU H 220 -22.96 -18.28 30.40
CA GLU H 220 -22.63 -18.31 31.81
C GLU H 220 -22.83 -19.72 32.33
N PRO H 221 -22.35 -20.01 33.54
CA PRO H 221 -22.64 -21.31 34.14
C PRO H 221 -24.13 -21.55 34.20
N PRO H 222 -24.57 -22.80 34.14
CA PRO H 222 -26.02 -23.08 34.09
C PRO H 222 -26.81 -22.44 35.22
N ALA H 223 -26.25 -22.38 36.44
CA ALA H 223 -26.98 -21.76 37.54
C ALA H 223 -27.22 -20.28 37.29
N ALA H 224 -26.22 -19.57 36.74
CA ALA H 224 -26.39 -18.15 36.47
C ALA H 224 -27.39 -17.91 35.35
N VAL H 225 -27.43 -18.81 34.36
CA VAL H 225 -28.39 -18.67 33.26
C VAL H 225 -29.81 -18.88 33.76
N ALA H 226 -30.00 -19.85 34.66
CA ALA H 226 -31.34 -20.16 35.16
C ALA H 226 -31.98 -18.98 35.88
N GLU H 227 -31.17 -18.12 36.52
CA GLU H 227 -31.75 -16.94 37.16
C GLU H 227 -32.28 -15.94 36.14
N LYS H 228 -31.52 -15.68 35.07
CA LYS H 228 -32.01 -14.76 34.05
C LYS H 228 -33.24 -15.31 33.35
N LEU H 229 -33.24 -16.60 33.03
CA LEU H 229 -34.37 -17.18 32.33
C LEU H 229 -35.61 -17.12 33.21
N ALA H 230 -35.48 -17.49 34.48
CA ALA H 230 -36.61 -17.44 35.40
C ALA H 230 -37.09 -16.01 35.63
N ASP H 231 -36.17 -15.05 35.63
CA ASP H 231 -36.56 -13.66 35.82
C ASP H 231 -37.40 -13.15 34.66
N VAL H 232 -36.88 -13.31 33.43
CA VAL H 232 -37.63 -12.86 32.26
C VAL H 232 -38.94 -13.62 32.13
N ARG H 233 -38.90 -14.93 32.38
CA ARG H 233 -40.10 -15.76 32.24
C ARG H 233 -41.20 -15.32 33.20
N GLU H 234 -40.83 -14.87 34.39
CA GLU H 234 -41.82 -14.39 35.34
C GLU H 234 -42.36 -13.02 34.93
N ARG H 235 -41.50 -12.14 34.42
CA ARG H 235 -41.94 -10.83 33.99
C ARG H 235 -42.85 -10.92 32.77
N ALA H 236 -42.57 -11.85 31.86
CA ALA H 236 -43.41 -12.00 30.67
C ALA H 236 -44.81 -12.51 31.02
N ALA H 237 -44.94 -13.28 32.10
CA ALA H 237 -46.27 -13.73 32.53
C ALA H 237 -47.12 -12.57 33.01
N ARG H 238 -46.52 -11.52 33.57
CA ARG H 238 -47.29 -10.35 33.97
C ARG H 238 -47.85 -9.58 32.78
N HIS H 239 -47.29 -9.77 31.59
CA HIS H 239 -47.84 -9.22 30.36
C HIS H 239 -48.64 -10.25 29.58
N GLY H 240 -48.87 -11.43 30.15
CA GLY H 240 -49.60 -12.48 29.46
C GLY H 240 -48.91 -13.04 28.25
N ARG H 241 -47.58 -13.13 28.28
CA ARG H 241 -46.81 -13.61 27.14
C ARG H 241 -45.83 -14.67 27.63
N LYS H 242 -45.31 -15.44 26.68
CA LYS H 242 -44.19 -16.34 26.93
C LYS H 242 -43.13 -16.06 25.88
N VAL H 243 -41.87 -15.98 26.30
CA VAL H 243 -40.77 -15.72 25.39
C VAL H 243 -39.86 -16.94 25.36
N LYS H 244 -39.33 -17.25 24.18
CA LYS H 244 -38.32 -18.29 24.04
C LYS H 244 -36.96 -17.74 24.42
N PHE H 245 -35.99 -18.65 24.58
CA PHE H 245 -34.67 -18.28 25.07
C PHE H 245 -33.58 -18.80 24.14
N GLY H 246 -32.52 -18.00 23.99
CA GLY H 246 -31.37 -18.41 23.20
C GLY H 246 -30.09 -17.98 23.90
N ILE H 247 -28.99 -18.62 23.51
CA ILE H 247 -27.70 -18.39 24.15
C ILE H 247 -26.60 -18.22 23.09
N ARG H 248 -25.62 -17.37 23.42
CA ARG H 248 -24.49 -17.08 22.54
C ARG H 248 -23.23 -17.73 23.11
N LEU H 249 -22.56 -18.56 22.30
CA LEU H 249 -21.42 -19.33 22.79
C LEU H 249 -20.38 -19.49 21.69
N HIS H 250 -19.13 -19.17 22.01
CA HIS H 250 -18.02 -19.62 21.17
C HIS H 250 -17.80 -21.11 21.40
N VAL H 251 -17.17 -21.78 20.43
CA VAL H 251 -17.02 -23.23 20.55
C VAL H 251 -15.69 -23.67 19.95
N ILE H 252 -14.91 -24.41 20.73
CA ILE H 252 -13.66 -25.02 20.28
C ILE H 252 -13.77 -26.51 20.58
N VAL H 253 -14.19 -27.28 19.59
CA VAL H 253 -14.43 -28.72 19.75
C VAL H 253 -13.44 -29.49 18.88
N ARG H 254 -12.81 -30.50 19.47
CA ARG H 254 -11.88 -31.35 18.76
C ARG H 254 -12.25 -32.81 19.03
N GLU H 255 -11.52 -33.74 18.41
CA GLU H 255 -11.82 -35.15 18.59
C GLU H 255 -11.58 -35.59 20.03
N THR H 256 -10.55 -35.07 20.67
CA THR H 256 -10.26 -35.36 22.06
C THR H 256 -10.18 -34.06 22.86
N ALA H 257 -10.31 -34.18 24.18
CA ALA H 257 -10.25 -33.01 25.05
C ALA H 257 -8.87 -32.36 25.04
N GLU H 258 -7.81 -33.14 24.83
CA GLU H 258 -6.47 -32.57 24.82
C GLU H 258 -6.27 -31.65 23.62
N GLU H 259 -6.72 -32.07 22.45
CA GLU H 259 -6.56 -31.24 21.26
C GLU H 259 -7.36 -29.95 21.36
N ALA H 260 -8.52 -30.00 22.02
CA ALA H 260 -9.38 -28.82 22.12
C ALA H 260 -8.76 -27.75 23.01
N TRP H 261 -8.23 -28.14 24.17
CA TRP H 261 -7.62 -27.17 25.07
C TRP H 261 -6.31 -26.63 24.50
N LYS H 262 -5.55 -27.46 23.79
CA LYS H 262 -4.34 -26.96 23.14
C LYS H 262 -4.67 -25.95 22.06
N ALA H 263 -5.77 -26.17 21.33
CA ALA H 263 -6.20 -25.17 20.34
C ALA H 263 -6.70 -23.90 21.00
N ALA H 264 -7.31 -24.00 22.19
CA ALA H 264 -7.76 -22.81 22.89
C ALA H 264 -6.59 -21.95 23.36
N ASP H 265 -5.52 -22.58 23.85
CA ASP H 265 -4.34 -21.82 24.22
C ASP H 265 -3.70 -21.16 23.01
N LYS H 266 -3.62 -21.87 21.89
CA LYS H 266 -3.02 -21.29 20.69
C LYS H 266 -3.81 -20.09 20.17
N LEU H 267 -5.09 -20.01 20.51
CA LEU H 267 -5.90 -18.87 20.09
C LEU H 267 -5.48 -17.58 20.80
N ILE H 268 -5.03 -17.68 22.04
CA ILE H 268 -4.66 -16.52 22.85
C ILE H 268 -3.16 -16.48 23.13
N GLU H 269 -2.36 -17.12 22.28
CA GLU H 269 -0.91 -17.14 22.47
C GLU H 269 -0.34 -15.72 22.39
N HIS H 270 -0.76 -14.95 21.40
CA HIS H 270 -0.20 -13.62 21.14
C HIS H 270 -0.94 -12.52 21.87
N ILE H 271 -1.29 -12.73 23.14
CA ILE H 271 -2.00 -11.74 23.94
C ILE H 271 -1.19 -11.47 25.20
N SER H 272 -0.73 -10.23 25.36
CA SER H 272 0.08 -9.86 26.51
C SER H 272 -0.81 -9.57 27.71
N ASP H 273 -0.26 -9.81 28.89
CA ASP H 273 -0.98 -9.58 30.14
C ASP H 273 -0.63 -8.20 30.69
N LEU H 305 -9.23 -19.50 33.81
CA LEU H 305 -10.18 -18.96 32.84
C LEU H 305 -11.34 -19.91 32.55
N GLU H 306 -11.25 -21.12 33.11
CA GLU H 306 -12.33 -22.10 32.99
C GLU H 306 -13.28 -21.88 34.17
N ILE H 307 -14.32 -21.07 33.95
CA ILE H 307 -15.24 -20.69 35.01
C ILE H 307 -16.25 -21.77 35.36
N ALA H 308 -16.34 -22.83 34.56
CA ALA H 308 -17.29 -23.91 34.77
C ALA H 308 -16.82 -25.10 33.95
N PRO H 309 -17.30 -26.32 34.26
CA PRO H 309 -16.91 -27.50 33.47
C PRO H 309 -17.01 -27.27 31.96
N ASN H 310 -15.86 -27.18 31.30
CA ASN H 310 -15.75 -26.97 29.86
C ASN H 310 -16.26 -25.61 29.41
N LEU H 311 -16.32 -24.63 30.32
CA LEU H 311 -16.74 -23.27 29.99
C LEU H 311 -15.54 -22.35 30.16
N TRP H 312 -14.97 -21.90 29.05
CA TRP H 312 -13.72 -21.16 29.03
C TRP H 312 -13.98 -19.71 28.64
N ALA H 313 -13.46 -18.77 29.44
CA ALA H 313 -13.69 -17.35 29.23
C ALA H 313 -12.51 -16.64 28.58
N GLY H 314 -11.68 -17.38 27.83
CA GLY H 314 -10.52 -16.77 27.20
C GLY H 314 -10.86 -15.90 26.01
N VAL H 315 -11.94 -16.24 25.29
CA VAL H 315 -12.36 -15.48 24.11
C VAL H 315 -12.86 -14.09 24.46
N GLY H 316 -13.23 -13.85 25.71
CA GLY H 316 -13.73 -12.56 26.16
C GLY H 316 -12.69 -11.48 26.31
N LEU H 317 -11.44 -11.75 25.90
CA LEU H 317 -10.36 -10.78 25.98
C LEU H 317 -10.36 -9.79 24.81
N VAL H 318 -11.31 -9.89 23.89
CA VAL H 318 -11.41 -8.96 22.76
C VAL H 318 -12.86 -8.55 22.52
N GLY H 323 -17.53 -13.46 24.75
CA GLY H 323 -17.83 -13.78 26.14
C GLY H 323 -17.14 -15.04 26.63
N THR H 324 -17.79 -16.19 26.44
CA THR H 324 -17.23 -17.47 26.84
C THR H 324 -17.30 -18.46 25.68
N ALA H 325 -16.67 -19.61 25.88
CA ALA H 325 -16.57 -20.64 24.86
C ALA H 325 -16.72 -22.01 25.50
N LEU H 326 -17.24 -22.95 24.72
CA LEU H 326 -17.29 -24.36 25.11
C LEU H 326 -16.09 -25.07 24.48
N VAL H 327 -15.26 -25.69 25.33
CA VAL H 327 -14.03 -26.35 24.90
C VAL H 327 -14.07 -27.79 25.39
N GLY H 328 -13.83 -28.74 24.48
CA GLY H 328 -13.78 -30.12 24.86
C GLY H 328 -14.03 -31.03 23.66
N ASP H 329 -14.19 -32.31 23.97
CA ASP H 329 -14.46 -33.32 22.95
C ASP H 329 -15.94 -33.27 22.54
N PRO H 330 -16.33 -34.00 21.49
CA PRO H 330 -17.74 -33.90 21.05
C PRO H 330 -18.75 -34.27 22.12
N GLN H 331 -18.44 -35.28 22.93
CA GLN H 331 -19.36 -35.68 23.99
C GLN H 331 -19.46 -34.62 25.09
N GLN H 332 -18.33 -34.00 25.44
CA GLN H 332 -18.36 -32.94 26.45
C GLN H 332 -19.14 -31.72 25.96
N VAL H 333 -18.94 -31.32 24.70
CA VAL H 333 -19.63 -30.15 24.17
C VAL H 333 -21.12 -30.40 24.08
N ALA H 334 -21.53 -31.59 23.62
CA ALA H 334 -22.94 -31.91 23.53
C ALA H 334 -23.60 -31.97 24.91
N ALA H 335 -22.85 -32.40 25.92
CA ALA H 335 -23.42 -32.48 27.27
C ALA H 335 -23.70 -31.09 27.84
N ARG H 336 -22.79 -30.13 27.62
CA ARG H 336 -23.03 -28.77 28.08
C ARG H 336 -24.19 -28.13 27.35
N ILE H 337 -24.38 -28.45 26.07
CA ILE H 337 -25.54 -27.96 25.34
C ILE H 337 -26.82 -28.56 25.93
N LYS H 338 -26.77 -29.84 26.30
CA LYS H 338 -27.93 -30.50 26.90
C LYS H 338 -28.32 -29.82 28.20
N GLU H 339 -27.35 -29.46 29.04
CA GLU H 339 -27.63 -28.76 30.28
C GLU H 339 -28.39 -27.46 30.02
N TYR H 340 -27.90 -26.68 29.06
CA TYR H 340 -28.55 -25.42 28.73
C TYR H 340 -29.96 -25.63 28.18
N ALA H 341 -30.14 -26.66 27.35
CA ALA H 341 -31.46 -26.94 26.79
C ALA H 341 -32.46 -27.33 27.87
N ASP H 342 -31.98 -28.03 28.91
CA ASP H 342 -32.86 -28.38 30.03
C ASP H 342 -33.33 -27.16 30.81
N LEU H 343 -32.63 -26.02 30.68
CA LEU H 343 -33.04 -24.79 31.31
C LEU H 343 -34.10 -24.03 30.53
N GLY H 344 -34.38 -24.43 29.30
CA GLY H 344 -35.33 -23.74 28.45
C GLY H 344 -34.73 -23.04 27.26
N ILE H 345 -33.46 -23.27 26.97
CA ILE H 345 -32.78 -22.61 25.85
C ILE H 345 -33.03 -23.41 24.59
N GLU H 346 -33.56 -22.74 23.56
CA GLU H 346 -33.88 -23.36 22.28
C GLU H 346 -33.05 -22.83 21.12
N SER H 347 -32.45 -21.65 21.24
CA SER H 347 -31.61 -21.09 20.20
C SER H 347 -30.16 -21.11 20.67
N PHE H 348 -29.26 -21.58 19.80
CA PHE H 348 -27.85 -21.66 20.10
C PHE H 348 -27.08 -21.01 18.95
N ILE H 349 -26.32 -19.97 19.27
CA ILE H 349 -25.55 -19.21 18.30
C ILE H 349 -24.08 -19.46 18.59
N PHE H 350 -23.42 -20.24 17.73
CA PHE H 350 -22.04 -20.64 17.93
C PHE H 350 -21.10 -19.88 17.00
N SER H 351 -19.81 -19.88 17.35
CA SER H 351 -18.79 -19.24 16.52
C SER H 351 -17.47 -19.93 16.74
N GLY H 352 -16.56 -19.74 15.79
CA GLY H 352 -15.23 -20.34 15.87
C GLY H 352 -14.28 -19.69 14.89
N TYR H 353 -12.99 -19.83 15.17
CA TYR H 353 -11.95 -19.23 14.35
C TYR H 353 -11.15 -20.33 13.66
N PRO H 354 -11.06 -20.34 12.31
CA PRO H 354 -11.77 -19.46 11.39
C PRO H 354 -13.22 -19.89 11.25
N HIS H 355 -14.10 -19.00 10.80
CA HIS H 355 -15.54 -19.31 10.80
C HIS H 355 -15.93 -20.28 9.69
N LEU H 356 -15.13 -20.38 8.64
CA LEU H 356 -15.45 -21.35 7.58
C LEU H 356 -15.14 -22.78 8.04
N GLU H 357 -13.88 -23.02 8.42
CA GLU H 357 -13.46 -24.37 8.80
C GLU H 357 -14.21 -24.85 10.03
N GLU H 358 -14.37 -23.99 11.04
CA GLU H 358 -15.01 -24.42 12.28
C GLU H 358 -16.50 -24.72 12.10
N ALA H 359 -17.16 -24.11 11.10
CA ALA H 359 -18.54 -24.48 10.81
C ALA H 359 -18.64 -25.94 10.36
N TYR H 360 -17.66 -26.40 9.57
CA TYR H 360 -17.62 -27.81 9.20
C TYR H 360 -17.24 -28.68 10.40
N ARG H 361 -16.29 -28.22 11.21
CA ARG H 361 -15.84 -29.00 12.36
C ARG H 361 -16.98 -29.23 13.35
N PHE H 362 -17.70 -28.16 13.70
CA PHE H 362 -18.80 -28.29 14.64
C PHE H 362 -19.91 -29.17 14.07
N ALA H 363 -20.19 -29.05 12.77
CA ALA H 363 -21.24 -29.86 12.18
C ALA H 363 -20.86 -31.34 12.13
N GLU H 364 -19.58 -31.64 11.86
CA GLU H 364 -19.19 -33.04 11.73
C GLU H 364 -18.97 -33.74 13.06
N LEU H 365 -18.68 -32.99 14.12
CA LEU H 365 -18.40 -33.58 15.42
C LEU H 365 -19.58 -33.52 16.38
N VAL H 366 -20.41 -32.47 16.32
CA VAL H 366 -21.43 -32.23 17.32
C VAL H 366 -22.84 -32.49 16.80
N PHE H 367 -23.12 -32.20 15.53
CA PHE H 367 -24.44 -32.49 14.96
C PHE H 367 -24.94 -33.92 15.21
N PRO H 368 -24.13 -34.98 15.06
CA PRO H 368 -24.68 -36.32 15.31
C PRO H 368 -25.15 -36.52 16.74
N LEU H 369 -24.71 -35.71 17.69
CA LEU H 369 -25.08 -35.85 19.08
C LEU H 369 -26.23 -34.94 19.49
N LEU H 370 -26.72 -34.11 18.59
CA LEU H 370 -27.81 -33.18 18.84
C LEU H 370 -29.13 -33.78 18.37
N PRO H 371 -30.26 -33.21 18.78
CA PRO H 371 -31.56 -33.71 18.33
C PRO H 371 -31.78 -33.48 16.84
N GLU H 372 -32.85 -34.08 16.34
CA GLU H 372 -33.23 -33.89 14.95
C GLU H 372 -33.59 -32.41 14.70
N PRO H 373 -33.40 -31.91 13.48
CA PRO H 373 -32.95 -32.63 12.27
C PRO H 373 -31.43 -32.76 12.20
N TYR H 374 -30.74 -32.17 13.18
CA TYR H 374 -29.29 -32.12 13.12
C TYR H 374 -28.64 -33.50 13.24
N ALA H 375 -29.33 -34.45 13.87
CA ALA H 375 -28.76 -35.79 14.02
C ALA H 375 -28.61 -36.50 12.68
N SER H 376 -29.45 -36.18 11.70
CA SER H 376 -29.43 -36.84 10.40
C SER H 376 -28.59 -36.10 9.37
N LEU H 377 -28.18 -34.87 9.64
CA LEU H 377 -27.38 -34.11 8.69
C LEU H 377 -25.92 -34.57 8.68
#